data_6U5S
#
_entry.id   6U5S
#
_cell.length_a   1.00
_cell.length_b   1.00
_cell.length_c   1.00
_cell.angle_alpha   90.00
_cell.angle_beta   90.00
_cell.angle_gamma   90.00
#
_symmetry.space_group_name_H-M   'P 1'
#
loop_
_entity.id
_entity.type
_entity.pdbx_description
1 polymer 'Glutamate receptor 2'
2 branched 2-acetamido-2-deoxy-beta-D-glucopyranose-(1-4)-2-acetamido-2-deoxy-beta-D-glucopyranose
3 branched beta-D-mannopyranose-(1-4)-2-acetamido-2-deoxy-beta-D-glucopyranose-(1-4)-2-acetamido-2-deoxy-beta-D-glucopyranose
#
_entity_poly.entity_id   1
_entity_poly.type   'polypeptide(L)'
_entity_poly.pdbx_seq_one_letter_code
;MQKIMHISVLLSPVLWGLIFGVSSNSIQIGGLFPRGADQEYSAFRVGMVQFSTSEFRLTPHIDNLEVANSFAVTNAFCSQ
FSRGVYAIFGFYDKKSVNTITSFCGTLHVSFITPSFPTDGTHPFVIQMRPDLKGALLSLIEYYQWDKFAYLYDSDRGLST
LQAVLDSAAEKKWQVTAINVGNINNDKKDETYRSLFQDLELKKERRVILDCERDKVNDIVDQVITIGKHVKGYHYIIANL
GFTDGDLLKIQFGGANVSGFQIVDYDDSLVSKFIERWSTLEEKEYPGAHTATIKYTSALTYDAVQVMTEAFRNLRKQRIE
ISRRGNAGDCLANPAVPWGQGVEIERALKQVQVEGLSGNIKFDQNGKRINYTINIMELKTNGPRKIGYWSEVDKMVVTLT
ELPSGNDTSGLENKTVVVTTILESPYVMMKKNHEMLEGNERYEGYCVDLAAEIAKHCGFKYKLTIVGDGKYGARDADTKI
WNGMVGELVYGKADIAIAPLTITLVREEVIDFSKPFMSLGISIMIKKPQKSKPGVFSFLDPLAYEIWMCIVFAYIGVSVV
LFLVSRFSPYEWHTEEFEDGRETQSSESTNEFGIFNSLWFSLGAFMRQGCDISPRSLSGRIVGGVWWFFTLIIISSYTAN
LAAFLTVERMVSPIESAEDLSKQTEIAYGTLDSGSTKEFFRRSKIAVFDKMWTYMRSAEPSVFVRTTAEGVARVRKSKGK
YAYLLESTMNEYIEQRKPCDTMKVGGNLDSKGYGIATPKGSSLGNAVNLAVLKLNEQGLLDKLKNKWWYDKGECGSGGGD
SKEKTSALSLSNVAGVFYILVGGLGLAMLVALIEFCYKSRAEAKRMKVAKNPQNINPSSSQNSQNFATDYKDDDDKEGYN
VYGIESVKI
;
_entity_poly.pdbx_strand_id   A,B,C,D
#
loop_
_chem_comp.id
_chem_comp.type
_chem_comp.name
_chem_comp.formula
BMA D-saccharide, beta linking beta-D-mannopyranose 'C6 H12 O6'
NAG D-saccharide, beta linking 2-acetamido-2-deoxy-beta-D-glucopyranose 'C8 H15 N O6'
#
# COMPACT_ATOMS: atom_id res chain seq x y z
N ASN A 25 -17.21 60.20 28.50
CA ASN A 25 -16.81 59.07 27.67
C ASN A 25 -18.02 58.35 27.10
N SER A 26 -17.84 57.77 25.90
CA SER A 26 -18.91 57.03 25.25
C SER A 26 -18.29 55.97 24.34
N ILE A 27 -19.14 55.09 23.84
CA ILE A 27 -18.72 53.97 23.02
C ILE A 27 -19.67 53.82 21.83
N GLN A 28 -19.11 53.43 20.70
CA GLN A 28 -19.87 53.18 19.48
C GLN A 28 -19.87 51.69 19.20
N ILE A 29 -21.07 51.11 19.09
CA ILE A 29 -21.25 49.70 18.78
C ILE A 29 -22.27 49.58 17.66
N GLY A 30 -22.58 48.33 17.30
CA GLY A 30 -23.50 48.07 16.22
C GLY A 30 -24.53 47.04 16.61
N GLY A 31 -25.72 47.18 16.01
CA GLY A 31 -26.81 46.26 16.25
C GLY A 31 -27.43 45.75 14.97
N LEU A 32 -27.36 44.44 14.75
CA LEU A 32 -27.92 43.80 13.56
C LEU A 32 -29.14 43.01 13.99
N PHE A 33 -30.31 43.64 13.90
CA PHE A 33 -31.56 43.00 14.28
C PHE A 33 -32.40 42.76 13.04
N PRO A 34 -32.90 41.54 12.82
CA PRO A 34 -33.72 41.29 11.63
C PRO A 34 -35.06 41.99 11.72
N ARG A 35 -35.62 42.29 10.54
CA ARG A 35 -36.95 42.88 10.47
C ARG A 35 -37.96 41.95 11.10
N GLY A 36 -38.51 42.34 12.25
CA GLY A 36 -39.44 41.53 13.00
C GLY A 36 -38.99 41.23 14.42
N ALA A 37 -37.78 41.61 14.81
CA ALA A 37 -37.28 41.37 16.16
C ALA A 37 -37.60 42.54 17.09
N ASP A 38 -38.89 42.92 17.10
CA ASP A 38 -39.30 44.06 17.90
C ASP A 38 -39.10 43.80 19.38
N GLN A 39 -39.47 42.61 19.86
CA GLN A 39 -39.28 42.28 21.26
C GLN A 39 -37.81 42.28 21.64
N GLU A 40 -36.96 41.77 20.74
CA GLU A 40 -35.53 41.73 21.03
C GLU A 40 -34.95 43.14 21.10
N TYR A 41 -35.36 44.02 20.18
CA TYR A 41 -34.89 45.40 20.25
C TYR A 41 -35.40 46.09 21.51
N SER A 42 -36.64 45.81 21.90
CA SER A 42 -37.18 46.37 23.14
C SER A 42 -36.35 45.94 24.34
N ALA A 43 -36.04 44.65 24.42
CA ALA A 43 -35.20 44.16 25.51
C ALA A 43 -33.81 44.79 25.46
N PHE A 44 -33.28 44.96 24.25
CA PHE A 44 -32.00 45.64 24.10
C PHE A 44 -32.03 47.03 24.71
N ARG A 45 -33.06 47.81 24.37
CA ARG A 45 -33.17 49.15 24.92
C ARG A 45 -33.35 49.13 26.44
N VAL A 46 -34.19 48.20 26.93
CA VAL A 46 -34.41 48.10 28.37
C VAL A 46 -33.09 47.83 29.08
N GLY A 47 -32.27 46.95 28.53
CA GLY A 47 -30.98 46.67 29.15
C GLY A 47 -30.04 47.86 29.06
N MET A 48 -30.01 48.53 27.91
CA MET A 48 -29.14 49.69 27.76
C MET A 48 -29.50 50.78 28.75
N VAL A 49 -30.77 50.90 29.10
CA VAL A 49 -31.17 51.91 30.07
C VAL A 49 -31.02 51.43 31.51
N GLN A 50 -31.15 50.12 31.75
CA GLN A 50 -31.00 49.60 33.11
C GLN A 50 -29.53 49.62 33.54
N PHE A 51 -28.66 48.97 32.76
CA PHE A 51 -27.24 48.96 33.08
C PHE A 51 -26.56 50.28 32.75
N SER A 52 -27.30 51.30 32.33
CA SER A 52 -26.71 52.59 31.99
C SER A 52 -26.02 53.19 33.22
N THR A 53 -24.70 53.34 33.13
CA THR A 53 -23.91 53.98 34.18
C THR A 53 -23.22 55.20 33.58
N SER A 54 -23.38 56.34 34.26
CA SER A 54 -22.76 57.57 33.77
C SER A 54 -21.25 57.44 33.62
N GLU A 55 -20.62 56.50 34.34
CA GLU A 55 -19.19 56.29 34.18
C GLU A 55 -18.84 56.01 32.72
N PHE A 56 -19.69 55.27 32.03
CA PHE A 56 -19.49 55.00 30.60
C PHE A 56 -20.83 54.62 30.00
N ARG A 57 -21.37 55.47 29.13
CA ARG A 57 -22.64 55.23 28.46
C ARG A 57 -22.38 54.88 27.01
N LEU A 58 -23.01 53.80 26.55
CA LEU A 58 -22.79 53.31 25.19
C LEU A 58 -23.66 54.09 24.20
N THR A 59 -23.30 53.97 22.92
CA THR A 59 -23.99 54.67 21.84
C THR A 59 -24.07 53.75 20.64
N PRO A 60 -25.13 52.97 20.51
CA PRO A 60 -25.23 52.02 19.41
C PRO A 60 -25.78 52.66 18.15
N HIS A 61 -25.61 51.94 17.04
CA HIS A 61 -26.14 52.36 15.74
C HIS A 61 -26.83 51.14 15.14
N ILE A 62 -28.15 51.07 15.30
CA ILE A 62 -28.90 49.90 14.85
C ILE A 62 -28.96 49.88 13.33
N ASP A 63 -29.11 48.67 12.78
CA ASP A 63 -29.22 48.50 11.33
C ASP A 63 -30.04 47.23 11.08
N ASN A 64 -31.32 47.42 10.77
CA ASN A 64 -32.20 46.30 10.48
C ASN A 64 -32.05 45.89 9.02
N LEU A 65 -32.22 44.59 8.77
CA LEU A 65 -32.02 44.03 7.45
C LEU A 65 -32.44 42.57 7.46
N GLU A 66 -32.58 42.01 6.26
CA GLU A 66 -32.83 40.58 6.12
C GLU A 66 -31.58 39.82 6.51
N VAL A 67 -31.63 39.14 7.65
CA VAL A 67 -30.43 38.50 8.19
C VAL A 67 -29.97 37.33 7.33
N ALA A 68 -30.83 36.81 6.47
CA ALA A 68 -30.49 35.69 5.60
C ALA A 68 -29.88 36.13 4.28
N ASN A 69 -29.50 37.40 4.16
CA ASN A 69 -28.90 37.94 2.95
C ASN A 69 -27.47 38.37 3.29
N SER A 70 -26.50 37.53 2.92
CA SER A 70 -25.12 37.82 3.25
C SER A 70 -24.66 39.15 2.66
N PHE A 71 -25.23 39.54 1.52
CA PHE A 71 -24.86 40.82 0.92
C PHE A 71 -25.19 41.97 1.85
N ALA A 72 -26.44 42.05 2.30
CA ALA A 72 -26.83 43.11 3.23
C ALA A 72 -26.11 42.98 4.56
N VAL A 73 -25.86 41.74 5.00
CA VAL A 73 -25.11 41.53 6.24
C VAL A 73 -23.74 42.19 6.12
N THR A 74 -23.04 41.94 5.01
CA THR A 74 -21.72 42.53 4.83
C THR A 74 -21.81 44.05 4.68
N ASN A 75 -22.85 44.53 4.01
CA ASN A 75 -23.05 45.97 3.90
C ASN A 75 -23.12 46.62 5.27
N ALA A 76 -24.00 46.10 6.13
CA ALA A 76 -24.15 46.66 7.47
C ALA A 76 -22.87 46.47 8.28
N PHE A 77 -22.21 45.33 8.14
CA PHE A 77 -20.97 45.08 8.86
C PHE A 77 -19.92 46.13 8.51
N CYS A 78 -19.74 46.39 7.22
CA CYS A 78 -18.75 47.38 6.80
C CYS A 78 -19.16 48.78 7.20
N SER A 79 -20.47 49.08 7.16
CA SER A 79 -20.93 50.37 7.63
C SER A 79 -20.55 50.59 9.09
N GLN A 80 -20.86 49.62 9.94
CA GLN A 80 -20.56 49.75 11.36
C GLN A 80 -19.08 49.61 11.66
N PHE A 81 -18.31 49.02 10.73
CA PHE A 81 -16.86 48.95 10.91
C PHE A 81 -16.20 50.27 10.57
N SER A 82 -16.68 50.94 9.53
CA SER A 82 -16.16 52.26 9.19
C SER A 82 -16.65 53.32 10.18
N ARG A 83 -17.82 53.11 10.77
CA ARG A 83 -18.33 54.05 11.77
C ARG A 83 -17.36 54.21 12.94
N GLY A 84 -16.46 53.25 13.15
CA GLY A 84 -15.49 53.34 14.22
C GLY A 84 -15.97 52.71 15.51
N VAL A 85 -16.41 51.47 15.44
CA VAL A 85 -16.94 50.76 16.58
C VAL A 85 -15.90 49.77 17.09
N TYR A 86 -16.13 49.24 18.29
CA TYR A 86 -15.25 48.27 18.91
C TYR A 86 -15.83 46.88 19.00
N ALA A 87 -17.15 46.77 19.19
CA ALA A 87 -17.82 45.47 19.22
C ALA A 87 -19.14 45.58 18.47
N ILE A 88 -19.66 44.43 18.07
CA ILE A 88 -20.88 44.35 17.28
C ILE A 88 -21.80 43.30 17.90
N PHE A 89 -23.09 43.56 17.86
CA PHE A 89 -24.12 42.66 18.37
C PHE A 89 -25.16 42.43 17.29
N GLY A 90 -25.68 41.22 17.23
CA GLY A 90 -26.68 40.90 16.24
C GLY A 90 -26.88 39.40 16.11
N PHE A 91 -27.82 39.05 15.24
CA PHE A 91 -28.19 37.67 15.00
C PHE A 91 -27.53 37.19 13.70
N TYR A 92 -27.77 35.92 13.38
CA TYR A 92 -27.37 35.37 12.09
C TYR A 92 -28.07 34.05 11.89
N ASP A 93 -28.19 33.65 10.63
CA ASP A 93 -28.80 32.40 10.24
C ASP A 93 -27.73 31.44 9.72
N LYS A 94 -28.17 30.28 9.26
CA LYS A 94 -27.25 29.31 8.68
C LYS A 94 -26.76 29.73 7.30
N LYS A 95 -27.18 30.89 6.80
CA LYS A 95 -26.73 31.42 5.53
C LYS A 95 -25.81 32.61 5.66
N SER A 96 -25.53 33.07 6.89
CA SER A 96 -24.65 34.19 7.12
C SER A 96 -23.64 33.96 8.23
N VAL A 97 -23.74 32.84 8.96
CA VAL A 97 -22.82 32.56 10.05
C VAL A 97 -21.39 32.52 9.53
N ASN A 98 -21.19 31.91 8.37
CA ASN A 98 -19.83 31.81 7.81
C ASN A 98 -19.29 33.18 7.48
N THR A 99 -20.10 34.02 6.82
CA THR A 99 -19.69 35.38 6.53
C THR A 99 -19.27 36.12 7.80
N ILE A 100 -20.12 36.05 8.83
CA ILE A 100 -19.84 36.75 10.07
C ILE A 100 -18.54 36.26 10.68
N THR A 101 -18.40 34.94 10.82
CA THR A 101 -17.21 34.38 11.43
C THR A 101 -15.96 34.79 10.67
N SER A 102 -15.99 34.70 9.34
CA SER A 102 -14.83 35.04 8.54
C SER A 102 -14.45 36.52 8.74
N PHE A 103 -15.42 37.42 8.55
CA PHE A 103 -15.14 38.83 8.68
C PHE A 103 -14.58 39.14 10.07
N CYS A 104 -15.19 38.58 11.12
CA CYS A 104 -14.73 38.88 12.47
C CYS A 104 -13.32 38.34 12.70
N GLY A 105 -13.13 37.04 12.54
CA GLY A 105 -11.82 36.45 12.74
C GLY A 105 -10.75 37.05 11.84
N THR A 106 -11.13 37.74 10.78
CA THR A 106 -10.16 38.43 9.93
C THR A 106 -9.81 39.80 10.48
N LEU A 107 -10.82 40.65 10.65
CA LEU A 107 -10.60 42.00 11.15
C LEU A 107 -10.41 42.06 12.66
N HIS A 108 -10.44 40.92 13.35
CA HIS A 108 -10.29 40.87 14.79
C HIS A 108 -11.32 41.79 15.48
N VAL A 109 -12.58 41.45 15.26
CA VAL A 109 -13.71 42.23 15.76
C VAL A 109 -14.66 41.30 16.50
N SER A 110 -14.98 41.66 17.74
CA SER A 110 -15.83 40.83 18.58
C SER A 110 -17.28 40.95 18.12
N PHE A 111 -17.96 39.81 18.03
CA PHE A 111 -19.35 39.75 17.61
C PHE A 111 -20.14 38.94 18.62
N ILE A 112 -21.07 39.60 19.29
CA ILE A 112 -21.93 38.95 20.28
C ILE A 112 -23.22 38.52 19.60
N THR A 113 -23.71 37.34 19.95
CA THR A 113 -24.92 36.83 19.31
C THR A 113 -25.60 35.78 20.17
N PRO A 114 -26.91 35.88 20.39
CA PRO A 114 -27.65 34.76 20.98
C PRO A 114 -28.02 33.67 19.99
N SER A 115 -27.86 33.91 18.70
CA SER A 115 -28.23 32.91 17.70
C SER A 115 -27.47 31.61 17.95
N PHE A 116 -27.90 30.56 17.27
CA PHE A 116 -27.37 29.22 17.47
C PHE A 116 -25.85 29.23 17.44
N PRO A 117 -25.18 28.37 18.20
CA PRO A 117 -23.71 28.38 18.20
C PRO A 117 -23.13 27.96 16.86
N THR A 118 -21.80 27.93 16.77
CA THR A 118 -21.10 27.57 15.56
C THR A 118 -20.46 26.20 15.72
N ASP A 119 -20.43 25.43 14.64
CA ASP A 119 -19.85 24.09 14.66
C ASP A 119 -18.34 24.16 14.41
N GLY A 120 -17.66 24.84 15.32
CA GLY A 120 -16.23 25.00 15.22
C GLY A 120 -15.72 25.98 16.25
N THR A 121 -14.39 26.16 16.23
CA THR A 121 -13.72 27.08 17.13
C THR A 121 -13.52 28.42 16.43
N HIS A 122 -14.63 29.14 16.27
CA HIS A 122 -14.62 30.42 15.58
C HIS A 122 -14.29 31.52 16.59
N PRO A 123 -13.14 32.18 16.49
CA PRO A 123 -12.80 33.21 17.48
C PRO A 123 -13.54 34.51 17.21
N PHE A 124 -13.38 35.44 18.15
CA PHE A 124 -13.99 36.76 18.06
C PHE A 124 -15.51 36.69 17.96
N VAL A 125 -16.09 35.63 18.50
CA VAL A 125 -17.54 35.44 18.53
C VAL A 125 -17.93 35.01 19.93
N ILE A 126 -18.96 35.65 20.48
CA ILE A 126 -19.44 35.38 21.82
C ILE A 126 -20.81 34.74 21.67
N GLN A 127 -20.86 33.41 21.78
CA GLN A 127 -22.11 32.66 21.64
C GLN A 127 -22.78 32.56 22.99
N MET A 128 -23.92 33.25 23.14
CA MET A 128 -24.64 33.28 24.40
C MET A 128 -25.65 32.15 24.52
N ARG A 129 -26.12 31.60 23.42
CA ARG A 129 -27.07 30.50 23.46
C ARG A 129 -26.35 29.21 23.84
N PRO A 130 -26.60 28.62 25.00
CA PRO A 130 -25.89 27.40 25.38
C PRO A 130 -26.17 26.27 24.42
N ASP A 131 -25.46 25.16 24.62
CA ASP A 131 -25.66 23.98 23.82
C ASP A 131 -26.93 23.25 24.24
N LEU A 132 -27.36 22.31 23.40
CA LEU A 132 -28.57 21.55 23.65
C LEU A 132 -28.43 20.05 23.43
N LYS A 133 -27.43 19.61 22.65
CA LYS A 133 -27.30 18.18 22.38
C LYS A 133 -27.12 17.38 23.66
N GLY A 134 -26.32 17.90 24.59
CA GLY A 134 -26.06 17.20 25.83
C GLY A 134 -27.32 16.91 26.61
N ALA A 135 -28.05 17.97 26.97
CA ALA A 135 -29.28 17.80 27.73
C ALA A 135 -30.32 17.01 26.96
N LEU A 136 -30.36 17.17 25.64
CA LEU A 136 -31.32 16.43 24.83
C LEU A 136 -31.07 14.93 24.93
N LEU A 137 -29.82 14.52 24.69
CA LEU A 137 -29.49 13.10 24.77
C LEU A 137 -29.66 12.57 26.19
N SER A 138 -29.35 13.40 27.18
CA SER A 138 -29.56 12.98 28.57
C SER A 138 -31.03 12.70 28.84
N LEU A 139 -31.90 13.63 28.45
CA LEU A 139 -33.34 13.43 28.64
C LEU A 139 -33.81 12.19 27.88
N ILE A 140 -33.33 12.01 26.66
CA ILE A 140 -33.72 10.85 25.87
C ILE A 140 -33.38 9.57 26.61
N GLU A 141 -32.10 9.38 26.93
CA GLU A 141 -31.69 8.16 27.63
C GLU A 141 -32.32 8.06 29.01
N TYR A 142 -32.82 9.17 29.56
CA TYR A 142 -33.52 9.13 30.84
C TYR A 142 -34.92 8.57 30.68
N TYR A 143 -35.61 8.93 29.61
CA TYR A 143 -36.91 8.34 29.31
C TYR A 143 -36.80 6.94 28.72
N GLN A 144 -35.59 6.40 28.59
CA GLN A 144 -35.39 5.03 28.13
C GLN A 144 -36.00 4.82 26.75
N TRP A 145 -35.44 5.52 25.77
CA TRP A 145 -35.90 5.46 24.39
C TRP A 145 -34.94 4.63 23.55
N ASP A 146 -35.50 3.86 22.61
CA ASP A 146 -34.69 3.09 21.67
C ASP A 146 -35.16 3.18 20.23
N LYS A 147 -36.37 3.66 19.97
CA LYS A 147 -36.85 3.82 18.60
C LYS A 147 -37.79 5.02 18.58
N PHE A 148 -37.37 6.08 17.90
CA PHE A 148 -38.12 7.33 17.89
C PHE A 148 -37.92 8.00 16.54
N ALA A 149 -38.35 9.26 16.45
CA ALA A 149 -38.26 10.04 15.22
C ALA A 149 -37.57 11.37 15.53
N TYR A 150 -37.27 12.10 14.47
CA TYR A 150 -36.56 13.38 14.60
C TYR A 150 -36.93 14.25 13.42
N LEU A 151 -37.77 15.25 13.65
CA LEU A 151 -38.18 16.20 12.63
C LEU A 151 -37.35 17.46 12.80
N TYR A 152 -36.49 17.75 11.83
CA TYR A 152 -35.53 18.83 11.93
C TYR A 152 -35.82 19.87 10.85
N ASP A 153 -35.16 21.02 11.01
CA ASP A 153 -35.22 22.11 10.04
C ASP A 153 -33.84 22.73 9.92
N SER A 154 -33.43 23.00 8.69
CA SER A 154 -32.11 23.56 8.44
C SER A 154 -32.00 25.03 8.80
N ASP A 155 -33.01 25.63 9.43
CA ASP A 155 -32.93 27.04 9.79
C ASP A 155 -31.91 27.32 10.88
N ARG A 156 -31.32 26.28 11.48
CA ARG A 156 -30.33 26.46 12.54
C ARG A 156 -29.08 25.62 12.36
N GLY A 157 -29.10 24.57 11.56
CA GLY A 157 -27.96 23.71 11.34
C GLY A 157 -28.35 22.26 11.46
N LEU A 158 -27.33 21.40 11.55
CA LEU A 158 -27.56 19.96 11.67
C LEU A 158 -26.63 19.33 12.70
N SER A 159 -26.06 20.13 13.61
CA SER A 159 -25.21 19.58 14.64
C SER A 159 -26.00 18.66 15.58
N THR A 160 -27.22 19.07 15.94
CA THR A 160 -28.06 18.21 16.77
C THR A 160 -28.36 16.91 16.06
N LEU A 161 -28.62 16.97 14.74
CA LEU A 161 -28.89 15.75 13.98
C LEU A 161 -27.67 14.83 13.98
N GLN A 162 -26.49 15.39 13.73
CA GLN A 162 -25.28 14.58 13.72
C GLN A 162 -25.02 13.95 15.09
N ALA A 163 -25.22 14.72 16.15
CA ALA A 163 -25.06 14.18 17.49
C ALA A 163 -26.04 13.05 17.74
N VAL A 164 -27.30 13.23 17.33
CA VAL A 164 -28.30 12.18 17.51
C VAL A 164 -27.88 10.92 16.77
N LEU A 165 -27.39 11.08 15.55
CA LEU A 165 -27.03 9.91 14.75
C LEU A 165 -25.84 9.17 15.35
N ASP A 166 -24.82 9.91 15.81
CA ASP A 166 -23.68 9.24 16.41
C ASP A 166 -24.06 8.57 17.72
N SER A 167 -24.91 9.22 18.53
CA SER A 167 -25.37 8.59 19.75
C SER A 167 -26.22 7.36 19.47
N ALA A 168 -26.97 7.37 18.37
CA ALA A 168 -27.73 6.19 17.98
C ALA A 168 -26.80 5.05 17.61
N ALA A 169 -25.79 5.34 16.79
CA ALA A 169 -24.81 4.32 16.44
C ALA A 169 -24.13 3.76 17.69
N GLU A 170 -23.85 4.61 18.67
CA GLU A 170 -23.22 4.17 19.91
C GLU A 170 -24.22 3.70 20.96
N LYS A 171 -25.50 3.63 20.62
CA LYS A 171 -26.53 3.21 21.58
C LYS A 171 -27.52 2.22 20.99
N LYS A 172 -27.37 1.82 19.73
CA LYS A 172 -28.26 0.84 19.10
C LYS A 172 -29.70 1.36 19.09
N TRP A 173 -29.89 2.51 18.45
CA TRP A 173 -31.19 3.14 18.30
C TRP A 173 -31.68 3.00 16.86
N GLN A 174 -32.96 3.32 16.66
CA GLN A 174 -33.59 3.27 15.34
C GLN A 174 -34.29 4.61 15.14
N VAL A 175 -33.55 5.58 14.60
CA VAL A 175 -34.08 6.91 14.38
C VAL A 175 -34.75 6.97 13.02
N THR A 176 -35.69 7.90 12.87
CA THR A 176 -36.40 8.16 11.63
C THR A 176 -36.33 9.66 11.37
N ALA A 177 -35.26 10.10 10.70
CA ALA A 177 -35.05 11.51 10.47
C ALA A 177 -35.90 12.00 9.31
N ILE A 178 -36.44 13.21 9.46
CA ILE A 178 -37.28 13.82 8.44
C ILE A 178 -37.06 15.32 8.47
N ASN A 179 -37.07 15.93 7.30
CA ASN A 179 -36.93 17.37 7.16
C ASN A 179 -38.29 17.99 6.84
N VAL A 180 -38.61 19.09 7.52
CA VAL A 180 -39.89 19.74 7.35
C VAL A 180 -39.68 21.23 7.09
N GLY A 181 -38.49 21.59 6.58
CA GLY A 181 -38.20 22.96 6.25
C GLY A 181 -38.41 23.25 4.78
N ASN A 182 -37.92 22.35 3.92
CA ASN A 182 -38.11 22.51 2.49
C ASN A 182 -39.59 22.47 2.10
N ILE A 183 -40.43 21.90 2.96
CA ILE A 183 -41.86 21.81 2.67
C ILE A 183 -42.47 23.20 2.76
N ASN A 184 -43.01 23.68 1.63
CA ASN A 184 -43.62 24.99 1.60
C ASN A 184 -44.86 25.03 2.50
N ASN A 185 -45.40 26.24 2.67
CA ASN A 185 -46.58 26.42 3.49
C ASN A 185 -47.87 26.11 2.73
N ASP A 186 -47.81 26.03 1.40
CA ASP A 186 -48.99 25.71 0.62
C ASP A 186 -49.38 24.24 0.66
N LYS A 187 -48.41 23.34 0.87
CA LYS A 187 -48.67 21.91 0.97
C LYS A 187 -48.32 21.35 2.34
N LYS A 188 -48.15 22.22 3.34
CA LYS A 188 -47.77 21.77 4.66
C LYS A 188 -48.78 20.78 5.23
N ASP A 189 -50.05 21.20 5.30
CA ASP A 189 -51.09 20.35 5.87
C ASP A 189 -51.11 18.98 5.20
N GLU A 190 -51.18 18.96 3.87
CA GLU A 190 -51.22 17.71 3.14
C GLU A 190 -49.98 16.86 3.43
N THR A 191 -48.81 17.49 3.40
CA THR A 191 -47.57 16.77 3.65
C THR A 191 -47.51 16.27 5.09
N TYR A 192 -47.64 17.18 6.05
CA TYR A 192 -47.57 16.79 7.46
C TYR A 192 -48.55 15.67 7.77
N ARG A 193 -49.81 15.84 7.38
CA ARG A 193 -50.80 14.79 7.59
C ARG A 193 -50.34 13.47 6.99
N SER A 194 -49.71 13.54 5.81
CA SER A 194 -49.19 12.33 5.17
C SER A 194 -48.09 11.69 6.02
N LEU A 195 -47.21 12.52 6.58
CA LEU A 195 -46.12 11.99 7.39
C LEU A 195 -46.64 11.37 8.67
N PHE A 196 -47.58 12.02 9.33
CA PHE A 196 -48.16 11.46 10.55
C PHE A 196 -48.92 10.17 10.23
N GLN A 197 -49.58 10.12 9.08
CA GLN A 197 -50.33 8.92 8.72
C GLN A 197 -49.40 7.76 8.44
N ASP A 198 -48.36 7.97 7.62
CA ASP A 198 -47.46 6.89 7.26
C ASP A 198 -46.43 6.62 8.36
N LEU A 199 -46.45 7.41 9.43
CA LEU A 199 -45.52 7.18 10.54
C LEU A 199 -46.02 6.06 11.44
N GLU A 200 -47.33 6.01 11.70
CA GLU A 200 -47.88 4.99 12.57
C GLU A 200 -47.62 3.59 12.05
N LEU A 201 -47.35 3.45 10.74
CA LEU A 201 -47.09 2.13 10.18
C LEU A 201 -45.94 1.43 10.90
N LYS A 202 -44.94 2.18 11.34
CA LYS A 202 -43.85 1.66 12.14
C LYS A 202 -44.18 1.67 13.64
N LYS A 203 -45.43 1.93 14.00
CA LYS A 203 -45.85 2.00 15.39
C LYS A 203 -45.04 3.05 16.15
N GLU A 204 -44.65 4.12 15.47
CA GLU A 204 -43.83 5.18 16.08
C GLU A 204 -44.75 6.18 16.74
N ARG A 205 -44.84 6.11 18.07
CA ARG A 205 -45.61 7.07 18.85
C ARG A 205 -44.76 8.18 19.45
N ARG A 206 -43.49 7.90 19.73
CA ARG A 206 -42.59 8.91 20.27
C ARG A 206 -42.02 9.75 19.14
N VAL A 207 -41.82 11.04 19.40
CA VAL A 207 -41.45 12.00 18.37
C VAL A 207 -40.58 13.08 18.98
N ILE A 208 -39.75 13.69 18.14
CA ILE A 208 -38.93 14.84 18.52
C ILE A 208 -39.18 15.96 17.51
N LEU A 209 -39.03 17.19 17.96
CA LEU A 209 -39.31 18.38 17.15
C LEU A 209 -38.16 19.37 17.31
N ASP A 210 -37.27 19.40 16.32
CA ASP A 210 -36.17 20.37 16.28
C ASP A 210 -36.54 21.46 15.27
N CYS A 211 -37.34 22.42 15.74
CA CYS A 211 -37.78 23.52 14.89
C CYS A 211 -37.97 24.76 15.75
N GLU A 212 -38.21 25.88 15.09
CA GLU A 212 -38.41 27.16 15.76
C GLU A 212 -39.87 27.30 16.18
N ARG A 213 -40.24 28.48 16.68
CA ARG A 213 -41.59 28.68 17.21
C ARG A 213 -42.64 28.52 16.13
N ASP A 214 -42.43 29.16 14.97
CA ASP A 214 -43.43 29.08 13.91
C ASP A 214 -43.64 27.64 13.46
N LYS A 215 -42.55 26.92 13.20
CA LYS A 215 -42.67 25.56 12.70
C LYS A 215 -43.27 24.64 13.75
N VAL A 216 -42.88 24.79 15.01
CA VAL A 216 -43.43 23.91 16.05
C VAL A 216 -44.91 24.19 16.25
N ASN A 217 -45.32 25.45 16.14
CA ASN A 217 -46.74 25.77 16.28
C ASN A 217 -47.54 25.22 15.11
N ASP A 218 -47.02 25.35 13.88
CA ASP A 218 -47.69 24.75 12.74
C ASP A 218 -47.81 23.25 12.90
N ILE A 219 -46.76 22.61 13.43
CA ILE A 219 -46.78 21.16 13.60
C ILE A 219 -47.79 20.77 14.66
N VAL A 220 -47.87 21.53 15.76
CA VAL A 220 -48.86 21.23 16.78
C VAL A 220 -50.27 21.44 16.24
N ASP A 221 -50.45 22.42 15.35
CA ASP A 221 -51.75 22.60 14.71
C ASP A 221 -52.11 21.39 13.87
N GLN A 222 -51.19 20.94 13.02
CA GLN A 222 -51.44 19.74 12.23
C GLN A 222 -51.72 18.54 13.14
N VAL A 223 -51.06 18.48 14.29
CA VAL A 223 -51.23 17.36 15.20
C VAL A 223 -52.63 17.37 15.78
N ILE A 224 -53.07 18.52 16.29
CA ILE A 224 -54.42 18.60 16.84
C ILE A 224 -55.45 18.35 15.76
N THR A 225 -55.13 18.71 14.51
CA THR A 225 -56.03 18.41 13.41
C THR A 225 -56.18 16.91 13.22
N ILE A 226 -55.06 16.21 13.08
CA ILE A 226 -55.11 14.76 12.91
C ILE A 226 -55.64 14.06 14.16
N GLY A 227 -55.65 14.73 15.30
CA GLY A 227 -56.10 14.12 16.54
C GLY A 227 -55.10 13.23 17.21
N LYS A 228 -53.81 13.37 16.89
CA LYS A 228 -52.77 12.54 17.48
C LYS A 228 -52.32 13.02 18.85
N HIS A 229 -52.98 14.02 19.42
CA HIS A 229 -52.61 14.54 20.74
C HIS A 229 -53.05 13.62 21.87
N VAL A 230 -53.55 12.42 21.56
CA VAL A 230 -53.93 11.49 22.61
C VAL A 230 -52.69 11.00 23.34
N LYS A 231 -52.91 10.46 24.54
CA LYS A 231 -51.82 9.88 25.29
C LYS A 231 -51.17 8.74 24.48
N GLY A 232 -50.01 8.29 24.95
CA GLY A 232 -49.20 7.36 24.21
C GLY A 232 -48.28 8.01 23.21
N TYR A 233 -48.63 9.19 22.72
CA TYR A 233 -47.77 9.96 21.82
C TYR A 233 -46.92 10.92 22.64
N HIS A 234 -45.62 10.69 22.66
CA HIS A 234 -44.70 11.58 23.34
C HIS A 234 -44.17 12.63 22.37
N TYR A 235 -43.88 13.81 22.89
CA TYR A 235 -43.39 14.91 22.08
C TYR A 235 -42.32 15.66 22.87
N ILE A 236 -41.21 15.96 22.19
CA ILE A 236 -40.12 16.74 22.76
C ILE A 236 -39.88 17.95 21.86
N ILE A 237 -39.81 19.12 22.49
CA ILE A 237 -39.52 20.36 21.78
C ILE A 237 -38.05 20.69 22.02
N ALA A 238 -37.24 20.54 20.98
CA ALA A 238 -35.79 20.73 21.11
C ALA A 238 -35.41 22.21 20.98
N ASN A 239 -36.03 23.04 21.79
CA ASN A 239 -35.66 24.45 21.89
C ASN A 239 -35.67 24.84 23.36
N LEU A 240 -35.49 26.13 23.63
CA LEU A 240 -35.50 26.64 24.99
C LEU A 240 -36.76 27.41 25.34
N GLY A 241 -37.57 27.79 24.35
CA GLY A 241 -38.80 28.49 24.60
C GLY A 241 -39.99 27.56 24.73
N PHE A 242 -39.89 26.60 25.64
CA PHE A 242 -40.98 25.64 25.82
C PHE A 242 -42.27 26.34 26.26
N THR A 243 -42.14 27.48 26.93
CA THR A 243 -43.30 28.23 27.40
C THR A 243 -43.71 29.36 26.48
N ASP A 244 -42.90 29.66 25.45
CA ASP A 244 -43.19 30.79 24.58
C ASP A 244 -44.22 30.42 23.51
N GLY A 245 -44.31 29.14 23.16
CA GLY A 245 -45.24 28.73 22.12
C GLY A 245 -46.64 28.51 22.64
N ASP A 246 -47.56 28.31 21.70
CA ASP A 246 -48.95 28.04 22.02
C ASP A 246 -49.06 26.58 22.45
N LEU A 247 -49.30 26.36 23.74
CA LEU A 247 -49.32 25.02 24.32
C LEU A 247 -50.66 24.61 24.88
N LEU A 248 -51.47 25.55 25.38
CA LEU A 248 -52.72 25.18 26.03
C LEU A 248 -53.71 24.49 25.09
N LYS A 249 -53.46 24.52 23.79
CA LYS A 249 -54.33 23.85 22.85
C LYS A 249 -54.11 22.34 22.78
N ILE A 250 -53.04 21.84 23.40
CA ILE A 250 -52.74 20.42 23.37
C ILE A 250 -52.47 19.90 24.78
N GLN A 251 -52.46 20.81 25.76
CA GLN A 251 -52.23 20.40 27.14
C GLN A 251 -53.28 19.42 27.63
N PHE A 252 -54.44 19.37 26.99
CA PHE A 252 -55.54 18.52 27.41
C PHE A 252 -55.62 17.21 26.65
N GLY A 253 -54.75 17.00 25.65
CA GLY A 253 -54.73 15.75 24.91
C GLY A 253 -54.19 14.57 25.67
N GLY A 254 -53.70 14.77 26.89
CA GLY A 254 -53.10 13.68 27.63
C GLY A 254 -51.81 13.17 27.04
N ALA A 255 -51.19 13.93 26.14
CA ALA A 255 -49.97 13.49 25.48
C ALA A 255 -48.77 13.68 26.41
N ASN A 256 -47.71 12.92 26.11
CA ASN A 256 -46.47 12.98 26.88
C ASN A 256 -45.58 14.06 26.27
N VAL A 257 -45.95 15.31 26.52
CA VAL A 257 -45.23 16.45 25.98
C VAL A 257 -44.14 16.86 26.96
N SER A 258 -42.98 17.23 26.43
CA SER A 258 -41.87 17.69 27.24
C SER A 258 -41.26 18.94 26.62
N GLY A 259 -40.14 19.38 27.17
CA GLY A 259 -39.48 20.57 26.66
C GLY A 259 -38.48 21.11 27.66
N PHE A 260 -37.58 21.93 27.14
CA PHE A 260 -36.53 22.54 27.95
C PHE A 260 -36.87 24.00 28.24
N GLN A 261 -36.15 24.56 29.20
CA GLN A 261 -36.29 25.96 29.56
C GLN A 261 -34.94 26.47 30.05
N ILE A 262 -34.68 27.75 29.77
CA ILE A 262 -33.40 28.36 30.11
C ILE A 262 -33.63 29.46 31.14
N VAL A 263 -34.81 30.07 31.11
CA VAL A 263 -35.20 31.09 32.07
C VAL A 263 -36.12 30.47 33.11
N ASP A 264 -35.90 30.81 34.37
CA ASP A 264 -36.73 30.35 35.47
C ASP A 264 -37.48 31.57 36.01
N TYR A 265 -38.75 31.69 35.67
CA TYR A 265 -39.55 32.84 36.07
C TYR A 265 -39.77 32.92 37.57
N ASP A 266 -39.22 31.99 38.36
CA ASP A 266 -39.44 31.95 39.80
C ASP A 266 -38.16 32.30 40.58
N ASP A 267 -37.41 33.27 40.09
CA ASP A 267 -36.22 33.76 40.77
C ASP A 267 -36.33 35.26 41.00
N SER A 268 -35.46 35.77 41.86
CA SER A 268 -35.58 37.15 42.32
C SER A 268 -35.38 38.15 41.19
N LEU A 269 -34.21 38.13 40.55
CA LEU A 269 -33.91 39.15 39.56
C LEU A 269 -34.80 39.01 38.33
N VAL A 270 -35.06 37.77 37.91
CA VAL A 270 -35.91 37.56 36.74
C VAL A 270 -37.33 38.01 37.04
N SER A 271 -37.83 37.75 38.24
CA SER A 271 -39.17 38.19 38.61
C SER A 271 -39.25 39.70 38.68
N LYS A 272 -38.21 40.34 39.22
CA LYS A 272 -38.18 41.81 39.24
C LYS A 272 -38.18 42.38 37.83
N PHE A 273 -37.37 41.78 36.94
CA PHE A 273 -37.36 42.23 35.56
C PHE A 273 -38.73 42.04 34.91
N ILE A 274 -39.41 40.93 35.20
CA ILE A 274 -40.73 40.70 34.63
C ILE A 274 -41.71 41.73 35.15
N GLU A 275 -41.62 42.06 36.44
CA GLU A 275 -42.49 43.09 36.99
C GLU A 275 -42.28 44.42 36.29
N ARG A 276 -41.01 44.80 36.11
CA ARG A 276 -40.71 46.05 35.41
C ARG A 276 -41.03 45.97 33.92
N TRP A 277 -41.19 44.76 33.38
CA TRP A 277 -41.37 44.54 31.95
C TRP A 277 -42.83 44.55 31.54
N SER A 278 -43.67 43.78 32.24
CA SER A 278 -45.08 43.70 31.87
C SER A 278 -45.77 45.05 32.01
N THR A 279 -45.33 45.87 32.96
CA THR A 279 -45.94 47.18 33.18
C THR A 279 -45.60 48.18 32.09
N LEU A 280 -44.82 47.80 31.08
CA LEU A 280 -44.45 48.70 30.01
C LEU A 280 -45.50 48.67 28.91
N GLU A 281 -45.52 49.72 28.12
CA GLU A 281 -46.50 49.88 27.05
C GLU A 281 -45.99 49.25 25.76
N GLU A 282 -46.93 48.88 24.90
CA GLU A 282 -46.62 48.29 23.60
C GLU A 282 -46.40 49.33 22.52
N LYS A 283 -46.23 50.60 22.89
CA LYS A 283 -45.96 51.68 21.94
C LYS A 283 -44.51 52.11 21.96
N GLU A 284 -43.98 52.47 23.14
CA GLU A 284 -42.58 52.80 23.29
C GLU A 284 -41.71 51.57 23.56
N TYR A 285 -42.33 50.41 23.77
CA TYR A 285 -41.59 49.17 24.03
C TYR A 285 -42.38 48.01 23.45
N PRO A 286 -42.43 47.90 22.12
CA PRO A 286 -43.25 46.85 21.51
C PRO A 286 -42.87 45.46 21.99
N GLY A 287 -43.85 44.56 21.97
CA GLY A 287 -43.61 43.20 22.43
C GLY A 287 -43.06 43.14 23.85
N ALA A 288 -43.60 43.96 24.75
CA ALA A 288 -43.11 44.02 26.11
C ALA A 288 -44.20 44.03 27.18
N HIS A 289 -45.46 44.16 26.80
CA HIS A 289 -46.55 44.17 27.78
C HIS A 289 -47.11 42.76 27.93
N THR A 290 -46.28 41.88 28.51
CA THR A 290 -46.63 40.49 28.68
C THR A 290 -46.00 39.98 29.97
N ALA A 291 -46.36 38.76 30.34
CA ALA A 291 -45.81 38.10 31.51
C ALA A 291 -44.65 37.19 31.19
N THR A 292 -44.50 36.78 29.93
CA THR A 292 -43.42 35.91 29.50
C THR A 292 -42.54 36.64 28.50
N ILE A 293 -41.30 36.17 28.38
CA ILE A 293 -40.31 36.78 27.50
C ILE A 293 -39.57 35.69 26.76
N LYS A 294 -39.19 36.00 25.52
CA LYS A 294 -38.47 35.04 24.71
C LYS A 294 -37.02 34.91 25.18
N TYR A 295 -36.53 33.67 25.18
CA TYR A 295 -35.15 33.44 25.58
C TYR A 295 -34.17 34.25 24.74
N THR A 296 -34.53 34.55 23.49
CA THR A 296 -33.67 35.41 22.69
C THR A 296 -33.55 36.80 23.29
N SER A 297 -34.67 37.36 23.76
CA SER A 297 -34.61 38.68 24.39
C SER A 297 -33.90 38.60 25.73
N ALA A 298 -34.09 37.50 26.47
CA ALA A 298 -33.35 37.32 27.72
C ALA A 298 -31.84 37.33 27.45
N LEU A 299 -31.41 36.64 26.40
CA LEU A 299 -30.00 36.58 26.08
C LEU A 299 -29.50 37.92 25.55
N THR A 300 -30.36 38.69 24.88
CA THR A 300 -29.97 40.05 24.51
C THR A 300 -29.73 40.90 25.74
N TYR A 301 -30.63 40.80 26.72
CA TYR A 301 -30.42 41.47 28.00
C TYR A 301 -29.07 41.08 28.61
N ASP A 302 -28.83 39.77 28.73
CA ASP A 302 -27.59 39.30 29.31
C ASP A 302 -26.38 39.77 28.50
N ALA A 303 -26.53 39.90 27.18
CA ALA A 303 -25.41 40.35 26.35
C ALA A 303 -25.11 41.81 26.62
N VAL A 304 -26.13 42.65 26.72
CA VAL A 304 -25.91 44.03 27.14
C VAL A 304 -25.17 44.05 28.48
N GLN A 305 -25.62 43.21 29.41
CA GLN A 305 -24.98 43.16 30.73
C GLN A 305 -23.50 42.81 30.61
N VAL A 306 -23.17 41.77 29.85
CA VAL A 306 -21.81 41.28 29.81
C VAL A 306 -20.92 42.27 29.07
N MET A 307 -21.45 42.93 28.04
CA MET A 307 -20.66 43.94 27.33
C MET A 307 -20.36 45.11 28.25
N THR A 308 -21.37 45.59 28.98
CA THR A 308 -21.12 46.67 29.94
C THR A 308 -20.08 46.25 30.96
N GLU A 309 -20.17 45.01 31.46
CA GLU A 309 -19.23 44.57 32.48
C GLU A 309 -17.81 44.47 31.93
N ALA A 310 -17.67 44.00 30.69
CA ALA A 310 -16.35 43.89 30.09
C ALA A 310 -15.73 45.26 29.88
N PHE A 311 -16.51 46.21 29.36
CA PHE A 311 -15.98 47.56 29.17
C PHE A 311 -15.66 48.22 30.51
N ARG A 312 -16.46 47.94 31.55
CA ARG A 312 -16.14 48.46 32.87
C ARG A 312 -14.84 47.85 33.40
N ASN A 313 -14.64 46.54 33.21
CA ASN A 313 -13.41 45.92 33.65
C ASN A 313 -12.21 46.50 32.92
N LEU A 314 -12.36 46.78 31.63
CA LEU A 314 -11.27 47.43 30.89
C LEU A 314 -10.99 48.82 31.46
N ARG A 315 -12.05 49.60 31.70
CA ARG A 315 -11.88 50.90 32.33
C ARG A 315 -11.15 50.78 33.67
N LYS A 316 -11.38 49.68 34.39
CA LYS A 316 -10.72 49.42 35.66
C LYS A 316 -9.37 48.74 35.50
N GLN A 317 -8.93 48.49 34.27
CA GLN A 317 -7.63 47.88 34.01
C GLN A 317 -6.58 48.91 33.61
N ARG A 318 -6.90 50.20 33.69
CA ARG A 318 -5.97 51.26 33.35
C ARG A 318 -5.47 51.11 31.92
N ILE A 319 -6.42 51.21 30.98
CA ILE A 319 -6.12 51.04 29.56
C ILE A 319 -7.10 51.87 28.75
N GLU A 320 -6.58 52.56 27.74
CA GLU A 320 -7.37 53.31 26.78
C GLU A 320 -7.16 52.76 25.38
N ILE A 321 -8.25 52.44 24.68
CA ILE A 321 -8.18 51.75 23.40
C ILE A 321 -8.94 52.52 22.33
N SER A 322 -9.02 53.84 22.49
CA SER A 322 -9.66 54.67 21.48
C SER A 322 -8.96 54.50 20.14
N ARG A 323 -9.73 54.14 19.12
CA ARG A 323 -9.16 53.95 17.78
C ARG A 323 -8.36 55.17 17.37
N ARG A 324 -7.12 54.94 16.93
CA ARG A 324 -6.24 56.03 16.53
C ARG A 324 -6.90 56.90 15.47
N GLY A 325 -7.41 56.28 14.42
CA GLY A 325 -8.11 57.00 13.37
C GLY A 325 -9.27 56.19 12.81
N ASN A 326 -9.75 56.57 11.63
CA ASN A 326 -10.83 55.83 11.00
C ASN A 326 -10.42 54.37 10.84
N ALA A 327 -11.33 53.47 11.23
CA ALA A 327 -11.02 52.05 11.18
C ALA A 327 -10.74 51.58 9.76
N GLY A 328 -11.39 52.18 8.78
CA GLY A 328 -11.19 51.85 7.39
C GLY A 328 -12.38 51.13 6.79
N ASP A 329 -12.10 50.37 5.73
CA ASP A 329 -13.10 49.61 5.01
C ASP A 329 -12.77 48.12 5.04
N CYS A 330 -13.81 47.30 4.88
CA CYS A 330 -13.61 45.86 4.87
C CYS A 330 -12.62 45.44 3.80
N LEU A 331 -12.72 46.04 2.62
CA LEU A 331 -11.95 45.63 1.45
C LEU A 331 -10.50 46.09 1.50
N ALA A 332 -10.05 46.64 2.63
CA ALA A 332 -8.65 47.03 2.76
C ALA A 332 -7.76 45.83 2.53
N ASN A 333 -6.94 45.88 1.49
CA ASN A 333 -6.04 44.80 1.15
C ASN A 333 -4.61 45.20 1.46
N PRO A 334 -3.90 44.48 2.34
CA PRO A 334 -4.34 43.32 3.12
C PRO A 334 -5.18 43.71 4.32
N ALA A 335 -5.49 42.74 5.19
CA ALA A 335 -6.28 43.01 6.37
C ALA A 335 -5.57 44.04 7.26
N VAL A 336 -6.31 44.54 8.24
CA VAL A 336 -5.80 45.60 9.12
C VAL A 336 -6.37 45.41 10.52
N PRO A 337 -5.91 44.40 11.27
CA PRO A 337 -6.41 44.19 12.63
C PRO A 337 -5.80 45.19 13.60
N TRP A 338 -6.13 45.02 14.88
CA TRP A 338 -5.59 45.85 15.95
C TRP A 338 -5.67 45.08 17.25
N GLY A 339 -4.54 44.97 17.94
CA GLY A 339 -4.45 44.09 19.10
C GLY A 339 -5.43 44.41 20.20
N GLN A 340 -5.77 45.69 20.36
CA GLN A 340 -6.75 46.04 21.37
C GLN A 340 -8.07 45.32 21.14
N GLY A 341 -8.35 44.92 19.89
CA GLY A 341 -9.48 44.04 19.65
C GLY A 341 -9.32 42.69 20.31
N VAL A 342 -8.10 42.14 20.26
CA VAL A 342 -7.81 40.90 20.97
C VAL A 342 -7.98 41.10 22.47
N GLU A 343 -7.60 42.29 22.96
CA GLU A 343 -7.80 42.58 24.39
C GLU A 343 -9.29 42.60 24.72
N ILE A 344 -10.10 43.21 23.85
CA ILE A 344 -11.54 43.24 24.06
C ILE A 344 -12.10 41.82 24.09
N GLU A 345 -11.64 40.98 23.16
CA GLU A 345 -12.10 39.60 23.14
C GLU A 345 -11.75 38.88 24.42
N ARG A 346 -10.51 39.05 24.89
CA ARG A 346 -10.08 38.41 26.12
C ARG A 346 -10.90 38.91 27.30
N ALA A 347 -11.26 40.18 27.29
CA ALA A 347 -12.08 40.72 28.37
C ALA A 347 -13.48 40.13 28.35
N LEU A 348 -14.08 40.04 27.17
CA LEU A 348 -15.43 39.48 27.07
C LEU A 348 -15.44 38.01 27.44
N LYS A 349 -14.38 37.28 27.10
CA LYS A 349 -14.26 35.87 27.41
C LYS A 349 -13.73 35.61 28.82
N GLN A 350 -13.77 36.61 29.69
CA GLN A 350 -13.31 36.49 31.07
C GLN A 350 -14.33 37.08 32.02
N VAL A 351 -15.60 36.86 31.74
CA VAL A 351 -16.70 37.39 32.55
C VAL A 351 -17.40 36.25 33.25
N GLN A 352 -17.96 36.54 34.42
CA GLN A 352 -18.69 35.56 35.21
C GLN A 352 -19.71 36.31 36.05
N VAL A 353 -20.97 36.30 35.60
CA VAL A 353 -22.07 37.01 36.26
C VAL A 353 -23.29 36.11 36.25
N GLU A 354 -24.36 36.61 36.85
CA GLU A 354 -25.64 35.91 36.97
C GLU A 354 -26.70 36.76 36.30
N GLY A 355 -27.21 36.29 35.16
CA GLY A 355 -28.26 36.98 34.43
C GLY A 355 -29.55 36.21 34.43
N LEU A 356 -30.44 36.58 33.50
CA LEU A 356 -31.71 35.89 33.39
C LEU A 356 -31.53 34.39 33.15
N SER A 357 -30.53 34.03 32.35
CA SER A 357 -30.31 32.62 32.05
C SER A 357 -29.53 31.92 33.17
N GLY A 358 -28.79 32.67 33.98
CA GLY A 358 -28.06 32.13 35.09
C GLY A 358 -26.60 32.48 35.00
N ASN A 359 -25.75 31.55 35.47
CA ASN A 359 -24.31 31.76 35.49
C ASN A 359 -23.78 31.84 34.08
N ILE A 360 -23.17 32.98 33.74
CA ILE A 360 -22.65 33.22 32.40
C ILE A 360 -21.13 33.15 32.47
N LYS A 361 -20.58 31.98 32.13
CA LYS A 361 -19.14 31.78 32.03
C LYS A 361 -18.81 31.29 30.62
N PHE A 362 -17.67 31.75 30.12
CA PHE A 362 -17.24 31.46 28.76
C PHE A 362 -15.94 30.66 28.78
N ASP A 363 -15.56 30.21 27.59
CA ASP A 363 -14.33 29.45 27.39
C ASP A 363 -13.41 30.22 26.44
N GLN A 364 -12.32 29.57 26.04
CA GLN A 364 -11.36 30.23 25.16
C GLN A 364 -11.93 30.48 23.78
N ASN A 365 -12.83 29.61 23.32
CA ASN A 365 -13.41 29.77 21.98
C ASN A 365 -14.52 30.81 21.97
N GLY A 366 -15.40 30.76 22.97
CA GLY A 366 -16.51 31.69 23.05
C GLY A 366 -17.78 31.06 23.56
N LYS A 367 -17.87 29.74 23.50
CA LYS A 367 -19.05 29.05 23.96
C LYS A 367 -19.26 29.27 25.46
N ARG A 368 -20.46 28.98 25.93
CA ARG A 368 -20.80 29.09 27.33
C ARG A 368 -20.44 27.83 28.09
N ILE A 369 -20.36 27.95 29.41
CA ILE A 369 -20.00 26.83 30.28
C ILE A 369 -20.65 27.04 31.63
N ASN A 370 -20.87 25.93 32.34
CA ASN A 370 -21.42 25.96 33.69
C ASN A 370 -22.75 26.73 33.72
N TYR A 371 -23.72 26.19 32.99
CA TYR A 371 -25.04 26.77 32.87
C TYR A 371 -26.09 25.77 33.31
N THR A 372 -27.33 26.25 33.39
CA THR A 372 -28.47 25.46 33.81
C THR A 372 -29.53 25.45 32.72
N ILE A 373 -30.18 24.30 32.55
CA ILE A 373 -31.26 24.12 31.58
C ILE A 373 -32.38 23.39 32.30
N ASN A 374 -33.41 24.12 32.71
CA ASN A 374 -34.52 23.54 33.43
C ASN A 374 -35.40 22.75 32.47
N ILE A 375 -35.62 21.48 32.77
CA ILE A 375 -36.51 20.64 31.99
C ILE A 375 -37.95 20.91 32.43
N MET A 376 -38.88 20.68 31.51
CA MET A 376 -40.28 21.00 31.77
C MET A 376 -41.18 20.00 31.06
N GLU A 377 -42.26 19.61 31.74
CA GLU A 377 -43.27 18.74 31.19
C GLU A 377 -44.62 19.44 31.22
N LEU A 378 -45.48 19.10 30.26
CA LEU A 378 -46.80 19.71 30.15
C LEU A 378 -47.82 18.79 30.83
N LYS A 379 -48.30 19.23 31.99
CA LYS A 379 -49.31 18.49 32.73
C LYS A 379 -50.59 19.31 32.83
N THR A 380 -51.68 18.64 33.22
CA THR A 380 -52.98 19.29 33.29
C THR A 380 -52.92 20.56 34.13
N ASN A 381 -52.08 20.58 35.16
CA ASN A 381 -51.90 21.76 35.98
C ASN A 381 -50.90 22.75 35.37
N GLY A 382 -50.57 22.58 34.09
CA GLY A 382 -49.66 23.48 33.42
C GLY A 382 -48.25 22.92 33.37
N PRO A 383 -47.32 23.70 32.81
CA PRO A 383 -45.93 23.25 32.77
C PRO A 383 -45.33 23.16 34.17
N ARG A 384 -44.56 22.10 34.40
CA ARG A 384 -43.96 21.83 35.70
C ARG A 384 -42.54 21.36 35.50
N LYS A 385 -41.59 22.03 36.14
CA LYS A 385 -40.20 21.60 36.08
C LYS A 385 -40.01 20.30 36.85
N ILE A 386 -39.16 19.43 36.32
CA ILE A 386 -38.95 18.11 36.93
C ILE A 386 -37.46 17.84 37.08
N GLY A 387 -36.65 18.89 37.01
CA GLY A 387 -35.22 18.74 37.17
C GLY A 387 -34.48 19.76 36.33
N TYR A 388 -33.17 19.58 36.27
CA TYR A 388 -32.30 20.47 35.51
C TYR A 388 -31.17 19.65 34.91
N TRP A 389 -30.29 20.34 34.18
CA TRP A 389 -29.16 19.71 33.52
C TRP A 389 -27.98 20.68 33.57
N SER A 390 -26.78 20.14 33.34
CA SER A 390 -25.57 20.94 33.35
C SER A 390 -24.48 20.18 32.60
N GLU A 391 -23.30 20.80 32.51
CA GLU A 391 -22.17 20.18 31.85
C GLU A 391 -21.36 19.30 32.78
N VAL A 392 -21.26 19.68 34.06
CA VAL A 392 -20.53 18.87 35.02
C VAL A 392 -21.34 17.67 35.47
N ASP A 393 -22.67 17.81 35.51
CA ASP A 393 -23.57 16.74 35.94
C ASP A 393 -24.40 16.25 34.77
N LYS A 394 -25.07 15.13 35.00
CA LYS A 394 -26.05 14.60 34.06
C LYS A 394 -27.43 15.13 34.44
N MET A 395 -28.47 14.58 33.84
CA MET A 395 -29.82 15.01 34.18
C MET A 395 -30.10 14.73 35.65
N VAL A 396 -30.91 15.61 36.26
CA VAL A 396 -31.29 15.50 37.65
C VAL A 396 -32.81 15.50 37.74
N VAL A 397 -33.32 14.90 38.80
CA VAL A 397 -34.75 14.81 39.06
C VAL A 397 -35.03 15.48 40.40
N THR A 398 -35.80 16.56 40.38
CA THR A 398 -36.16 17.31 41.58
C THR A 398 -37.61 17.09 41.98
N LEU A 399 -38.54 17.17 41.04
CA LEU A 399 -39.96 16.98 41.33
C LEU A 399 -40.20 15.54 41.77
N THR A 400 -40.48 15.36 43.06
CA THR A 400 -40.72 14.02 43.61
C THR A 400 -41.89 13.34 42.91
N ASN B 25 -14.11 41.35 -31.22
CA ASN B 25 -13.89 42.17 -30.04
C ASN B 25 -13.33 41.31 -28.90
N SER B 26 -13.23 41.91 -27.71
CA SER B 26 -12.71 41.23 -26.54
C SER B 26 -13.73 41.26 -25.42
N ILE B 27 -13.56 40.34 -24.47
CA ILE B 27 -14.46 40.21 -23.34
C ILE B 27 -13.63 39.84 -22.11
N GLN B 28 -14.00 40.41 -20.96
CA GLN B 28 -13.30 40.19 -19.71
C GLN B 28 -14.18 39.40 -18.75
N ILE B 29 -13.58 38.42 -18.08
CA ILE B 29 -14.30 37.61 -17.11
C ILE B 29 -13.43 37.45 -15.86
N GLY B 30 -13.91 36.66 -14.90
CA GLY B 30 -13.19 36.43 -13.67
C GLY B 30 -12.94 34.96 -13.44
N GLY B 31 -12.05 34.68 -12.50
CA GLY B 31 -11.69 33.32 -12.17
C GLY B 31 -11.31 33.16 -10.71
N LEU B 32 -11.95 32.21 -10.03
CA LEU B 32 -11.68 31.94 -8.61
C LEU B 32 -11.29 30.48 -8.49
N PHE B 33 -10.00 30.24 -8.23
CA PHE B 33 -9.49 28.88 -8.13
C PHE B 33 -8.81 28.67 -6.79
N PRO B 34 -9.07 27.53 -6.12
CA PRO B 34 -8.44 27.30 -4.82
C PRO B 34 -6.93 27.12 -4.92
N ARG B 35 -6.29 26.91 -3.77
CA ARG B 35 -4.85 26.65 -3.70
C ARG B 35 -4.63 25.16 -3.91
N GLY B 36 -4.41 24.78 -5.17
CA GLY B 36 -4.18 23.38 -5.50
C GLY B 36 -4.98 22.90 -6.68
N ALA B 37 -5.65 23.82 -7.37
CA ALA B 37 -6.45 23.49 -8.55
C ALA B 37 -5.62 23.61 -9.83
N ASP B 38 -4.45 22.96 -9.83
CA ASP B 38 -3.56 23.04 -10.98
C ASP B 38 -4.19 22.39 -12.20
N GLN B 39 -4.73 21.18 -12.04
CA GLN B 39 -5.35 20.49 -13.16
C GLN B 39 -6.53 21.28 -13.70
N GLU B 40 -7.32 21.89 -12.81
CA GLU B 40 -8.48 22.65 -13.25
C GLU B 40 -8.07 23.90 -14.01
N TYR B 41 -7.05 24.61 -13.51
CA TYR B 41 -6.57 25.79 -14.22
C TYR B 41 -6.00 25.40 -15.58
N SER B 42 -5.29 24.26 -15.63
CA SER B 42 -4.75 23.78 -16.90
C SER B 42 -5.86 23.50 -17.89
N ALA B 43 -6.92 22.82 -17.44
CA ALA B 43 -8.06 22.55 -18.31
C ALA B 43 -8.73 23.85 -18.76
N PHE B 44 -8.80 24.83 -17.86
CA PHE B 44 -9.37 26.12 -18.21
C PHE B 44 -8.58 26.77 -19.33
N ARG B 45 -7.26 26.77 -19.21
CA ARG B 45 -6.42 27.35 -20.27
C ARG B 45 -6.55 26.58 -21.57
N VAL B 46 -6.61 25.24 -21.48
CA VAL B 46 -6.77 24.42 -22.67
C VAL B 46 -8.06 24.78 -23.39
N GLY B 47 -9.16 24.90 -22.65
CA GLY B 47 -10.42 25.27 -23.26
C GLY B 47 -10.39 26.67 -23.84
N MET B 48 -9.73 27.60 -23.14
CA MET B 48 -9.62 28.96 -23.63
C MET B 48 -8.90 29.01 -24.96
N VAL B 49 -7.83 28.22 -25.09
CA VAL B 49 -7.06 28.26 -26.34
C VAL B 49 -7.75 27.44 -27.43
N GLN B 50 -8.56 26.45 -27.05
CA GLN B 50 -9.22 25.61 -28.05
C GLN B 50 -10.44 26.30 -28.64
N PHE B 51 -11.40 26.66 -27.79
CA PHE B 51 -12.65 27.24 -28.25
C PHE B 51 -12.51 28.69 -28.70
N SER B 52 -11.33 29.29 -28.58
CA SER B 52 -11.13 30.66 -29.00
C SER B 52 -11.40 30.80 -30.50
N THR B 53 -11.50 32.05 -30.94
CA THR B 53 -11.75 32.35 -32.34
C THR B 53 -11.63 33.85 -32.54
N SER B 54 -11.45 34.26 -33.79
CA SER B 54 -11.35 35.67 -34.11
C SER B 54 -12.64 36.43 -33.81
N GLU B 55 -13.75 35.71 -33.67
CA GLU B 55 -15.01 36.36 -33.34
C GLU B 55 -14.89 37.21 -32.08
N PHE B 56 -14.54 36.56 -30.97
CA PHE B 56 -14.32 37.27 -29.71
C PHE B 56 -13.14 36.64 -28.99
N ARG B 57 -12.48 37.44 -28.16
CA ARG B 57 -11.30 37.02 -27.41
C ARG B 57 -11.55 37.28 -25.94
N LEU B 58 -11.65 36.21 -25.16
CA LEU B 58 -11.86 36.35 -23.73
C LEU B 58 -10.63 36.96 -23.06
N THR B 59 -10.87 37.62 -21.93
CA THR B 59 -9.81 38.30 -21.18
C THR B 59 -9.98 37.98 -19.70
N PRO B 60 -9.64 36.76 -19.29
CA PRO B 60 -9.82 36.38 -17.89
C PRO B 60 -9.00 37.24 -16.95
N HIS B 61 -9.36 37.17 -15.67
CA HIS B 61 -8.64 37.84 -14.58
C HIS B 61 -8.66 36.88 -13.40
N ILE B 62 -7.62 36.06 -13.28
CA ILE B 62 -7.58 35.00 -12.30
C ILE B 62 -7.27 35.59 -10.93
N ASP B 63 -7.76 34.90 -9.88
CA ASP B 63 -7.50 35.30 -8.50
C ASP B 63 -7.61 34.05 -7.64
N ASN B 64 -6.47 33.49 -7.25
CA ASN B 64 -6.46 32.34 -6.35
C ASN B 64 -6.63 32.80 -4.91
N LEU B 65 -7.20 31.92 -4.09
CA LEU B 65 -7.50 32.25 -2.71
C LEU B 65 -8.01 31.01 -2.01
N GLU B 66 -8.07 31.08 -0.68
CA GLU B 66 -8.69 30.04 0.13
C GLU B 66 -10.19 30.13 -0.05
N VAL B 67 -10.75 29.25 -0.88
CA VAL B 67 -12.15 29.35 -1.26
C VAL B 67 -13.07 29.25 -0.07
N ALA B 68 -12.61 28.66 1.04
CA ALA B 68 -13.41 28.54 2.24
C ALA B 68 -13.31 29.77 3.14
N ASN B 69 -12.80 30.88 2.64
CA ASN B 69 -12.70 32.13 3.38
C ASN B 69 -13.63 33.14 2.73
N SER B 70 -14.77 33.38 3.39
CA SER B 70 -15.77 34.28 2.82
C SER B 70 -15.22 35.69 2.63
N PHE B 71 -14.32 36.13 3.50
CA PHE B 71 -13.75 37.47 3.35
C PHE B 71 -12.94 37.57 2.07
N ALA B 72 -12.02 36.62 1.86
CA ALA B 72 -11.24 36.61 0.63
C ALA B 72 -12.13 36.46 -0.59
N VAL B 73 -13.19 35.67 -0.47
CA VAL B 73 -14.10 35.48 -1.59
C VAL B 73 -14.79 36.80 -1.94
N THR B 74 -15.25 37.53 -0.93
CA THR B 74 -15.87 38.83 -1.17
C THR B 74 -14.87 39.80 -1.78
N ASN B 75 -13.63 39.79 -1.29
CA ASN B 75 -12.60 40.66 -1.85
C ASN B 75 -12.39 40.38 -3.33
N ALA B 76 -12.24 39.10 -3.68
CA ALA B 76 -12.04 38.73 -5.08
C ALA B 76 -13.25 39.10 -5.93
N PHE B 77 -14.45 38.85 -5.40
CA PHE B 77 -15.66 39.19 -6.15
C PHE B 77 -15.73 40.67 -6.45
N CYS B 78 -15.45 41.50 -5.43
CA CYS B 78 -15.52 42.94 -5.63
C CYS B 78 -14.42 43.43 -6.56
N SER B 79 -13.23 42.84 -6.46
CA SER B 79 -12.15 43.21 -7.38
C SER B 79 -12.55 42.92 -8.83
N GLN B 80 -13.04 41.70 -9.08
CA GLN B 80 -13.40 41.31 -10.44
C GLN B 80 -14.68 42.00 -10.91
N PHE B 81 -15.48 42.53 -9.99
CA PHE B 81 -16.65 43.29 -10.39
C PHE B 81 -16.27 44.72 -10.77
N SER B 82 -15.37 45.33 -9.99
CA SER B 82 -14.86 46.65 -10.36
C SER B 82 -14.06 46.59 -11.64
N ARG B 83 -13.38 45.47 -11.90
CA ARG B 83 -12.67 45.30 -13.15
C ARG B 83 -13.59 45.40 -14.36
N GLY B 84 -14.91 45.27 -14.15
CA GLY B 84 -15.86 45.41 -15.23
C GLY B 84 -16.08 44.12 -16.00
N VAL B 85 -16.19 43.01 -15.28
CA VAL B 85 -16.39 41.72 -15.93
C VAL B 85 -17.87 41.54 -16.27
N TYR B 86 -18.12 40.65 -17.23
CA TYR B 86 -19.47 40.33 -17.67
C TYR B 86 -19.95 38.99 -17.13
N ALA B 87 -19.09 38.24 -16.47
CA ALA B 87 -19.43 36.94 -15.89
C ALA B 87 -18.28 36.51 -15.00
N ILE B 88 -18.45 35.38 -14.34
CA ILE B 88 -17.43 34.87 -13.44
C ILE B 88 -17.48 33.35 -13.46
N PHE B 89 -16.29 32.74 -13.35
CA PHE B 89 -16.14 31.31 -13.16
C PHE B 89 -15.36 31.08 -11.87
N GLY B 90 -15.69 30.02 -11.16
CA GLY B 90 -14.98 29.72 -9.94
C GLY B 90 -15.71 28.67 -9.12
N PHE B 91 -15.04 28.23 -8.08
CA PHE B 91 -15.54 27.21 -7.19
C PHE B 91 -16.12 27.86 -5.93
N TYR B 92 -16.66 27.04 -5.05
CA TYR B 92 -17.09 27.51 -3.74
C TYR B 92 -17.15 26.30 -2.80
N ASP B 93 -17.60 26.55 -1.57
CA ASP B 93 -17.64 25.52 -0.55
C ASP B 93 -18.84 25.76 0.34
N LYS B 94 -19.00 24.90 1.34
CA LYS B 94 -20.12 25.03 2.28
C LYS B 94 -20.05 26.32 3.07
N LYS B 95 -18.89 26.98 3.11
CA LYS B 95 -18.72 28.21 3.88
C LYS B 95 -18.68 29.45 3.01
N SER B 96 -18.89 29.33 1.70
CA SER B 96 -18.93 30.47 0.80
C SER B 96 -20.08 30.43 -0.20
N VAL B 97 -20.81 29.33 -0.29
CA VAL B 97 -21.87 29.22 -1.28
C VAL B 97 -22.92 30.30 -1.07
N ASN B 98 -23.29 30.54 0.19
CA ASN B 98 -24.33 31.53 0.46
C ASN B 98 -23.85 32.93 0.10
N THR B 99 -22.61 33.26 0.46
CA THR B 99 -22.03 34.55 0.08
C THR B 99 -22.09 34.73 -1.43
N ILE B 100 -21.61 33.74 -2.17
CA ILE B 100 -21.56 33.85 -3.63
C ILE B 100 -22.96 34.02 -4.19
N THR B 101 -23.90 33.18 -3.74
CA THR B 101 -25.26 33.23 -4.27
C THR B 101 -25.90 34.58 -4.00
N SER B 102 -25.76 35.10 -2.78
CA SER B 102 -26.35 36.38 -2.45
C SER B 102 -25.75 37.49 -3.30
N PHE B 103 -24.42 37.55 -3.36
CA PHE B 103 -23.77 38.61 -4.14
C PHE B 103 -24.21 38.55 -5.59
N CYS B 104 -24.24 37.34 -6.18
CA CYS B 104 -24.63 37.22 -7.58
C CYS B 104 -26.07 37.63 -7.80
N GLY B 105 -27.00 36.99 -7.07
CA GLY B 105 -28.40 37.32 -7.23
C GLY B 105 -28.72 38.77 -6.96
N THR B 106 -27.88 39.46 -6.19
CA THR B 106 -28.12 40.88 -5.94
C THR B 106 -27.57 41.74 -7.06
N LEU B 107 -26.32 41.52 -7.44
CA LEU B 107 -25.68 42.30 -8.50
C LEU B 107 -26.06 41.82 -9.89
N HIS B 108 -26.85 40.76 -10.01
CA HIS B 108 -27.24 40.23 -11.32
C HIS B 108 -26.02 39.86 -12.14
N VAL B 109 -25.04 39.21 -11.50
CA VAL B 109 -23.82 38.78 -12.14
C VAL B 109 -23.79 37.25 -12.11
N SER B 110 -23.76 36.64 -13.28
CA SER B 110 -23.75 35.19 -13.38
C SER B 110 -22.49 34.62 -12.74
N PHE B 111 -22.54 33.33 -12.45
CA PHE B 111 -21.41 32.65 -11.80
C PHE B 111 -21.49 31.17 -12.13
N ILE B 112 -20.55 30.70 -12.93
CA ILE B 112 -20.47 29.29 -13.30
C ILE B 112 -19.58 28.58 -12.30
N THR B 113 -19.87 27.31 -12.06
CA THR B 113 -19.13 26.56 -11.04
C THR B 113 -19.39 25.07 -11.14
N PRO B 114 -18.35 24.22 -11.09
CA PRO B 114 -18.57 22.78 -11.00
C PRO B 114 -18.83 22.28 -9.59
N SER B 115 -18.67 23.12 -8.58
CA SER B 115 -18.85 22.70 -7.20
C SER B 115 -20.26 22.16 -6.99
N PHE B 116 -20.45 21.54 -5.82
CA PHE B 116 -21.72 20.92 -5.51
C PHE B 116 -22.86 21.90 -5.76
N PRO B 117 -23.95 21.47 -6.39
CA PRO B 117 -25.06 22.39 -6.63
C PRO B 117 -25.76 22.80 -5.35
N THR B 118 -26.43 23.94 -5.42
CA THR B 118 -27.11 24.49 -4.26
C THR B 118 -28.40 23.75 -3.97
N ASP B 119 -28.87 23.89 -2.74
CA ASP B 119 -30.12 23.26 -2.30
C ASP B 119 -31.28 24.23 -2.45
N GLY B 120 -31.48 24.70 -3.68
CA GLY B 120 -32.56 25.62 -3.95
C GLY B 120 -32.41 26.23 -5.33
N THR B 121 -33.28 27.20 -5.62
CA THR B 121 -33.29 27.90 -6.89
C THR B 121 -32.62 29.26 -6.69
N HIS B 122 -31.30 29.27 -6.76
CA HIS B 122 -30.53 30.50 -6.62
C HIS B 122 -30.26 31.08 -8.00
N PRO B 123 -30.78 32.25 -8.34
CA PRO B 123 -30.60 32.77 -9.69
C PRO B 123 -29.17 33.26 -9.91
N PHE B 124 -28.85 33.43 -11.19
CA PHE B 124 -27.54 33.93 -11.62
C PHE B 124 -26.41 33.01 -11.14
N VAL B 125 -26.68 31.71 -11.07
CA VAL B 125 -25.68 30.71 -10.73
C VAL B 125 -25.90 29.50 -11.64
N ILE B 126 -24.89 29.18 -12.44
CA ILE B 126 -24.95 28.06 -13.37
C ILE B 126 -24.24 26.88 -12.73
N GLN B 127 -25.01 25.86 -12.35
CA GLN B 127 -24.47 24.65 -11.75
C GLN B 127 -24.09 23.67 -12.86
N MET B 128 -22.85 23.18 -12.81
CA MET B 128 -22.37 22.23 -13.79
C MET B 128 -22.32 20.80 -13.27
N ARG B 129 -22.18 20.62 -11.96
CA ARG B 129 -22.16 19.29 -11.38
C ARG B 129 -23.60 18.79 -11.23
N PRO B 130 -24.03 17.81 -12.03
CA PRO B 130 -25.42 17.36 -11.95
C PRO B 130 -25.70 16.67 -10.63
N ASP B 131 -27.00 16.50 -10.35
CA ASP B 131 -27.42 15.88 -9.12
C ASP B 131 -26.94 14.43 -9.05
N LEU B 132 -26.98 13.87 -7.84
CA LEU B 132 -26.54 12.51 -7.60
C LEU B 132 -27.51 11.68 -6.77
N LYS B 133 -28.39 12.31 -6.00
CA LYS B 133 -29.27 11.55 -5.11
C LYS B 133 -30.14 10.59 -5.90
N GLY B 134 -30.66 11.01 -7.05
CA GLY B 134 -31.53 10.15 -7.82
C GLY B 134 -30.84 8.87 -8.26
N ALA B 135 -29.69 9.01 -8.93
CA ALA B 135 -28.95 7.84 -9.38
C ALA B 135 -28.51 6.99 -8.21
N LEU B 136 -28.10 7.61 -7.11
CA LEU B 136 -27.65 6.85 -5.96
C LEU B 136 -28.77 5.99 -5.40
N LEU B 137 -29.95 6.57 -5.23
CA LEU B 137 -31.07 5.82 -4.69
C LEU B 137 -31.53 4.74 -5.67
N SER B 138 -31.48 5.03 -6.96
CA SER B 138 -31.84 4.02 -7.95
C SER B 138 -30.89 2.84 -7.87
N LEU B 139 -29.59 3.11 -7.78
CA LEU B 139 -28.62 2.03 -7.63
C LEU B 139 -28.85 1.25 -6.35
N ILE B 140 -29.15 1.96 -5.26
CA ILE B 140 -29.37 1.28 -3.99
C ILE B 140 -30.53 0.31 -4.09
N GLU B 141 -31.68 0.79 -4.59
CA GLU B 141 -32.83 -0.10 -4.74
C GLU B 141 -32.58 -1.17 -5.79
N TYR B 142 -31.64 -0.94 -6.72
CA TYR B 142 -31.29 -1.97 -7.69
C TYR B 142 -30.55 -3.11 -7.00
N TYR B 143 -29.56 -2.79 -6.17
CA TYR B 143 -28.88 -3.81 -5.39
C TYR B 143 -29.73 -4.35 -4.25
N GLN B 144 -30.91 -3.78 -4.02
CA GLN B 144 -31.85 -4.29 -3.01
C GLN B 144 -31.21 -4.32 -1.63
N TRP B 145 -30.85 -3.13 -1.14
CA TRP B 145 -30.28 -2.97 0.18
C TRP B 145 -31.37 -2.59 1.18
N ASP B 146 -31.20 -3.07 2.41
CA ASP B 146 -32.13 -2.75 3.49
C ASP B 146 -31.45 -2.38 4.80
N LYS B 147 -30.15 -2.63 4.95
CA LYS B 147 -29.45 -2.29 6.18
C LYS B 147 -27.99 -2.08 5.82
N PHE B 148 -27.54 -0.84 5.82
CA PHE B 148 -26.20 -0.50 5.38
C PHE B 148 -25.70 0.70 6.17
N ALA B 149 -24.60 1.29 5.71
CA ALA B 149 -23.98 2.43 6.35
C ALA B 149 -23.77 3.54 5.34
N TYR B 150 -23.50 4.74 5.85
CA TYR B 150 -23.31 5.92 5.00
C TYR B 150 -22.28 6.80 5.68
N LEU B 151 -21.11 6.93 5.07
CA LEU B 151 -20.05 7.79 5.56
C LEU B 151 -20.06 9.09 4.78
N TYR B 152 -20.27 10.20 5.47
CA TYR B 152 -20.39 11.51 4.86
C TYR B 152 -19.27 12.41 5.38
N ASP B 153 -19.15 13.58 4.74
CA ASP B 153 -18.14 14.55 5.10
C ASP B 153 -18.70 15.95 4.92
N SER B 154 -18.46 16.82 5.90
CA SER B 154 -18.92 18.20 5.85
C SER B 154 -18.03 18.99 4.89
N ASP B 155 -18.14 18.65 3.62
CA ASP B 155 -17.37 19.28 2.55
C ASP B 155 -18.24 19.81 1.42
N ARG B 156 -19.33 19.12 1.09
CA ARG B 156 -20.25 19.54 0.05
C ARG B 156 -21.68 19.65 0.55
N GLY B 157 -21.90 19.61 1.86
CA GLY B 157 -23.23 19.63 2.42
C GLY B 157 -23.70 18.23 2.78
N LEU B 158 -24.94 18.17 3.28
CA LEU B 158 -25.56 16.92 3.67
C LEU B 158 -26.88 16.70 2.95
N SER B 159 -27.02 17.27 1.75
CA SER B 159 -28.23 17.06 0.98
C SER B 159 -28.41 15.59 0.64
N THR B 160 -27.33 14.91 0.25
CA THR B 160 -27.42 13.50 -0.07
C THR B 160 -27.84 12.69 1.15
N LEU B 161 -27.28 13.01 2.32
CA LEU B 161 -27.66 12.29 3.53
C LEU B 161 -29.13 12.53 3.86
N GLN B 162 -29.57 13.78 3.79
CA GLN B 162 -30.97 14.09 4.11
C GLN B 162 -31.91 13.35 3.16
N ALA B 163 -31.56 13.31 1.87
CA ALA B 163 -32.40 12.60 0.91
C ALA B 163 -32.39 11.10 1.19
N VAL B 164 -31.22 10.54 1.48
CA VAL B 164 -31.13 9.12 1.80
C VAL B 164 -32.05 8.79 2.97
N LEU B 165 -32.05 9.65 3.99
CA LEU B 165 -32.85 9.36 5.18
C LEU B 165 -34.34 9.52 4.90
N ASP B 166 -34.73 10.62 4.24
CA ASP B 166 -36.14 10.84 3.98
C ASP B 166 -36.70 9.86 2.97
N SER B 167 -35.83 9.17 2.22
CA SER B 167 -36.28 8.09 1.35
C SER B 167 -36.24 6.74 2.05
N ALA B 168 -35.34 6.56 3.01
CA ALA B 168 -35.35 5.35 3.81
C ALA B 168 -36.61 5.27 4.65
N ALA B 169 -37.08 6.43 5.12
CA ALA B 169 -38.34 6.45 5.87
C ALA B 169 -39.46 5.77 5.10
N GLU B 170 -39.43 5.85 3.77
CA GLU B 170 -40.47 5.25 2.93
C GLU B 170 -40.04 3.94 2.29
N LYS B 171 -38.75 3.61 2.31
CA LYS B 171 -38.23 2.39 1.71
C LYS B 171 -37.94 1.31 2.74
N LYS B 172 -38.15 1.58 4.02
CA LYS B 172 -37.93 0.59 5.08
C LYS B 172 -36.48 0.12 5.08
N TRP B 173 -35.57 1.05 5.34
CA TRP B 173 -34.15 0.78 5.43
C TRP B 173 -33.66 0.99 6.85
N GLN B 174 -32.41 0.58 7.09
CA GLN B 174 -31.75 0.74 8.38
C GLN B 174 -30.36 1.30 8.11
N VAL B 175 -30.26 2.61 8.15
CA VAL B 175 -29.01 3.30 7.82
C VAL B 175 -28.20 3.53 9.09
N THR B 176 -26.89 3.64 8.91
CA THR B 176 -25.94 3.89 9.99
C THR B 176 -25.01 5.00 9.51
N ALA B 177 -25.38 6.24 9.78
CA ALA B 177 -24.63 7.39 9.28
C ALA B 177 -23.43 7.69 10.18
N ILE B 178 -22.33 8.08 9.55
CA ILE B 178 -21.09 8.39 10.26
C ILE B 178 -20.40 9.54 9.53
N ASN B 179 -19.76 10.41 10.30
CA ASN B 179 -19.02 11.53 9.75
C ASN B 179 -17.52 11.29 9.91
N VAL B 180 -16.76 11.75 8.92
CA VAL B 180 -15.32 11.55 8.90
C VAL B 180 -14.63 12.88 8.59
N GLY B 181 -15.38 13.98 8.67
CA GLY B 181 -14.81 15.28 8.33
C GLY B 181 -14.03 15.91 9.45
N ASN B 182 -14.42 15.66 10.71
CA ASN B 182 -13.76 16.23 11.87
C ASN B 182 -12.60 15.38 12.36
N ILE B 183 -12.02 14.54 11.49
CA ILE B 183 -10.92 13.67 11.85
C ILE B 183 -9.62 14.33 11.43
N ASN B 184 -8.65 14.37 12.34
CA ASN B 184 -7.35 14.94 12.05
C ASN B 184 -6.46 13.92 11.34
N ASN B 185 -5.35 14.41 10.80
CA ASN B 185 -4.45 13.55 10.05
C ASN B 185 -3.59 12.68 10.96
N ASP B 186 -3.29 13.16 12.17
CA ASP B 186 -2.44 12.38 13.06
C ASP B 186 -3.17 11.17 13.62
N LYS B 187 -4.47 11.31 13.87
CA LYS B 187 -5.29 10.23 14.41
C LYS B 187 -6.19 9.56 13.38
N LYS B 188 -6.03 9.88 12.09
CA LYS B 188 -6.88 9.30 11.07
C LYS B 188 -6.79 7.78 11.08
N ASP B 189 -5.58 7.24 11.25
CA ASP B 189 -5.40 5.79 11.20
C ASP B 189 -6.21 5.10 12.29
N GLU B 190 -5.90 5.40 13.55
CA GLU B 190 -6.61 4.74 14.65
C GLU B 190 -8.11 5.00 14.61
N THR B 191 -8.53 6.13 14.07
CA THR B 191 -9.96 6.45 14.03
C THR B 191 -10.66 5.61 12.97
N TYR B 192 -10.14 5.59 11.75
CA TYR B 192 -10.76 4.80 10.69
C TYR B 192 -10.85 3.34 11.08
N ARG B 193 -9.78 2.80 11.67
CA ARG B 193 -9.79 1.40 12.06
C ARG B 193 -10.81 1.13 13.15
N SER B 194 -11.13 2.13 13.97
CA SER B 194 -12.13 1.94 15.01
C SER B 194 -13.54 1.89 14.41
N LEU B 195 -13.79 2.68 13.36
CA LEU B 195 -15.09 2.70 12.73
C LEU B 195 -15.48 1.30 12.26
N PHE B 196 -14.71 0.75 11.32
CA PHE B 196 -15.03 -0.56 10.77
C PHE B 196 -14.97 -1.65 11.84
N GLN B 197 -14.17 -1.45 12.88
CA GLN B 197 -14.16 -2.39 13.99
C GLN B 197 -15.51 -2.39 14.71
N ASP B 198 -16.09 -1.20 14.90
CA ASP B 198 -17.42 -1.13 15.50
C ASP B 198 -18.50 -1.64 14.56
N LEU B 199 -18.31 -1.44 13.25
CA LEU B 199 -19.32 -1.88 12.30
C LEU B 199 -19.44 -3.39 12.25
N GLU B 200 -18.39 -4.11 12.63
CA GLU B 200 -18.49 -5.56 12.70
C GLU B 200 -19.55 -6.00 13.69
N LEU B 201 -19.72 -5.24 14.77
CA LEU B 201 -20.74 -5.58 15.75
C LEU B 201 -22.12 -5.61 15.12
N LYS B 202 -22.43 -4.60 14.30
CA LYS B 202 -23.72 -4.54 13.61
C LYS B 202 -23.76 -5.41 12.37
N LYS B 203 -22.69 -6.13 12.06
CA LYS B 203 -22.64 -6.97 10.87
C LYS B 203 -22.82 -6.15 9.60
N GLU B 204 -22.18 -4.97 9.57
CA GLU B 204 -22.30 -4.06 8.45
C GLU B 204 -21.30 -4.45 7.37
N ARG B 205 -21.79 -5.05 6.29
CA ARG B 205 -20.96 -5.45 5.17
C ARG B 205 -21.13 -4.56 3.94
N ARG B 206 -22.18 -3.73 3.91
CA ARG B 206 -22.45 -2.85 2.80
C ARG B 206 -22.27 -1.39 3.24
N VAL B 207 -21.62 -0.60 2.39
CA VAL B 207 -21.15 0.73 2.78
C VAL B 207 -21.28 1.69 1.59
N ILE B 208 -21.40 2.97 1.92
CA ILE B 208 -21.43 4.05 0.95
C ILE B 208 -20.47 5.13 1.42
N LEU B 209 -19.73 5.70 0.47
CA LEU B 209 -18.72 6.72 0.76
C LEU B 209 -19.07 7.99 -0.01
N ASP B 210 -19.65 8.96 0.70
CA ASP B 210 -19.93 10.28 0.12
C ASP B 210 -18.81 11.23 0.57
N CYS B 211 -17.67 11.09 -0.08
CA CYS B 211 -16.48 11.85 0.29
C CYS B 211 -15.71 12.23 -0.97
N GLU B 212 -14.69 13.05 -0.78
CA GLU B 212 -13.85 13.50 -1.88
C GLU B 212 -12.83 12.43 -2.24
N ARG B 213 -12.01 12.72 -3.24
CA ARG B 213 -11.07 11.72 -3.75
C ARG B 213 -10.03 11.35 -2.71
N ASP B 214 -9.39 12.35 -2.09
CA ASP B 214 -8.37 12.06 -1.10
C ASP B 214 -8.95 11.31 0.09
N LYS B 215 -10.14 11.73 0.54
CA LYS B 215 -10.75 11.07 1.68
C LYS B 215 -11.09 9.62 1.37
N VAL B 216 -11.65 9.36 0.19
CA VAL B 216 -11.97 7.98 -0.16
C VAL B 216 -10.71 7.16 -0.35
N ASN B 217 -9.63 7.78 -0.84
CA ASN B 217 -8.38 7.06 -0.98
C ASN B 217 -7.83 6.65 0.38
N ASP B 218 -7.87 7.55 1.35
CA ASP B 218 -7.43 7.21 2.70
C ASP B 218 -8.31 6.12 3.29
N ILE B 219 -9.62 6.23 3.10
CA ILE B 219 -10.54 5.21 3.58
C ILE B 219 -10.18 3.85 3.00
N VAL B 220 -9.91 3.81 1.69
CA VAL B 220 -9.60 2.55 1.03
C VAL B 220 -8.27 2.00 1.53
N ASP B 221 -7.29 2.87 1.75
CA ASP B 221 -6.02 2.43 2.31
C ASP B 221 -6.24 1.74 3.65
N GLN B 222 -6.99 2.38 4.54
CA GLN B 222 -7.25 1.78 5.84
C GLN B 222 -8.06 0.49 5.70
N VAL B 223 -8.97 0.45 4.74
CA VAL B 223 -9.79 -0.75 4.53
C VAL B 223 -8.90 -1.92 4.14
N ILE B 224 -8.02 -1.72 3.17
CA ILE B 224 -7.15 -2.81 2.74
C ILE B 224 -6.16 -3.15 3.84
N THR B 225 -5.77 -2.18 4.65
CA THR B 225 -4.89 -2.47 5.78
C THR B 225 -5.58 -3.37 6.79
N ILE B 226 -6.88 -3.18 6.98
CA ILE B 226 -7.62 -3.97 7.96
C ILE B 226 -8.06 -5.31 7.39
N GLY B 227 -8.22 -5.42 6.08
CA GLY B 227 -8.63 -6.66 5.47
C GLY B 227 -10.12 -6.76 5.26
N LYS B 228 -10.71 -5.72 4.65
CA LYS B 228 -12.14 -5.69 4.38
C LYS B 228 -12.45 -5.48 2.91
N HIS B 229 -11.43 -5.40 2.05
CA HIS B 229 -11.63 -5.38 0.62
C HIS B 229 -11.84 -6.78 0.04
N VAL B 230 -12.01 -7.78 0.89
CA VAL B 230 -12.23 -9.15 0.47
C VAL B 230 -13.71 -9.37 0.20
N LYS B 231 -14.04 -10.47 -0.47
CA LYS B 231 -15.43 -10.78 -0.80
C LYS B 231 -16.31 -10.75 0.44
N GLY B 232 -17.61 -10.65 0.23
CA GLY B 232 -18.54 -10.46 1.32
C GLY B 232 -18.82 -9.01 1.66
N TYR B 233 -18.09 -8.08 1.05
CA TYR B 233 -18.26 -6.66 1.30
C TYR B 233 -18.65 -5.96 0.01
N HIS B 234 -19.36 -4.85 0.15
CA HIS B 234 -19.76 -4.02 -0.97
C HIS B 234 -19.46 -2.57 -0.63
N TYR B 235 -19.03 -1.81 -1.64
CA TYR B 235 -18.71 -0.41 -1.47
C TYR B 235 -19.27 0.38 -2.63
N ILE B 236 -19.58 1.65 -2.37
CA ILE B 236 -20.15 2.55 -3.37
C ILE B 236 -19.50 3.91 -3.21
N ILE B 237 -18.85 4.38 -4.26
CA ILE B 237 -18.21 5.69 -4.25
C ILE B 237 -19.25 6.71 -4.71
N ALA B 238 -19.83 7.42 -3.75
CA ALA B 238 -20.89 8.39 -4.05
C ALA B 238 -20.27 9.67 -4.59
N ASN B 239 -19.77 9.56 -5.81
CA ASN B 239 -19.21 10.71 -6.53
C ASN B 239 -19.06 10.34 -7.99
N LEU B 240 -18.76 11.36 -8.80
CA LEU B 240 -18.58 11.16 -10.23
C LEU B 240 -17.15 10.80 -10.60
N GLY B 241 -16.20 10.93 -9.67
CA GLY B 241 -14.83 10.58 -9.95
C GLY B 241 -14.49 9.15 -9.54
N PHE B 242 -15.12 8.18 -10.20
CA PHE B 242 -14.86 6.79 -9.88
C PHE B 242 -13.42 6.41 -10.21
N THR B 243 -13.04 6.57 -11.49
CA THR B 243 -11.67 6.27 -11.89
C THR B 243 -10.68 7.31 -11.39
N ASP B 244 -11.16 8.49 -11.00
CA ASP B 244 -10.26 9.53 -10.52
C ASP B 244 -9.40 9.04 -9.36
N GLY B 245 -9.88 8.04 -8.62
CA GLY B 245 -9.11 7.47 -7.53
C GLY B 245 -8.29 6.28 -7.96
N ASP B 246 -7.43 5.82 -7.06
CA ASP B 246 -6.58 4.67 -7.30
C ASP B 246 -7.33 3.42 -6.86
N LEU B 247 -7.77 2.62 -7.84
CA LEU B 247 -8.52 1.40 -7.58
C LEU B 247 -7.68 0.14 -7.74
N LEU B 248 -6.51 0.23 -8.37
CA LEU B 248 -5.67 -0.94 -8.57
C LEU B 248 -5.32 -1.63 -7.26
N LYS B 249 -5.36 -0.91 -6.14
CA LYS B 249 -5.05 -1.50 -4.84
C LYS B 249 -6.24 -2.21 -4.23
N ILE B 250 -7.41 -2.14 -4.84
CA ILE B 250 -8.61 -2.78 -4.30
C ILE B 250 -9.30 -3.58 -5.40
N GLN B 251 -8.69 -3.66 -6.57
CA GLN B 251 -9.33 -4.34 -7.69
C GLN B 251 -9.31 -5.85 -7.53
N PHE B 252 -8.26 -6.40 -6.92
CA PHE B 252 -8.07 -7.84 -6.83
C PHE B 252 -8.34 -8.38 -5.43
N GLY B 253 -9.17 -7.68 -4.66
CA GLY B 253 -9.52 -8.14 -3.34
C GLY B 253 -10.67 -9.11 -3.33
N GLY B 254 -11.55 -9.00 -4.34
CA GLY B 254 -12.72 -9.84 -4.43
C GLY B 254 -13.98 -9.24 -3.86
N ALA B 255 -13.99 -7.94 -3.58
CA ALA B 255 -15.12 -7.28 -2.96
C ALA B 255 -15.89 -6.48 -3.99
N ASN B 256 -17.22 -6.48 -3.84
CA ASN B 256 -18.06 -5.67 -4.72
C ASN B 256 -17.68 -4.20 -4.59
N VAL B 257 -17.66 -3.50 -5.72
CA VAL B 257 -17.42 -2.07 -5.75
C VAL B 257 -18.25 -1.46 -6.86
N SER B 258 -18.71 -0.24 -6.65
CA SER B 258 -19.55 0.45 -7.63
C SER B 258 -19.32 1.94 -7.51
N GLY B 259 -19.80 2.66 -8.50
CA GLY B 259 -19.60 4.10 -8.53
C GLY B 259 -20.26 4.71 -9.73
N PHE B 260 -19.90 5.96 -9.99
CA PHE B 260 -20.48 6.72 -11.10
C PHE B 260 -19.37 7.45 -11.83
N GLN B 261 -19.58 7.65 -13.13
CA GLN B 261 -18.64 8.35 -13.98
C GLN B 261 -19.42 9.17 -14.99
N ILE B 262 -19.25 10.50 -14.92
CA ILE B 262 -20.01 11.38 -15.81
C ILE B 262 -19.35 11.50 -17.18
N VAL B 263 -18.06 11.20 -17.28
CA VAL B 263 -17.34 11.24 -18.55
C VAL B 263 -17.09 9.81 -19.00
N ASP B 264 -17.51 9.49 -20.21
CA ASP B 264 -17.33 8.16 -20.80
C ASP B 264 -16.10 8.21 -21.68
N TYR B 265 -14.98 7.69 -21.17
CA TYR B 265 -13.71 7.76 -21.89
C TYR B 265 -13.75 7.07 -23.24
N ASP B 266 -14.81 6.34 -23.56
CA ASP B 266 -14.92 5.57 -24.80
C ASP B 266 -15.73 6.29 -25.86
N ASP B 267 -15.63 7.62 -25.94
CA ASP B 267 -16.35 8.40 -26.93
C ASP B 267 -15.38 9.17 -27.81
N SER B 268 -15.90 9.65 -28.94
CA SER B 268 -15.05 10.24 -29.98
C SER B 268 -14.35 11.50 -29.48
N LEU B 269 -15.13 12.52 -29.11
CA LEU B 269 -14.54 13.81 -28.78
C LEU B 269 -13.74 13.74 -27.49
N VAL B 270 -14.21 12.95 -26.52
CA VAL B 270 -13.46 12.80 -25.28
C VAL B 270 -12.14 12.10 -25.55
N SER B 271 -12.13 11.11 -26.45
CA SER B 271 -10.87 10.45 -26.79
C SER B 271 -9.93 11.40 -27.51
N LYS B 272 -10.46 12.22 -28.42
CA LYS B 272 -9.62 13.21 -29.08
C LYS B 272 -9.02 14.19 -28.08
N PHE B 273 -9.84 14.64 -27.12
CA PHE B 273 -9.33 15.54 -26.09
C PHE B 273 -8.27 14.85 -25.24
N ILE B 274 -8.46 13.57 -24.93
CA ILE B 274 -7.46 12.86 -24.16
C ILE B 274 -6.16 12.74 -24.94
N GLU B 275 -6.26 12.54 -26.25
CA GLU B 275 -5.08 12.51 -27.09
C GLU B 275 -4.33 13.85 -27.03
N ARG B 276 -5.06 14.95 -27.19
CA ARG B 276 -4.44 16.26 -27.10
C ARG B 276 -3.98 16.59 -25.68
N TRP B 277 -4.47 15.88 -24.68
CA TRP B 277 -4.23 16.18 -23.27
C TRP B 277 -3.00 15.46 -22.74
N SER B 278 -2.98 14.13 -22.84
CA SER B 278 -1.86 13.36 -22.33
C SER B 278 -0.55 13.75 -23.02
N THR B 279 -0.62 14.12 -24.29
CA THR B 279 0.60 14.50 -25.02
C THR B 279 1.21 15.77 -24.43
N LEU B 280 0.40 16.62 -23.81
CA LEU B 280 0.91 17.89 -23.30
C LEU B 280 1.93 17.65 -22.19
N GLU B 281 2.57 18.75 -21.79
CA GLU B 281 3.67 18.72 -20.85
C GLU B 281 3.22 19.13 -19.46
N GLU B 282 3.83 18.51 -18.45
CA GLU B 282 3.54 18.83 -17.05
C GLU B 282 4.22 20.12 -16.59
N LYS B 283 4.85 20.86 -17.50
CA LYS B 283 5.50 22.12 -17.14
C LYS B 283 4.58 23.31 -17.35
N GLU B 284 4.08 23.48 -18.57
CA GLU B 284 3.17 24.59 -18.85
C GLU B 284 1.73 24.26 -18.44
N TYR B 285 1.36 22.97 -18.47
CA TYR B 285 0.03 22.52 -18.10
C TYR B 285 0.17 21.39 -17.09
N PRO B 286 0.34 21.71 -15.81
CA PRO B 286 0.50 20.67 -14.80
C PRO B 286 -0.71 19.75 -14.75
N GLY B 287 -0.49 18.55 -14.21
CA GLY B 287 -1.52 17.54 -14.14
C GLY B 287 -2.22 17.31 -15.45
N ALA B 288 -1.45 17.17 -16.53
CA ALA B 288 -1.99 17.02 -17.87
C ALA B 288 -1.40 15.86 -18.66
N HIS B 289 -0.21 15.37 -18.32
CA HIS B 289 0.43 14.29 -19.07
C HIS B 289 -0.07 12.93 -18.59
N THR B 290 -1.39 12.76 -18.59
CA THR B 290 -2.03 11.52 -18.16
C THR B 290 -3.25 11.27 -19.03
N ALA B 291 -3.76 10.05 -18.97
CA ALA B 291 -4.94 9.67 -19.73
C ALA B 291 -6.23 9.90 -18.96
N THR B 292 -6.17 9.92 -17.63
CA THR B 292 -7.34 10.19 -16.81
C THR B 292 -7.46 11.69 -16.56
N ILE B 293 -8.69 12.12 -16.26
CA ILE B 293 -8.97 13.52 -15.99
C ILE B 293 -10.08 13.59 -14.95
N LYS B 294 -10.00 14.60 -14.09
CA LYS B 294 -10.99 14.77 -13.03
C LYS B 294 -12.24 15.44 -13.59
N TYR B 295 -13.40 15.03 -13.08
CA TYR B 295 -14.65 15.59 -13.56
C TYR B 295 -14.72 17.09 -13.31
N THR B 296 -14.00 17.58 -12.30
CA THR B 296 -13.92 19.02 -12.09
C THR B 296 -13.30 19.71 -13.30
N SER B 297 -12.18 19.17 -13.79
CA SER B 297 -11.53 19.75 -14.96
C SER B 297 -12.39 19.57 -16.21
N ALA B 298 -13.05 18.42 -16.33
CA ALA B 298 -13.95 18.22 -17.47
C ALA B 298 -15.06 19.27 -17.48
N LEU B 299 -15.62 19.55 -16.31
CA LEU B 299 -16.69 20.54 -16.22
C LEU B 299 -16.14 21.95 -16.43
N THR B 300 -14.90 22.21 -16.05
CA THR B 300 -14.27 23.48 -16.39
C THR B 300 -14.18 23.65 -17.89
N TYR B 301 -13.73 22.61 -18.59
CA TYR B 301 -13.67 22.63 -20.04
C TYR B 301 -15.05 22.91 -20.64
N ASP B 302 -16.05 22.16 -20.20
CA ASP B 302 -17.41 22.36 -20.70
C ASP B 302 -17.92 23.75 -20.36
N ALA B 303 -17.49 24.32 -19.23
CA ALA B 303 -17.91 25.66 -18.84
C ALA B 303 -17.36 26.70 -19.80
N VAL B 304 -16.06 26.59 -20.12
CA VAL B 304 -15.49 27.47 -21.12
C VAL B 304 -16.26 27.34 -22.43
N GLN B 305 -16.57 26.09 -22.82
CA GLN B 305 -17.30 25.87 -24.06
C GLN B 305 -18.63 26.62 -24.05
N VAL B 306 -19.42 26.44 -22.99
CA VAL B 306 -20.74 27.03 -22.95
C VAL B 306 -20.68 28.54 -22.86
N MET B 307 -19.70 29.08 -22.15
CA MET B 307 -19.56 30.53 -22.07
C MET B 307 -19.24 31.12 -23.45
N THR B 308 -18.28 30.50 -24.15
CA THR B 308 -17.99 30.95 -25.51
C THR B 308 -19.23 30.88 -26.39
N GLU B 309 -19.96 29.77 -26.31
CA GLU B 309 -21.16 29.61 -27.13
C GLU B 309 -22.19 30.68 -26.81
N ALA B 310 -22.36 31.00 -25.53
CA ALA B 310 -23.36 31.99 -25.14
C ALA B 310 -22.98 33.37 -25.64
N PHE B 311 -21.72 33.75 -25.48
CA PHE B 311 -21.29 35.06 -25.95
C PHE B 311 -21.37 35.15 -27.47
N ARG B 312 -21.06 34.07 -28.17
CA ARG B 312 -21.19 34.06 -29.62
C ARG B 312 -22.64 34.20 -30.04
N ASN B 313 -23.54 33.46 -29.38
CA ASN B 313 -24.96 33.56 -29.68
C ASN B 313 -25.47 34.98 -29.42
N LEU B 314 -24.98 35.61 -28.36
CA LEU B 314 -25.39 36.98 -28.07
C LEU B 314 -24.93 37.93 -29.16
N ARG B 315 -23.63 37.91 -29.48
CA ARG B 315 -23.12 38.77 -30.54
C ARG B 315 -23.80 38.48 -31.87
N LYS B 316 -24.32 37.27 -32.04
CA LYS B 316 -25.00 36.89 -33.28
C LYS B 316 -26.46 37.32 -33.29
N GLN B 317 -27.07 37.55 -32.13
CA GLN B 317 -28.46 37.94 -32.04
C GLN B 317 -28.66 39.45 -32.17
N ARG B 318 -27.67 40.16 -32.70
CA ARG B 318 -27.74 41.61 -32.86
C ARG B 318 -28.10 42.28 -31.53
N ILE B 319 -27.20 42.11 -30.57
CA ILE B 319 -27.40 42.58 -29.20
C ILE B 319 -26.19 43.42 -28.79
N GLU B 320 -26.33 44.09 -27.66
CA GLU B 320 -25.27 44.91 -27.08
C GLU B 320 -25.32 44.78 -25.57
N ILE B 321 -24.17 44.50 -24.96
CA ILE B 321 -24.10 44.24 -23.53
C ILE B 321 -23.01 45.09 -22.88
N SER B 322 -22.14 45.67 -23.70
CA SER B 322 -21.00 46.41 -23.18
C SER B 322 -21.45 47.47 -22.18
N ARG B 323 -20.89 47.43 -20.98
CA ARG B 323 -21.27 48.37 -19.93
C ARG B 323 -20.90 49.79 -20.35
N ARG B 324 -21.91 50.68 -20.32
CA ARG B 324 -21.66 52.07 -20.69
C ARG B 324 -20.64 52.71 -19.75
N GLY B 325 -20.80 52.47 -18.44
CA GLY B 325 -19.87 53.00 -17.46
C GLY B 325 -19.18 51.91 -16.68
N ASN B 326 -18.56 52.29 -15.57
CA ASN B 326 -17.85 51.33 -14.72
C ASN B 326 -18.86 50.54 -13.89
N ALA B 327 -18.36 49.71 -12.98
CA ALA B 327 -19.22 48.92 -12.10
C ALA B 327 -19.36 49.54 -10.72
N GLY B 328 -18.44 50.39 -10.30
CA GLY B 328 -18.52 51.01 -8.99
C GLY B 328 -17.89 50.15 -7.91
N ASP B 329 -18.73 49.48 -7.14
CA ASP B 329 -18.26 48.60 -6.07
C ASP B 329 -19.44 47.79 -5.55
N CYS B 330 -19.12 46.72 -4.81
CA CYS B 330 -20.17 45.89 -4.23
C CYS B 330 -21.06 46.69 -3.31
N LEU B 331 -20.47 47.47 -2.42
CA LEU B 331 -21.18 48.10 -1.31
C LEU B 331 -21.86 49.39 -1.70
N ALA B 332 -22.08 49.64 -2.99
CA ALA B 332 -22.81 50.82 -3.42
C ALA B 332 -24.25 50.74 -2.91
N ASN B 333 -24.61 51.63 -1.98
CA ASN B 333 -25.95 51.64 -1.40
C ASN B 333 -26.75 52.76 -2.03
N PRO B 334 -27.92 52.47 -2.64
CA PRO B 334 -28.53 51.15 -2.80
C PRO B 334 -27.84 50.32 -3.88
N ALA B 335 -28.14 49.02 -3.91
CA ALA B 335 -27.57 48.17 -4.95
C ALA B 335 -28.06 48.62 -6.32
N VAL B 336 -27.15 48.56 -7.30
CA VAL B 336 -27.46 49.01 -8.66
C VAL B 336 -27.02 47.95 -9.66
N PRO B 337 -27.88 46.99 -9.99
CA PRO B 337 -27.54 46.02 -11.04
C PRO B 337 -27.49 46.67 -12.41
N TRP B 338 -27.18 45.90 -13.43
CA TRP B 338 -27.20 46.37 -14.81
C TRP B 338 -28.11 45.46 -15.63
N GLY B 339 -28.73 46.05 -16.66
CA GLY B 339 -29.83 45.37 -17.33
C GLY B 339 -29.41 44.08 -18.01
N GLN B 340 -28.29 44.11 -18.74
CA GLN B 340 -27.93 42.97 -19.57
C GLN B 340 -27.59 41.73 -18.77
N GLY B 341 -27.57 41.81 -17.43
CA GLY B 341 -27.34 40.62 -16.64
C GLY B 341 -28.41 39.56 -16.85
N VAL B 342 -29.67 39.99 -16.93
CA VAL B 342 -30.76 39.04 -17.16
C VAL B 342 -30.62 38.40 -18.53
N GLU B 343 -30.21 39.18 -19.53
CA GLU B 343 -30.01 38.63 -20.86
C GLU B 343 -28.88 37.61 -20.86
N ILE B 344 -27.78 37.92 -20.17
CA ILE B 344 -26.67 36.98 -20.11
C ILE B 344 -27.09 35.70 -19.41
N GLU B 345 -27.87 35.82 -18.34
CA GLU B 345 -28.37 34.63 -17.66
C GLU B 345 -29.27 33.80 -18.57
N ARG B 346 -30.19 34.46 -19.27
CA ARG B 346 -31.06 33.76 -20.21
C ARG B 346 -30.24 33.03 -21.26
N ALA B 347 -29.16 33.66 -21.74
CA ALA B 347 -28.31 33.02 -22.74
C ALA B 347 -27.63 31.79 -22.16
N LEU B 348 -26.91 31.95 -21.04
CA LEU B 348 -26.21 30.84 -20.44
C LEU B 348 -27.16 29.70 -20.09
N LYS B 349 -28.42 30.01 -19.80
CA LYS B 349 -29.41 29.00 -19.50
C LYS B 349 -30.17 28.54 -20.73
N GLN B 350 -29.96 29.17 -21.88
CA GLN B 350 -30.60 28.78 -23.13
C GLN B 350 -29.62 28.07 -24.05
N VAL B 351 -28.73 27.26 -23.49
CA VAL B 351 -27.70 26.57 -24.24
C VAL B 351 -28.00 25.07 -24.26
N GLN B 352 -27.68 24.44 -25.38
CA GLN B 352 -27.83 22.99 -25.52
C GLN B 352 -26.74 22.51 -26.44
N VAL B 353 -25.64 22.03 -25.86
CA VAL B 353 -24.50 21.51 -26.59
C VAL B 353 -24.06 20.20 -25.92
N GLU B 354 -22.98 19.62 -26.44
CA GLU B 354 -22.46 18.36 -25.96
C GLU B 354 -20.97 18.50 -25.65
N GLY B 355 -20.53 17.79 -24.63
CA GLY B 355 -19.15 17.85 -24.21
C GLY B 355 -18.70 16.61 -23.49
N LEU B 356 -17.65 16.72 -22.67
CA LEU B 356 -17.14 15.57 -21.94
C LEU B 356 -18.22 14.94 -21.08
N SER B 357 -18.88 15.76 -20.25
CA SER B 357 -19.91 15.22 -19.37
C SER B 357 -21.11 14.70 -20.15
N GLY B 358 -21.26 15.12 -21.41
CA GLY B 358 -22.38 14.71 -22.24
C GLY B 358 -23.18 15.90 -22.71
N ASN B 359 -24.49 15.71 -22.81
CA ASN B 359 -25.36 16.81 -23.18
C ASN B 359 -25.41 17.84 -22.06
N ILE B 360 -25.51 19.11 -22.44
CA ILE B 360 -25.47 20.20 -21.49
C ILE B 360 -26.67 21.11 -21.71
N LYS B 361 -27.72 20.91 -20.93
CA LYS B 361 -28.93 21.73 -20.98
C LYS B 361 -29.31 22.12 -19.56
N PHE B 362 -29.72 23.37 -19.39
CA PHE B 362 -30.06 23.92 -18.09
C PHE B 362 -31.54 24.26 -18.02
N ASP B 363 -32.02 24.45 -16.79
CA ASP B 363 -33.39 24.84 -16.53
C ASP B 363 -33.43 26.31 -16.09
N GLN B 364 -34.63 26.79 -15.78
CA GLN B 364 -34.80 28.16 -15.35
C GLN B 364 -33.94 28.46 -14.12
N ASN B 365 -33.86 27.51 -13.19
CA ASN B 365 -33.07 27.73 -11.99
C ASN B 365 -31.58 27.76 -12.29
N GLY B 366 -31.16 27.07 -13.35
CA GLY B 366 -29.76 26.99 -13.72
C GLY B 366 -29.15 25.62 -13.58
N LYS B 367 -29.84 24.67 -12.97
CA LYS B 367 -29.31 23.32 -12.81
C LYS B 367 -29.42 22.54 -14.12
N ARG B 368 -28.67 21.45 -14.19
CA ARG B 368 -28.59 20.68 -15.42
C ARG B 368 -29.73 19.67 -15.52
N ILE B 369 -30.07 19.30 -16.75
CA ILE B 369 -31.15 18.36 -17.02
C ILE B 369 -30.81 17.59 -18.30
N ASN B 370 -31.60 16.55 -18.57
CA ASN B 370 -31.38 15.66 -19.71
C ASN B 370 -29.92 15.26 -19.79
N TYR B 371 -29.38 14.80 -18.67
CA TYR B 371 -28.00 14.35 -18.58
C TYR B 371 -27.98 12.85 -18.29
N THR B 372 -26.78 12.29 -18.30
CA THR B 372 -26.57 10.87 -18.11
C THR B 372 -25.44 10.64 -17.13
N ILE B 373 -25.56 9.58 -16.34
CA ILE B 373 -24.54 9.20 -15.37
C ILE B 373 -24.25 7.73 -15.52
N ASN B 374 -23.10 7.40 -16.10
CA ASN B 374 -22.75 6.01 -16.34
C ASN B 374 -22.36 5.31 -15.05
N ILE B 375 -23.12 4.29 -14.68
CA ILE B 375 -22.81 3.47 -13.51
C ILE B 375 -21.68 2.52 -13.88
N MET B 376 -20.84 2.19 -12.91
CA MET B 376 -19.67 1.37 -13.15
C MET B 376 -19.45 0.41 -11.99
N GLU B 377 -18.65 -0.61 -12.25
CA GLU B 377 -18.26 -1.60 -11.26
C GLU B 377 -16.79 -1.93 -11.47
N LEU B 378 -16.16 -2.50 -10.45
CA LEU B 378 -14.74 -2.79 -10.47
C LEU B 378 -14.55 -4.29 -10.70
N LYS B 379 -14.22 -4.65 -11.92
CA LYS B 379 -13.92 -6.04 -12.26
C LYS B 379 -12.41 -6.28 -12.15
N THR B 380 -12.04 -7.56 -12.07
CA THR B 380 -10.62 -7.90 -11.96
C THR B 380 -9.82 -7.39 -13.15
N ASN B 381 -10.43 -7.34 -14.34
CA ASN B 381 -9.75 -6.84 -15.53
C ASN B 381 -9.74 -5.33 -15.57
N GLY B 382 -10.88 -4.70 -15.26
CA GLY B 382 -10.98 -3.26 -15.26
C GLY B 382 -12.40 -2.79 -15.02
N PRO B 383 -12.56 -1.50 -14.73
CA PRO B 383 -13.90 -0.96 -14.46
C PRO B 383 -14.73 -0.83 -15.72
N ARG B 384 -15.86 -1.54 -15.76
CA ARG B 384 -16.75 -1.54 -16.90
C ARG B 384 -18.07 -0.87 -16.56
N LYS B 385 -18.73 -0.33 -17.58
CA LYS B 385 -20.00 0.35 -17.42
C LYS B 385 -21.13 -0.67 -17.47
N ILE B 386 -21.76 -0.93 -16.33
CA ILE B 386 -22.86 -1.88 -16.29
C ILE B 386 -24.18 -1.25 -16.71
N GLY B 387 -24.30 0.07 -16.60
CA GLY B 387 -25.54 0.72 -16.97
C GLY B 387 -25.39 2.22 -16.84
N TYR B 388 -26.51 2.91 -17.04
CA TYR B 388 -26.52 4.36 -16.97
C TYR B 388 -27.85 4.83 -16.37
N TRP B 389 -27.81 6.00 -15.74
CA TRP B 389 -28.96 6.61 -15.10
C TRP B 389 -29.30 7.92 -15.79
N SER B 390 -30.58 8.28 -15.77
CA SER B 390 -31.07 9.50 -16.39
C SER B 390 -32.10 10.14 -15.49
N GLU B 391 -32.62 11.29 -15.93
CA GLU B 391 -33.65 12.00 -15.19
C GLU B 391 -35.04 11.58 -15.63
N VAL B 392 -35.29 11.56 -16.94
CA VAL B 392 -36.59 11.11 -17.46
C VAL B 392 -36.72 9.60 -17.43
N ASP B 393 -35.61 8.86 -17.39
CA ASP B 393 -35.62 7.42 -17.32
C ASP B 393 -34.95 6.96 -16.03
N LYS B 394 -35.16 5.70 -15.70
CA LYS B 394 -34.58 5.11 -14.51
C LYS B 394 -33.20 4.53 -14.81
N MET B 395 -32.70 3.69 -13.92
CA MET B 395 -31.40 3.07 -14.10
C MET B 395 -31.47 1.98 -15.16
N VAL B 396 -31.13 2.33 -16.40
CA VAL B 396 -31.13 1.37 -17.51
C VAL B 396 -29.90 0.48 -17.41
N VAL B 397 -30.12 -0.80 -17.13
CA VAL B 397 -29.00 -1.74 -17.06
C VAL B 397 -28.60 -2.17 -18.47
N THR B 398 -27.35 -2.58 -18.63
CA THR B 398 -26.82 -3.07 -19.89
C THR B 398 -26.28 -4.48 -19.67
N LEU B 399 -27.06 -5.48 -20.06
CA LEU B 399 -26.66 -6.86 -19.84
C LEU B 399 -25.59 -7.31 -20.83
N THR B 400 -25.60 -6.78 -22.04
CA THR B 400 -24.60 -7.14 -23.05
C THR B 400 -24.67 -8.63 -23.36
N ASN C 25 49.10 -25.89 -40.70
CA ASN C 25 48.26 -25.22 -39.71
C ASN C 25 47.94 -26.15 -38.54
N SER C 26 47.76 -25.56 -37.37
CA SER C 26 47.43 -26.33 -36.17
C SER C 26 46.66 -25.43 -35.21
N ILE C 27 46.11 -26.05 -34.17
CA ILE C 27 45.28 -25.36 -33.20
C ILE C 27 45.66 -25.83 -31.80
N GLN C 28 45.58 -24.90 -30.85
CA GLN C 28 45.86 -25.17 -29.45
C GLN C 28 44.56 -25.08 -28.67
N ILE C 29 44.21 -26.16 -27.97
CA ILE C 29 43.01 -26.22 -27.15
C ILE C 29 43.40 -26.78 -25.78
N GLY C 30 42.40 -26.95 -24.92
CA GLY C 30 42.62 -27.42 -23.58
C GLY C 30 41.67 -28.53 -23.20
N GLY C 31 42.16 -29.43 -22.34
CA GLY C 31 41.36 -30.53 -21.85
C GLY C 31 41.40 -30.66 -20.35
N LEU C 32 40.23 -30.52 -19.71
CA LEU C 32 40.11 -30.61 -18.27
C LEU C 32 39.37 -31.91 -17.95
N PHE C 33 40.14 -32.96 -17.70
CA PHE C 33 39.60 -34.27 -17.38
C PHE C 33 39.89 -34.62 -15.94
N PRO C 34 38.89 -35.02 -15.15
CA PRO C 34 39.15 -35.35 -13.75
C PRO C 34 39.95 -36.62 -13.62
N ARG C 35 40.70 -36.72 -12.51
CA ARG C 35 41.46 -37.93 -12.23
C ARG C 35 40.51 -39.12 -12.11
N GLY C 36 40.58 -40.03 -13.06
CA GLY C 36 39.68 -41.18 -13.12
C GLY C 36 38.88 -41.27 -14.40
N ALA C 37 38.94 -40.28 -15.28
CA ALA C 37 38.22 -40.30 -16.55
C ALA C 37 39.05 -40.92 -17.66
N ASP C 38 39.57 -42.12 -17.38
CA ASP C 38 40.44 -42.80 -18.34
C ASP C 38 39.68 -43.14 -19.62
N GLN C 39 38.46 -43.66 -19.48
CA GLN C 39 37.66 -44.00 -20.65
C GLN C 39 37.34 -42.75 -21.47
N GLU C 40 37.04 -41.64 -20.79
CA GLU C 40 36.73 -40.41 -21.50
C GLU C 40 37.95 -39.89 -22.26
N TYR C 41 39.12 -39.95 -21.65
CA TYR C 41 40.33 -39.52 -22.34
C TYR C 41 40.64 -40.45 -23.52
N SER C 42 40.40 -41.74 -23.35
CA SER C 42 40.60 -42.68 -24.44
C SER C 42 39.69 -42.34 -25.61
N ALA C 43 38.41 -42.09 -25.33
CA ALA C 43 37.48 -41.70 -26.40
C ALA C 43 37.90 -40.39 -27.03
N PHE C 44 38.39 -39.46 -26.22
CA PHE C 44 38.90 -38.19 -26.76
C PHE C 44 40.01 -38.44 -27.77
N ARG C 45 40.98 -39.27 -27.41
CA ARG C 45 42.08 -39.57 -28.33
C ARG C 45 41.57 -40.28 -29.58
N VAL C 46 40.66 -41.23 -29.40
CA VAL C 46 40.12 -41.97 -30.54
C VAL C 46 39.46 -40.99 -31.52
N GLY C 47 38.71 -40.04 -31.00
CA GLY C 47 38.08 -39.06 -31.87
C GLY C 47 39.09 -38.14 -32.53
N MET C 48 40.09 -37.69 -31.77
CA MET C 48 41.11 -36.82 -32.34
C MET C 48 41.85 -37.51 -33.48
N VAL C 49 42.02 -38.83 -33.40
CA VAL C 49 42.70 -39.53 -34.47
C VAL C 49 41.76 -39.91 -35.60
N GLN C 50 40.48 -40.13 -35.31
CA GLN C 50 39.52 -40.47 -36.36
C GLN C 50 39.21 -39.26 -37.23
N PHE C 51 38.73 -38.18 -36.62
CA PHE C 51 38.43 -36.96 -37.37
C PHE C 51 39.68 -36.20 -37.77
N SER C 52 40.87 -36.75 -37.52
CA SER C 52 42.10 -36.06 -37.88
C SER C 52 42.18 -35.85 -39.39
N THR C 53 42.17 -34.59 -39.82
CA THR C 53 42.31 -34.23 -41.21
C THR C 53 43.56 -33.36 -41.35
N SER C 54 44.43 -33.74 -42.30
CA SER C 54 45.66 -32.98 -42.51
C SER C 54 45.39 -31.52 -42.84
N GLU C 55 44.18 -31.20 -43.35
CA GLU C 55 43.85 -29.81 -43.62
C GLU C 55 44.01 -28.96 -42.36
N PHE C 56 43.67 -29.51 -41.20
CA PHE C 56 43.86 -28.81 -39.93
C PHE C 56 43.87 -29.85 -38.82
N ARG C 57 45.03 -30.02 -38.18
CA ARG C 57 45.19 -30.97 -37.09
C ARG C 57 45.31 -30.21 -35.78
N LEU C 58 44.54 -30.64 -34.79
CA LEU C 58 44.50 -29.95 -33.51
C LEU C 58 45.65 -30.41 -32.62
N THR C 59 45.92 -29.61 -31.59
CA THR C 59 47.02 -29.86 -30.66
C THR C 59 46.56 -29.50 -29.25
N PRO C 60 46.02 -30.46 -28.51
CA PRO C 60 45.50 -30.16 -27.18
C PRO C 60 46.60 -30.21 -26.12
N HIS C 61 46.27 -29.66 -24.95
CA HIS C 61 47.14 -29.68 -23.79
C HIS C 61 46.30 -30.11 -22.60
N ILE C 62 46.35 -31.41 -22.28
CA ILE C 62 45.51 -31.95 -21.23
C ILE C 62 45.99 -31.45 -19.86
N ASP C 63 45.07 -31.41 -18.90
CA ASP C 63 45.39 -30.99 -17.54
C ASP C 63 44.41 -31.68 -16.61
N ASN C 64 44.86 -32.76 -15.98
CA ASN C 64 44.02 -33.48 -15.03
C ASN C 64 44.09 -32.83 -13.66
N LEU C 65 42.97 -32.90 -12.93
CA LEU C 65 42.87 -32.24 -11.64
C LEU C 65 41.55 -32.65 -10.98
N GLU C 66 41.43 -32.36 -9.70
CA GLU C 66 40.18 -32.55 -8.97
C GLU C 66 39.18 -31.52 -9.47
N VAL C 67 38.16 -31.98 -10.21
CA VAL C 67 37.24 -31.06 -10.85
C VAL C 67 36.36 -30.34 -9.85
N ALA C 68 36.27 -30.83 -8.62
CA ALA C 68 35.46 -30.20 -7.58
C ALA C 68 36.23 -29.16 -6.79
N ASN C 69 37.41 -28.76 -7.26
CA ASN C 69 38.23 -27.75 -6.59
C ASN C 69 38.33 -26.54 -7.52
N SER C 70 37.54 -25.51 -7.23
CA SER C 70 37.51 -24.34 -8.08
C SER C 70 38.88 -23.68 -8.18
N PHE C 71 39.70 -23.81 -7.14
CA PHE C 71 41.05 -23.24 -7.18
C PHE C 71 41.86 -23.87 -8.31
N ALA C 72 41.96 -25.19 -8.30
CA ALA C 72 42.70 -25.88 -9.36
C ALA C 72 42.04 -25.69 -10.71
N VAL C 73 40.70 -25.63 -10.74
CA VAL C 73 40.00 -25.37 -12.00
C VAL C 73 40.47 -24.05 -12.60
N THR C 74 40.50 -23.00 -11.77
CA THR C 74 40.95 -21.70 -12.25
C THR C 74 42.42 -21.72 -12.63
N ASN C 75 43.24 -22.45 -11.88
CA ASN C 75 44.64 -22.58 -12.22
C ASN C 75 44.81 -23.13 -13.63
N ALA C 76 44.15 -24.27 -13.90
CA ALA C 76 44.27 -24.88 -15.21
C ALA C 76 43.66 -23.99 -16.29
N PHE C 77 42.55 -23.32 -15.97
CA PHE C 77 41.90 -22.43 -16.93
C PHE C 77 42.86 -21.32 -17.34
N CYS C 78 43.52 -20.69 -16.37
CA CYS C 78 44.43 -19.61 -16.69
C CYS C 78 45.67 -20.12 -17.40
N SER C 79 46.14 -21.31 -17.03
CA SER C 79 47.26 -21.92 -17.75
C SER C 79 46.93 -22.08 -19.23
N GLN C 80 45.78 -22.69 -19.52
CA GLN C 80 45.40 -22.92 -20.91
C GLN C 80 44.98 -21.64 -21.61
N PHE C 81 44.63 -20.60 -20.87
CA PHE C 81 44.31 -19.31 -21.47
C PHE C 81 45.57 -18.57 -21.86
N SER C 82 46.60 -18.62 -21.03
CA SER C 82 47.87 -18.01 -21.37
C SER C 82 48.60 -18.82 -22.45
N ARG C 83 48.37 -20.13 -22.50
CA ARG C 83 48.99 -20.95 -23.53
C ARG C 83 48.63 -20.47 -24.93
N GLY C 84 47.54 -19.72 -25.08
CA GLY C 84 47.15 -19.19 -26.37
C GLY C 84 46.20 -20.11 -27.12
N VAL C 85 45.12 -20.49 -26.47
CA VAL C 85 44.15 -21.41 -27.05
C VAL C 85 42.92 -20.63 -27.48
N TYR C 86 42.06 -21.29 -28.26
CA TYR C 86 40.84 -20.68 -28.76
C TYR C 86 39.58 -21.27 -28.15
N ALA C 87 39.59 -22.56 -27.82
CA ALA C 87 38.46 -23.22 -27.18
C ALA C 87 38.98 -24.17 -26.11
N ILE C 88 38.11 -24.53 -25.18
CA ILE C 88 38.45 -25.39 -24.06
C ILE C 88 37.39 -26.47 -23.93
N PHE C 89 37.82 -27.67 -23.54
CA PHE C 89 36.94 -28.81 -23.33
C PHE C 89 37.22 -29.38 -21.96
N GLY C 90 36.18 -29.86 -21.30
CA GLY C 90 36.34 -30.45 -19.99
C GLY C 90 35.01 -30.60 -19.28
N PHE C 91 35.09 -31.16 -18.09
CA PHE C 91 33.93 -31.42 -17.25
C PHE C 91 33.81 -30.35 -16.18
N TYR C 92 32.77 -30.47 -15.36
CA TYR C 92 32.62 -29.63 -14.18
C TYR C 92 31.54 -30.22 -13.30
N ASP C 93 31.61 -29.88 -12.02
CA ASP C 93 30.64 -30.33 -11.02
C ASP C 93 29.78 -29.14 -10.60
N LYS C 94 28.89 -29.39 -9.63
CA LYS C 94 28.06 -28.33 -9.09
C LYS C 94 28.83 -27.37 -8.20
N LYS C 95 30.14 -27.58 -8.04
CA LYS C 95 30.99 -26.70 -7.26
C LYS C 95 31.94 -25.88 -8.12
N SER C 96 31.93 -26.06 -9.43
CA SER C 96 32.79 -25.31 -10.34
C SER C 96 32.07 -24.77 -11.56
N VAL C 97 30.80 -25.14 -11.76
CA VAL C 97 30.07 -24.66 -12.92
C VAL C 97 29.99 -23.15 -12.93
N ASN C 98 29.78 -22.54 -11.77
CA ASN C 98 29.69 -21.09 -11.70
C ASN C 98 31.01 -20.44 -12.08
N THR C 99 32.11 -20.96 -11.54
CA THR C 99 33.43 -20.46 -11.90
C THR C 99 33.65 -20.53 -13.40
N ILE C 100 33.36 -21.69 -13.99
CA ILE C 100 33.59 -21.87 -15.42
C ILE C 100 32.74 -20.88 -16.21
N THR C 101 31.44 -20.81 -15.91
CA THR C 101 30.56 -19.91 -16.65
C THR C 101 31.02 -18.47 -16.55
N SER C 102 31.39 -18.03 -15.34
CA SER C 102 31.81 -16.66 -15.16
C SER C 102 33.07 -16.36 -15.97
N PHE C 103 34.10 -17.20 -15.80
CA PHE C 103 35.35 -16.97 -16.52
C PHE C 103 35.12 -16.95 -18.03
N CYS C 104 34.32 -17.89 -18.54
CA CYS C 104 34.10 -17.96 -19.98
C CYS C 104 33.34 -16.73 -20.46
N GLY C 105 32.14 -16.50 -19.92
CA GLY C 105 31.35 -15.34 -20.32
C GLY C 105 32.06 -14.02 -20.12
N THR C 106 33.11 -13.99 -19.30
CA THR C 106 33.89 -12.77 -19.13
C THR C 106 34.95 -12.64 -20.20
N LEU C 107 35.82 -13.63 -20.32
CA LEU C 107 36.90 -13.60 -21.31
C LEU C 107 36.43 -13.97 -22.71
N HIS C 108 35.14 -14.25 -22.90
CA HIS C 108 34.60 -14.63 -24.20
C HIS C 108 35.37 -15.82 -24.77
N VAL C 109 35.30 -16.94 -24.04
CA VAL C 109 36.01 -18.16 -24.38
C VAL C 109 35.03 -19.31 -24.39
N SER C 110 35.01 -20.05 -25.48
CA SER C 110 34.07 -21.16 -25.63
C SER C 110 34.52 -22.35 -24.79
N PHE C 111 33.57 -22.95 -24.08
CA PHE C 111 33.83 -24.11 -23.23
C PHE C 111 32.86 -25.21 -23.56
N ILE C 112 33.37 -26.31 -24.07
CA ILE C 112 32.56 -27.47 -24.42
C ILE C 112 32.55 -28.44 -23.24
N THR C 113 31.41 -29.03 -22.96
CA THR C 113 31.30 -29.94 -21.82
C THR C 113 30.12 -30.88 -21.97
N PRO C 114 30.32 -32.19 -21.75
CA PRO C 114 29.17 -33.10 -21.64
C PRO C 114 28.52 -33.10 -20.26
N SER C 115 29.16 -32.48 -19.27
CA SER C 115 28.59 -32.47 -17.93
C SER C 115 27.20 -31.85 -17.94
N PHE C 116 26.49 -32.03 -16.82
CA PHE C 116 25.10 -31.61 -16.70
C PHE C 116 24.93 -30.17 -17.19
N PRO C 117 23.77 -29.83 -17.77
CA PRO C 117 23.59 -28.46 -18.26
C PRO C 117 23.56 -27.44 -17.14
N THR C 118 23.39 -26.17 -17.49
CA THR C 118 23.36 -25.07 -16.53
C THR C 118 21.93 -24.55 -16.41
N ASP C 119 21.56 -24.15 -15.20
CA ASP C 119 20.22 -23.61 -14.94
C ASP C 119 20.17 -22.12 -15.26
N GLY C 120 20.42 -21.81 -16.52
CA GLY C 120 20.41 -20.43 -16.97
C GLY C 120 20.93 -20.31 -18.38
N THR C 121 20.92 -19.08 -18.87
CA THR C 121 21.40 -18.77 -20.21
C THR C 121 22.86 -18.31 -20.14
N HIS C 122 23.73 -19.28 -19.88
CA HIS C 122 25.15 -19.02 -19.74
C HIS C 122 25.80 -19.07 -21.12
N PRO C 123 26.29 -17.96 -21.65
CA PRO C 123 26.89 -17.98 -22.98
C PRO C 123 28.29 -18.58 -22.96
N PHE C 124 28.83 -18.76 -24.17
CA PHE C 124 30.19 -19.28 -24.36
C PHE C 124 30.35 -20.66 -23.73
N VAL C 125 29.25 -21.40 -23.64
CA VAL C 125 29.27 -22.77 -23.11
C VAL C 125 28.46 -23.65 -24.05
N ILE C 126 29.01 -24.80 -24.41
CA ILE C 126 28.38 -25.73 -25.33
C ILE C 126 28.01 -26.97 -24.51
N GLN C 127 26.74 -27.07 -24.13
CA GLN C 127 26.25 -28.17 -23.31
C GLN C 127 25.81 -29.29 -24.24
N MET C 128 26.56 -30.40 -24.23
CA MET C 128 26.26 -31.53 -25.10
C MET C 128 25.31 -32.53 -24.47
N ARG C 129 25.21 -32.57 -23.16
CA ARG C 129 24.29 -33.48 -22.49
C ARG C 129 22.87 -32.94 -22.60
N PRO C 130 21.97 -33.61 -23.33
CA PRO C 130 20.61 -33.09 -23.46
C PRO C 130 19.90 -33.02 -22.11
N ASP C 131 18.71 -32.43 -22.15
CA ASP C 131 17.89 -32.33 -20.96
C ASP C 131 17.23 -33.67 -20.65
N LEU C 132 16.70 -33.78 -19.43
CA LEU C 132 16.06 -35.01 -18.97
C LEU C 132 14.71 -34.80 -18.30
N LYS C 133 14.42 -33.60 -17.79
CA LYS C 133 13.16 -33.39 -17.10
C LYS C 133 11.97 -33.68 -17.99
N GLY C 134 12.04 -33.27 -19.26
CA GLY C 134 10.94 -33.48 -20.18
C GLY C 134 10.58 -34.94 -20.34
N ALA C 135 11.56 -35.74 -20.78
CA ALA C 135 11.31 -37.16 -20.99
C ALA C 135 10.97 -37.85 -19.68
N LEU C 136 11.56 -37.41 -18.57
CA LEU C 136 11.26 -38.03 -17.28
C LEU C 136 9.79 -37.83 -16.92
N LEU C 137 9.31 -36.59 -16.98
CA LEU C 137 7.92 -36.32 -16.65
C LEU C 137 6.98 -37.00 -17.65
N SER C 138 7.38 -37.06 -18.92
CA SER C 138 6.57 -37.75 -19.92
C SER C 138 6.41 -39.22 -19.56
N LEU C 139 7.53 -39.90 -19.26
CA LEU C 139 7.47 -41.30 -18.86
C LEU C 139 6.63 -41.48 -17.62
N ILE C 140 6.79 -40.60 -16.63
CA ILE C 140 6.01 -40.68 -15.41
C ILE C 140 4.52 -40.65 -15.72
N GLU C 141 4.07 -39.56 -16.36
CA GLU C 141 2.65 -39.44 -16.68
C GLU C 141 2.19 -40.52 -17.64
N TYR C 142 3.12 -41.18 -18.34
CA TYR C 142 2.75 -42.29 -19.20
C TYR C 142 2.46 -43.55 -18.40
N TYR C 143 3.24 -43.80 -17.36
CA TYR C 143 2.97 -44.91 -16.46
C TYR C 143 1.85 -44.61 -15.48
N GLN C 144 1.21 -43.43 -15.58
CA GLN C 144 0.05 -43.09 -14.77
C GLN C 144 0.39 -43.17 -13.27
N TRP C 145 1.29 -42.29 -12.86
CA TRP C 145 1.74 -42.22 -11.48
C TRP C 145 1.13 -41.02 -10.77
N ASP C 146 0.79 -41.21 -9.50
CA ASP C 146 0.27 -40.13 -8.67
C ASP C 146 0.88 -40.04 -7.29
N LYS C 147 1.59 -41.08 -6.82
CA LYS C 147 2.24 -41.03 -5.52
C LYS C 147 3.50 -41.88 -5.63
N PHE C 148 4.66 -41.24 -5.54
CA PHE C 148 5.93 -41.93 -5.72
C PHE C 148 6.98 -41.26 -4.85
N ALA C 149 8.23 -41.62 -5.07
CA ALA C 149 9.36 -41.09 -4.32
C ALA C 149 10.40 -40.55 -5.27
N TYR C 150 11.40 -39.87 -4.71
CA TYR C 150 12.46 -39.26 -5.51
C TYR C 150 13.71 -39.16 -4.66
N LEU C 151 14.68 -40.03 -4.95
CA LEU C 151 15.96 -40.04 -4.25
C LEU C 151 16.97 -39.33 -5.13
N TYR C 152 17.43 -38.17 -4.67
CA TYR C 152 18.30 -37.30 -5.44
C TYR C 152 19.66 -37.17 -4.79
N ASP C 153 20.60 -36.60 -5.55
CA ASP C 153 21.94 -36.31 -5.08
C ASP C 153 22.37 -34.97 -5.64
N SER C 154 22.97 -34.14 -4.81
CA SER C 154 23.40 -32.82 -5.22
C SER C 154 24.65 -32.83 -6.10
N ASP C 155 25.14 -34.00 -6.52
CA ASP C 155 26.33 -34.05 -7.36
C ASP C 155 26.09 -33.49 -8.76
N ARG C 156 24.84 -33.16 -9.11
CA ARG C 156 24.53 -32.62 -10.42
C ARG C 156 23.65 -31.39 -10.40
N GLY C 157 22.93 -31.12 -9.31
CA GLY C 157 22.04 -29.99 -9.20
C GLY C 157 20.70 -30.41 -8.66
N LEU C 158 19.72 -29.49 -8.77
CA LEU C 158 18.38 -29.76 -8.29
C LEU C 158 17.32 -29.27 -9.28
N SER C 159 17.70 -29.06 -10.54
CA SER C 159 16.72 -28.64 -11.54
C SER C 159 15.67 -29.72 -11.77
N THR C 160 16.09 -30.99 -11.82
CA THR C 160 15.13 -32.07 -11.96
C THR C 160 14.18 -32.10 -10.77
N LEU C 161 14.71 -31.88 -9.56
CA LEU C 161 13.86 -31.86 -8.38
C LEU C 161 12.83 -30.73 -8.46
N GLN C 162 13.28 -29.53 -8.84
CA GLN C 162 12.36 -28.41 -8.94
C GLN C 162 11.29 -28.66 -9.99
N ALA C 163 11.69 -29.23 -11.13
CA ALA C 163 10.73 -29.56 -12.16
C ALA C 163 9.72 -30.57 -11.66
N VAL C 164 10.19 -31.59 -10.94
CA VAL C 164 9.28 -32.60 -10.40
C VAL C 164 8.29 -31.97 -9.44
N LEU C 165 8.77 -31.06 -8.60
CA LEU C 165 7.89 -30.45 -7.60
C LEU C 165 6.84 -29.55 -8.26
N ASP C 166 7.25 -28.76 -9.26
CA ASP C 166 6.28 -27.91 -9.94
C ASP C 166 5.26 -28.75 -10.71
N SER C 167 5.72 -29.83 -11.36
CA SER C 167 4.79 -30.70 -12.05
C SER C 167 3.86 -31.40 -11.09
N ALA C 168 4.33 -31.71 -9.87
CA ALA C 168 3.45 -32.28 -8.86
C ALA C 168 2.38 -31.28 -8.45
N ALA C 169 2.79 -30.05 -8.18
CA ALA C 169 1.82 -29.01 -7.84
C ALA C 169 0.79 -28.84 -8.96
N GLU C 170 1.23 -28.93 -10.21
CA GLU C 170 0.33 -28.78 -11.35
C GLU C 170 -0.33 -30.09 -11.76
N LYS C 171 -0.11 -31.17 -11.02
CA LYS C 171 -0.67 -32.48 -11.35
C LYS C 171 -1.29 -33.20 -10.16
N LYS C 172 -1.26 -32.61 -8.97
CA LYS C 172 -1.84 -33.21 -7.78
C LYS C 172 -1.16 -34.55 -7.47
N TRP C 173 0.14 -34.49 -7.25
CA TRP C 173 0.96 -35.65 -6.91
C TRP C 173 1.36 -35.58 -5.45
N GLN C 174 1.89 -36.70 -4.95
CA GLN C 174 2.36 -36.82 -3.57
C GLN C 174 3.78 -37.38 -3.64
N VAL C 175 4.75 -36.50 -3.75
CA VAL C 175 6.15 -36.90 -3.86
C VAL C 175 6.75 -37.03 -2.46
N THR C 176 7.78 -37.86 -2.36
CA THR C 176 8.53 -38.07 -1.12
C THR C 176 10.01 -37.90 -1.45
N ALA C 177 10.49 -36.67 -1.38
CA ALA C 177 11.86 -36.38 -1.75
C ALA C 177 12.82 -36.74 -0.63
N ILE C 178 13.97 -37.29 -1.00
CA ILE C 178 14.98 -37.71 -0.05
C ILE C 178 16.35 -37.50 -0.69
N ASN C 179 17.31 -37.09 0.13
CA ASN C 179 18.68 -36.90 -0.30
C ASN C 179 19.55 -38.04 0.21
N VAL C 180 20.39 -38.58 -0.67
CA VAL C 180 21.23 -39.72 -0.32
C VAL C 180 22.69 -39.41 -0.69
N GLY C 181 23.02 -38.12 -0.77
CA GLY C 181 24.38 -37.71 -1.07
C GLY C 181 25.16 -37.38 0.19
N ASN C 182 24.54 -36.62 1.09
CA ASN C 182 25.18 -36.29 2.35
C ASN C 182 25.46 -37.52 3.19
N ILE C 183 24.76 -38.63 2.93
CA ILE C 183 24.96 -39.86 3.70
C ILE C 183 26.32 -40.44 3.33
N ASN C 184 27.20 -40.54 4.32
CA ASN C 184 28.52 -41.10 4.09
C ASN C 184 28.43 -42.56 3.70
N ASN C 185 29.57 -43.12 3.31
CA ASN C 185 29.63 -44.53 2.92
C ASN C 185 29.75 -45.45 4.13
N ASP C 186 30.12 -44.92 5.30
CA ASP C 186 30.24 -45.74 6.49
C ASP C 186 28.89 -46.13 7.11
N LYS C 187 27.86 -45.31 6.91
CA LYS C 187 26.52 -45.59 7.42
C LYS C 187 25.51 -45.77 6.32
N LYS C 188 25.97 -45.95 5.07
CA LYS C 188 25.06 -46.08 3.94
C LYS C 188 24.09 -47.24 4.14
N ASP C 189 24.62 -48.44 4.36
CA ASP C 189 23.78 -49.63 4.50
C ASP C 189 22.72 -49.42 5.58
N GLU C 190 23.15 -48.99 6.77
CA GLU C 190 22.21 -48.78 7.87
C GLU C 190 21.16 -47.73 7.50
N THR C 191 21.61 -46.62 6.91
CA THR C 191 20.69 -45.56 6.53
C THR C 191 19.74 -46.03 5.43
N TYR C 192 20.30 -46.49 4.31
CA TYR C 192 19.46 -46.94 3.19
C TYR C 192 18.44 -47.97 3.65
N ARG C 193 18.90 -49.00 4.36
CA ARG C 193 17.98 -50.01 4.88
C ARG C 193 16.88 -49.36 5.71
N SER C 194 17.24 -48.35 6.50
CA SER C 194 16.24 -47.65 7.31
C SER C 194 15.23 -46.94 6.43
N LEU C 195 15.71 -46.31 5.35
CA LEU C 195 14.80 -45.58 4.47
C LEU C 195 13.86 -46.55 3.75
N PHE C 196 14.39 -47.66 3.25
CA PHE C 196 13.53 -48.64 2.58
C PHE C 196 12.54 -49.24 3.57
N GLN C 197 12.96 -49.44 4.81
CA GLN C 197 12.05 -50.02 5.81
C GLN C 197 10.93 -49.06 6.15
N ASP C 198 11.26 -47.80 6.45
CA ASP C 198 10.26 -46.82 6.84
C ASP C 198 9.50 -46.27 5.64
N LEU C 199 9.89 -46.66 4.42
CA LEU C 199 9.19 -46.20 3.23
C LEU C 199 7.92 -46.99 3.00
N GLU C 200 7.96 -48.31 3.22
CA GLU C 200 6.78 -49.14 3.00
C GLU C 200 5.62 -48.73 3.88
N LEU C 201 5.87 -48.01 4.98
CA LEU C 201 4.80 -47.56 5.85
C LEU C 201 3.75 -46.76 5.08
N LYS C 202 4.17 -45.98 4.09
CA LYS C 202 3.27 -45.25 3.21
C LYS C 202 2.83 -46.09 2.03
N LYS C 203 3.13 -47.40 2.04
CA LYS C 203 2.79 -48.28 0.93
C LYS C 203 3.41 -47.81 -0.38
N GLU C 204 4.59 -47.18 -0.30
CA GLU C 204 5.26 -46.63 -1.47
C GLU C 204 6.12 -47.71 -2.09
N ARG C 205 5.62 -48.28 -3.20
CA ARG C 205 6.37 -49.28 -3.96
C ARG C 205 7.09 -48.69 -5.16
N ARG C 206 6.57 -47.60 -5.74
CA ARG C 206 7.22 -46.96 -6.86
C ARG C 206 8.30 -46.00 -6.36
N VAL C 207 9.40 -45.91 -7.12
CA VAL C 207 10.59 -45.18 -6.67
C VAL C 207 11.28 -44.59 -7.89
N ILE C 208 12.02 -43.50 -7.66
CA ILE C 208 12.86 -42.87 -8.66
C ILE C 208 14.26 -42.73 -8.08
N LEU C 209 15.25 -42.75 -8.97
CA LEU C 209 16.67 -42.70 -8.59
C LEU C 209 17.38 -41.69 -9.45
N ASP C 210 17.62 -40.49 -8.90
CA ASP C 210 18.39 -39.46 -9.58
C ASP C 210 19.79 -39.43 -8.96
N CYS C 211 20.64 -40.33 -9.44
CA CYS C 211 22.00 -40.43 -8.95
C CYS C 211 22.91 -40.91 -10.08
N GLU C 212 24.21 -40.89 -9.81
CA GLU C 212 25.21 -41.31 -10.78
C GLU C 212 25.40 -42.83 -10.71
N ARG C 213 26.39 -43.33 -11.45
CA ARG C 213 26.58 -44.78 -11.53
C ARG C 213 26.92 -45.38 -10.17
N ASP C 214 27.87 -44.77 -9.46
CA ASP C 214 28.28 -45.32 -8.18
C ASP C 214 27.12 -45.36 -7.20
N LYS C 215 26.38 -44.25 -7.08
CA LYS C 215 25.28 -44.19 -6.12
C LYS C 215 24.16 -45.14 -6.51
N VAL C 216 23.83 -45.22 -7.80
CA VAL C 216 22.75 -46.11 -8.22
C VAL C 216 23.14 -47.56 -7.99
N ASN C 217 24.41 -47.91 -8.20
CA ASN C 217 24.85 -49.27 -7.96
C ASN C 217 24.83 -49.60 -6.48
N ASP C 218 25.28 -48.68 -5.63
CA ASP C 218 25.19 -48.89 -4.19
C ASP C 218 23.74 -49.07 -3.76
N ILE C 219 22.83 -48.29 -4.35
CA ILE C 219 21.43 -48.38 -3.98
C ILE C 219 20.84 -49.72 -4.43
N VAL C 220 21.21 -50.17 -5.63
CA VAL C 220 20.73 -51.47 -6.08
C VAL C 220 21.28 -52.58 -5.21
N ASP C 221 22.51 -52.43 -4.73
CA ASP C 221 23.07 -53.40 -3.80
C ASP C 221 22.26 -53.46 -2.51
N GLN C 222 22.00 -52.29 -1.91
CA GLN C 222 21.16 -52.25 -0.73
C GLN C 222 19.78 -52.83 -0.99
N VAL C 223 19.27 -52.63 -2.20
CA VAL C 223 17.93 -53.13 -2.54
C VAL C 223 17.95 -54.65 -2.59
N ILE C 224 18.91 -55.23 -3.29
CA ILE C 224 18.99 -56.69 -3.36
C ILE C 224 19.25 -57.26 -1.97
N THR C 225 19.95 -56.52 -1.12
CA THR C 225 20.15 -56.96 0.26
C THR C 225 18.83 -57.05 1.00
N ILE C 226 18.06 -55.96 0.99
CA ILE C 226 16.78 -55.95 1.67
C ILE C 226 15.78 -56.90 1.01
N GLY C 227 16.04 -57.30 -0.22
CA GLY C 227 15.12 -58.18 -0.93
C GLY C 227 13.93 -57.49 -1.55
N LYS C 228 14.00 -56.17 -1.75
CA LYS C 228 12.90 -55.42 -2.31
C LYS C 228 12.83 -55.49 -3.83
N HIS C 229 13.66 -56.31 -4.46
CA HIS C 229 13.66 -56.43 -5.92
C HIS C 229 12.50 -57.25 -6.44
N VAL C 230 11.55 -57.61 -5.57
CA VAL C 230 10.38 -58.35 -6.03
C VAL C 230 9.51 -57.46 -6.91
N LYS C 231 8.65 -58.10 -7.69
CA LYS C 231 7.70 -57.36 -8.51
C LYS C 231 6.83 -56.48 -7.62
N GLY C 232 6.10 -55.57 -8.26
CA GLY C 232 5.36 -54.55 -7.55
C GLY C 232 6.17 -53.32 -7.21
N TYR C 233 7.49 -53.46 -7.09
CA TYR C 233 8.38 -52.34 -6.86
C TYR C 233 8.90 -51.83 -8.19
N HIS C 234 8.51 -50.63 -8.58
CA HIS C 234 8.99 -50.01 -9.79
C HIS C 234 10.22 -49.16 -9.49
N TYR C 235 11.12 -49.07 -10.47
CA TYR C 235 12.35 -48.31 -10.31
C TYR C 235 12.65 -47.58 -11.61
N ILE C 236 13.01 -46.31 -11.50
CA ILE C 236 13.39 -45.49 -12.64
C ILE C 236 14.79 -44.94 -12.36
N ILE C 237 15.68 -45.09 -13.34
CA ILE C 237 17.03 -44.55 -13.27
C ILE C 237 17.06 -43.27 -14.08
N ALA C 238 17.15 -42.13 -13.41
CA ALA C 238 17.09 -40.83 -14.06
C ALA C 238 18.46 -40.41 -14.59
N ASN C 239 19.07 -41.28 -15.40
CA ASN C 239 20.30 -40.96 -16.10
C ASN C 239 20.18 -41.50 -17.52
N LEU C 240 21.28 -41.43 -18.27
CA LEU C 240 21.32 -41.92 -19.64
C LEU C 240 22.09 -43.21 -19.80
N GLY C 241 22.87 -43.60 -18.79
CA GLY C 241 23.61 -44.85 -18.86
C GLY C 241 22.86 -46.01 -18.24
N PHE C 242 21.63 -46.25 -18.73
CA PHE C 242 20.84 -47.33 -18.18
C PHE C 242 21.51 -48.68 -18.38
N THR C 243 22.35 -48.81 -19.40
CA THR C 243 23.04 -50.05 -19.69
C THR C 243 24.47 -50.09 -19.15
N ASP C 244 24.97 -48.97 -18.65
CA ASP C 244 26.35 -48.92 -18.17
C ASP C 244 26.49 -49.49 -16.77
N GLY C 245 25.43 -49.46 -15.97
CA GLY C 245 25.50 -49.96 -14.62
C GLY C 245 25.31 -51.45 -14.52
N ASP C 246 25.57 -51.97 -13.32
CA ASP C 246 25.38 -53.39 -13.04
C ASP C 246 23.89 -53.67 -12.87
N LEU C 247 23.29 -54.34 -13.84
CA LEU C 247 21.86 -54.58 -13.86
C LEU C 247 21.47 -56.04 -13.75
N LEU C 248 22.29 -56.97 -14.25
CA LEU C 248 21.91 -58.37 -14.27
C LEU C 248 21.70 -58.95 -12.89
N LYS C 249 22.11 -58.24 -11.83
CA LYS C 249 21.91 -58.74 -10.48
C LYS C 249 20.49 -58.51 -9.97
N ILE C 250 19.68 -57.75 -10.68
CA ILE C 250 18.32 -57.46 -10.25
C ILE C 250 17.34 -57.72 -11.40
N GLN C 251 17.86 -58.06 -12.58
CA GLN C 251 17.01 -58.34 -13.72
C GLN C 251 16.06 -59.51 -13.45
N PHE C 252 16.38 -60.35 -12.48
CA PHE C 252 15.58 -61.54 -12.18
C PHE C 252 14.62 -61.35 -11.02
N GLY C 253 14.64 -60.18 -10.37
CA GLY C 253 13.72 -59.92 -9.29
C GLY C 253 12.30 -59.68 -9.71
N GLY C 254 12.02 -59.66 -11.01
CA GLY C 254 10.67 -59.37 -11.47
C GLY C 254 10.21 -57.96 -11.20
N ALA C 255 11.14 -57.05 -10.89
CA ALA C 255 10.78 -55.68 -10.58
C ALA C 255 10.50 -54.89 -11.85
N ASN C 256 9.74 -53.81 -11.68
CA ASN C 256 9.37 -52.92 -12.78
C ASN C 256 10.46 -51.87 -12.93
N VAL C 257 11.61 -52.30 -13.46
CA VAL C 257 12.75 -51.42 -13.63
C VAL C 257 12.67 -50.76 -15.00
N SER C 258 13.04 -49.48 -15.06
CA SER C 258 13.05 -48.74 -16.30
C SER C 258 14.33 -47.92 -16.41
N GLY C 259 14.43 -47.07 -17.41
CA GLY C 259 15.61 -46.27 -17.62
C GLY C 259 15.66 -45.69 -19.01
N PHE C 260 16.47 -44.66 -19.15
CA PHE C 260 16.65 -43.96 -20.42
C PHE C 260 17.96 -44.37 -21.08
N GLN C 261 18.07 -44.05 -22.36
CA GLN C 261 19.28 -44.30 -23.12
C GLN C 261 19.42 -43.23 -24.18
N ILE C 262 20.66 -42.86 -24.48
CA ILE C 262 20.95 -41.79 -25.42
C ILE C 262 21.68 -42.37 -26.63
N VAL C 263 22.41 -43.45 -26.42
CA VAL C 263 23.11 -44.16 -27.50
C VAL C 263 22.31 -45.39 -27.87
N ASP C 264 22.18 -45.63 -29.17
CA ASP C 264 21.50 -46.81 -29.70
C ASP C 264 22.56 -47.69 -30.35
N TYR C 265 22.96 -48.76 -29.67
CA TYR C 265 24.00 -49.64 -30.16
C TYR C 265 23.63 -50.39 -31.43
N ASP C 266 22.43 -50.17 -31.97
CA ASP C 266 21.94 -50.89 -33.14
C ASP C 266 21.84 -49.97 -34.36
N ASP C 267 22.82 -49.08 -34.54
CA ASP C 267 22.88 -48.21 -35.70
C ASP C 267 24.23 -48.40 -36.40
N SER C 268 24.31 -47.88 -37.62
CA SER C 268 25.46 -48.16 -38.48
C SER C 268 26.75 -47.56 -37.90
N LEU C 269 26.78 -46.23 -37.73
CA LEU C 269 28.01 -45.58 -37.32
C LEU C 269 28.40 -45.97 -35.90
N VAL C 270 27.42 -46.08 -35.01
CA VAL C 270 27.72 -46.45 -33.63
C VAL C 270 28.24 -47.89 -33.57
N SER C 271 27.65 -48.78 -34.38
CA SER C 271 28.13 -50.16 -34.39
C SER C 271 29.53 -50.25 -34.97
N LYS C 272 29.82 -49.47 -36.01
CA LYS C 272 31.17 -49.45 -36.56
C LYS C 272 32.17 -48.93 -35.53
N PHE C 273 31.80 -47.87 -34.81
CA PHE C 273 32.67 -47.35 -33.76
C PHE C 273 32.89 -48.39 -32.67
N ILE C 274 31.84 -49.13 -32.31
CA ILE C 274 31.99 -50.16 -31.28
C ILE C 274 32.91 -51.27 -31.78
N GLU C 275 32.79 -51.64 -33.05
CA GLU C 275 33.68 -52.65 -33.61
C GLU C 275 35.13 -52.18 -33.54
N ARG C 276 35.39 -50.93 -33.93
CA ARG C 276 36.74 -50.39 -33.87
C ARG C 276 37.19 -50.16 -32.43
N TRP C 277 36.27 -50.12 -31.48
CA TRP C 277 36.55 -49.78 -30.09
C TRP C 277 36.89 -51.00 -29.25
N SER C 278 36.06 -52.03 -29.30
CA SER C 278 36.29 -53.22 -28.49
C SER C 278 37.59 -53.91 -28.86
N THR C 279 37.99 -53.83 -30.13
CA THR C 279 39.22 -54.46 -30.57
C THR C 279 40.47 -53.75 -30.09
N LEU C 280 40.33 -52.67 -29.34
CA LEU C 280 41.48 -51.92 -28.85
C LEU C 280 41.95 -52.51 -27.52
N GLU C 281 43.22 -52.23 -27.19
CA GLU C 281 43.83 -52.76 -25.99
C GLU C 281 43.61 -51.83 -24.81
N GLU C 282 43.66 -52.40 -23.61
CA GLU C 282 43.49 -51.65 -22.37
C GLU C 282 44.80 -51.05 -21.87
N LYS C 283 45.83 -51.00 -22.70
CA LYS C 283 47.12 -50.41 -22.34
C LYS C 283 47.32 -49.06 -23.00
N GLU C 284 47.20 -48.99 -24.33
CA GLU C 284 47.27 -47.73 -25.04
C GLU C 284 45.93 -47.03 -25.14
N TYR C 285 44.85 -47.68 -24.70
CA TYR C 285 43.51 -47.10 -24.74
C TYR C 285 42.72 -47.64 -23.55
N PRO C 286 43.05 -47.21 -22.35
CA PRO C 286 42.38 -47.76 -21.16
C PRO C 286 40.88 -47.58 -21.22
N GLY C 287 40.17 -48.50 -20.55
CA GLY C 287 38.72 -48.44 -20.56
C GLY C 287 38.12 -48.45 -21.94
N ALA C 288 38.67 -49.27 -22.85
CA ALA C 288 38.21 -49.30 -24.22
C ALA C 288 38.01 -50.70 -24.80
N HIS C 289 38.43 -51.75 -24.09
CA HIS C 289 38.26 -53.11 -24.59
C HIS C 289 36.97 -53.70 -24.03
N THR C 290 35.85 -53.14 -24.50
CA THR C 290 34.53 -53.54 -24.04
C THR C 290 33.55 -53.41 -25.20
N ALA C 291 32.33 -53.90 -24.97
CA ALA C 291 31.27 -53.81 -25.95
C ALA C 291 30.36 -52.61 -25.72
N THR C 292 30.38 -52.02 -24.53
CA THR C 292 29.56 -50.87 -24.21
C THR C 292 30.45 -49.68 -23.89
N ILE C 293 29.88 -48.48 -24.04
CA ILE C 293 30.61 -47.25 -23.82
C ILE C 293 29.73 -46.28 -23.02
N LYS C 294 30.38 -45.49 -22.18
CA LYS C 294 29.65 -44.52 -21.36
C LYS C 294 29.19 -43.35 -22.22
N TYR C 295 27.96 -42.89 -21.95
CA TYR C 295 27.43 -41.76 -22.68
C TYR C 295 28.33 -40.54 -22.56
N THR C 296 29.07 -40.42 -21.46
CA THR C 296 30.03 -39.33 -21.33
C THR C 296 31.10 -39.42 -22.40
N SER C 297 31.63 -40.62 -22.64
CA SER C 297 32.64 -40.79 -23.67
C SER C 297 32.03 -40.60 -25.06
N ALA C 298 30.79 -41.06 -25.25
CA ALA C 298 30.12 -40.81 -26.52
C ALA C 298 30.00 -39.32 -26.80
N LEU C 299 29.65 -38.54 -25.78
CA LEU C 299 29.52 -37.10 -25.95
C LEU C 299 30.87 -36.44 -26.13
N THR C 300 31.92 -36.99 -25.53
CA THR C 300 33.28 -36.50 -25.80
C THR C 300 33.64 -36.70 -27.27
N TYR C 301 33.34 -37.89 -27.80
CA TYR C 301 33.52 -38.16 -29.22
C TYR C 301 32.77 -37.12 -30.06
N ASP C 302 31.48 -36.95 -29.78
CA ASP C 302 30.68 -35.99 -30.53
C ASP C 302 31.21 -34.57 -30.40
N ALA C 303 31.80 -34.24 -29.24
CA ALA C 303 32.34 -32.91 -29.06
C ALA C 303 33.58 -32.70 -29.91
N VAL C 304 34.46 -33.69 -29.95
CA VAL C 304 35.58 -33.62 -30.88
C VAL C 304 35.07 -33.41 -32.29
N GLN C 305 34.04 -34.17 -32.66
CA GLN C 305 33.48 -34.06 -34.01
C GLN C 305 32.99 -32.63 -34.29
N VAL C 306 32.22 -32.06 -33.36
CA VAL C 306 31.60 -30.77 -33.61
C VAL C 306 32.64 -29.67 -33.61
N MET C 307 33.67 -29.79 -32.77
CA MET C 307 34.74 -28.80 -32.76
C MET C 307 35.50 -28.84 -34.09
N THR C 308 35.84 -30.04 -34.56
CA THR C 308 36.50 -30.15 -35.85
C THR C 308 35.63 -29.55 -36.95
N GLU C 309 34.33 -29.82 -36.92
CA GLU C 309 33.44 -29.31 -37.96
C GLU C 309 33.34 -27.79 -37.92
N ALA C 310 33.30 -27.22 -36.71
CA ALA C 310 33.22 -25.76 -36.60
C ALA C 310 34.49 -25.11 -37.11
N PHE C 311 35.65 -25.64 -36.73
CA PHE C 311 36.90 -25.07 -37.22
C PHE C 311 37.03 -25.25 -38.73
N ARG C 312 36.53 -26.36 -39.28
CA ARG C 312 36.55 -26.54 -40.72
C ARG C 312 35.63 -25.53 -41.40
N ASN C 313 34.45 -25.29 -40.84
CA ASN C 313 33.54 -24.29 -41.40
C ASN C 313 34.17 -22.91 -41.38
N LEU C 314 34.88 -22.57 -40.30
CA LEU C 314 35.59 -21.30 -40.26
C LEU C 314 36.65 -21.23 -41.33
N ARG C 315 37.45 -22.30 -41.46
CA ARG C 315 38.44 -22.36 -42.54
C ARG C 315 37.79 -22.16 -43.90
N LYS C 316 36.55 -22.63 -44.06
CA LYS C 316 35.81 -22.49 -45.30
C LYS C 316 35.04 -21.17 -45.37
N GLN C 317 35.16 -20.32 -44.36
CA GLN C 317 34.50 -19.01 -44.35
C GLN C 317 35.45 -17.88 -44.72
N ARG C 318 36.67 -18.21 -45.13
CA ARG C 318 37.66 -17.21 -45.53
C ARG C 318 37.92 -16.23 -44.39
N ILE C 319 38.45 -16.76 -43.29
CA ILE C 319 38.71 -15.99 -42.09
C ILE C 319 39.89 -16.60 -41.35
N GLU C 320 40.79 -15.74 -40.89
CA GLU C 320 41.91 -16.14 -40.04
C GLU C 320 41.82 -15.43 -38.69
N ILE C 321 41.90 -16.21 -37.62
CA ILE C 321 41.67 -15.68 -36.27
C ILE C 321 42.84 -16.01 -35.36
N SER C 322 44.04 -16.13 -35.94
CA SER C 322 45.22 -16.36 -35.13
C SER C 322 45.40 -15.22 -34.13
N ARG C 323 45.53 -15.57 -32.85
CA ARG C 323 45.71 -14.57 -31.82
C ARG C 323 46.88 -13.66 -32.16
N ARG C 324 46.64 -12.34 -32.10
CA ARG C 324 47.67 -11.38 -32.44
C ARG C 324 48.92 -11.61 -31.60
N GLY C 325 48.75 -11.71 -30.28
CA GLY C 325 49.86 -11.97 -29.39
C GLY C 325 49.45 -12.86 -28.23
N ASN C 326 50.26 -12.89 -27.18
CA ASN C 326 49.91 -13.67 -25.99
C ASN C 326 48.54 -13.24 -25.48
N ALA C 327 47.69 -14.23 -25.20
CA ALA C 327 46.34 -13.94 -24.75
C ALA C 327 46.33 -13.17 -23.44
N GLY C 328 47.31 -13.41 -22.58
CA GLY C 328 47.42 -12.73 -21.31
C GLY C 328 47.11 -13.63 -20.13
N ASP C 329 46.69 -12.99 -19.04
CA ASP C 329 46.36 -13.68 -17.80
C ASP C 329 44.92 -13.39 -17.41
N CYS C 330 44.34 -14.30 -16.64
CA CYS C 330 42.96 -14.12 -16.19
C CYS C 330 42.80 -12.81 -15.43
N LEU C 331 43.75 -12.49 -14.58
CA LEU C 331 43.65 -11.34 -13.68
C LEU C 331 43.88 -10.01 -14.37
N ALA C 332 43.95 -9.99 -15.70
CA ALA C 332 44.09 -8.73 -16.41
C ALA C 332 42.92 -7.82 -16.09
N ASN C 333 43.21 -6.69 -15.47
CA ASN C 333 42.19 -5.73 -15.08
C ASN C 333 42.26 -4.50 -15.98
N PRO C 334 41.21 -4.17 -16.74
CA PRO C 334 39.93 -4.86 -16.86
C PRO C 334 40.01 -6.08 -17.77
N ALA C 335 38.86 -6.68 -18.07
CA ALA C 335 38.83 -7.83 -18.94
C ALA C 335 39.41 -7.49 -20.32
N VAL C 336 39.66 -8.53 -21.10
CA VAL C 336 40.29 -8.37 -22.42
C VAL C 336 39.71 -9.40 -23.38
N PRO C 337 38.48 -9.25 -23.83
CA PRO C 337 37.89 -10.20 -24.77
C PRO C 337 38.44 -9.99 -26.18
N TRP C 338 37.89 -10.75 -27.12
CA TRP C 338 38.25 -10.63 -28.53
C TRP C 338 37.11 -11.18 -29.38
N GLY C 339 36.64 -10.37 -30.33
CA GLY C 339 35.42 -10.71 -31.04
C GLY C 339 35.49 -12.02 -31.79
N GLN C 340 36.68 -12.39 -32.27
CA GLN C 340 36.80 -13.66 -32.96
C GLN C 340 36.39 -14.82 -32.05
N GLY C 341 36.45 -14.62 -30.73
CA GLY C 341 35.87 -15.60 -29.83
C GLY C 341 34.36 -15.69 -29.99
N VAL C 342 33.70 -14.54 -30.15
CA VAL C 342 32.28 -14.54 -30.44
C VAL C 342 31.99 -15.24 -31.75
N GLU C 343 32.88 -15.06 -32.74
CA GLU C 343 32.72 -15.75 -34.00
C GLU C 343 32.84 -17.26 -33.81
N ILE C 344 33.79 -17.69 -33.01
CA ILE C 344 33.94 -19.12 -32.71
C ILE C 344 32.69 -19.66 -32.05
N GLU C 345 32.14 -18.90 -31.09
CA GLU C 345 30.92 -19.34 -30.42
C GLU C 345 29.77 -19.47 -31.41
N ARG C 346 29.62 -18.48 -32.29
CA ARG C 346 28.55 -18.53 -33.29
C ARG C 346 28.74 -19.71 -34.23
N ALA C 347 29.99 -20.04 -34.54
CA ALA C 347 30.26 -21.19 -35.41
C ALA C 347 29.89 -22.49 -34.70
N LEU C 348 30.27 -22.63 -33.44
CA LEU C 348 29.96 -23.85 -32.70
C LEU C 348 28.46 -24.01 -32.51
N LYS C 349 27.75 -22.89 -32.31
CA LYS C 349 26.31 -22.92 -32.12
C LYS C 349 25.54 -22.92 -33.43
N GLN C 350 26.19 -23.27 -34.53
CA GLN C 350 25.57 -23.33 -35.85
C GLN C 350 25.95 -24.63 -36.56
N VAL C 351 26.00 -25.72 -35.80
CA VAL C 351 26.38 -27.02 -36.33
C VAL C 351 25.17 -27.94 -36.31
N GLN C 352 25.14 -28.88 -37.25
CA GLN C 352 24.05 -29.86 -37.34
C GLN C 352 24.63 -31.10 -38.01
N VAL C 353 24.92 -32.11 -37.18
CA VAL C 353 25.51 -33.36 -37.64
C VAL C 353 24.85 -34.51 -36.91
N GLU C 354 25.26 -35.73 -37.25
CA GLU C 354 24.73 -36.96 -36.67
C GLU C 354 25.90 -37.71 -36.04
N GLY C 355 25.90 -37.77 -34.70
CA GLY C 355 26.92 -38.47 -33.96
C GLY C 355 26.36 -39.70 -33.25
N LEU C 356 27.13 -40.18 -32.28
CA LEU C 356 26.70 -41.34 -31.51
C LEU C 356 25.35 -41.09 -30.84
N SER C 357 25.13 -39.88 -30.34
CA SER C 357 23.89 -39.57 -29.66
C SER C 357 22.77 -39.26 -30.64
N GLY C 358 23.11 -38.85 -31.87
CA GLY C 358 22.15 -38.57 -32.90
C GLY C 358 22.30 -37.17 -33.43
N ASN C 359 21.16 -36.57 -33.80
CA ASN C 359 21.16 -35.23 -34.36
C ASN C 359 21.63 -34.21 -33.34
N ILE C 360 22.71 -33.51 -33.65
CA ILE C 360 23.32 -32.54 -32.73
C ILE C 360 23.02 -31.16 -33.27
N LYS C 361 21.98 -30.53 -32.74
CA LYS C 361 21.63 -29.15 -33.07
C LYS C 361 21.59 -28.34 -31.79
N PHE C 362 22.04 -27.09 -31.89
CA PHE C 362 22.16 -26.20 -30.75
C PHE C 362 21.23 -25.00 -30.90
N ASP C 363 21.14 -24.22 -29.84
CA ASP C 363 20.33 -23.01 -29.79
C ASP C 363 21.23 -21.80 -29.55
N GLN C 364 20.62 -20.64 -29.34
CA GLN C 364 21.40 -19.42 -29.13
C GLN C 364 22.15 -19.47 -27.81
N ASN C 365 21.62 -20.15 -26.80
CA ASN C 365 22.28 -20.21 -25.50
C ASN C 365 23.40 -21.23 -25.49
N GLY C 366 23.14 -22.41 -26.04
CA GLY C 366 24.14 -23.46 -26.08
C GLY C 366 23.55 -24.85 -25.87
N LYS C 367 22.34 -24.91 -25.33
CA LYS C 367 21.70 -26.19 -25.09
C LYS C 367 21.46 -26.91 -26.41
N ARG C 368 21.17 -28.20 -26.30
CA ARG C 368 20.87 -29.03 -27.47
C ARG C 368 19.39 -28.98 -27.79
N ILE C 369 19.06 -29.37 -29.02
CA ILE C 369 17.69 -29.34 -29.51
C ILE C 369 17.52 -30.44 -30.55
N ASN C 370 16.29 -30.91 -30.70
CA ASN C 370 15.94 -31.91 -31.69
C ASN C 370 16.83 -33.15 -31.56
N TYR C 371 16.69 -33.80 -30.40
CA TYR C 371 17.46 -34.99 -30.06
C TYR C 371 16.51 -36.14 -29.74
N THR C 372 17.11 -37.32 -29.56
CA THR C 372 16.38 -38.54 -29.28
C THR C 372 16.86 -39.14 -27.96
N ILE C 373 15.93 -39.70 -27.20
CA ILE C 373 16.22 -40.34 -25.92
C ILE C 373 15.45 -41.66 -25.92
N ASN C 374 16.15 -42.76 -26.19
CA ASN C 374 15.50 -44.06 -26.24
C ASN C 374 15.21 -44.54 -24.83
N ILE C 375 13.94 -44.86 -24.57
CA ILE C 375 13.53 -45.42 -23.29
C ILE C 375 13.84 -46.91 -23.28
N MET C 376 14.05 -47.46 -22.09
CA MET C 376 14.44 -48.86 -21.96
C MET C 376 13.86 -49.45 -20.69
N GLU C 377 13.42 -50.69 -20.79
CA GLU C 377 12.92 -51.45 -19.65
C GLU C 377 13.75 -52.71 -19.48
N LEU C 378 13.86 -53.17 -18.23
CA LEU C 378 14.64 -54.37 -17.92
C LEU C 378 13.70 -55.57 -17.84
N LYS C 379 13.79 -56.43 -18.84
CA LYS C 379 12.99 -57.64 -18.91
C LYS C 379 13.89 -58.87 -18.85
N THR C 380 13.27 -60.02 -18.59
CA THR C 380 14.04 -61.26 -18.45
C THR C 380 14.95 -61.50 -19.64
N ASN C 381 14.51 -61.09 -20.84
CA ASN C 381 15.33 -61.20 -22.04
C ASN C 381 16.32 -60.06 -22.18
N GLY C 382 16.54 -59.28 -21.12
CA GLY C 382 17.47 -58.18 -21.15
C GLY C 382 16.78 -56.85 -21.37
N PRO C 383 17.57 -55.78 -21.48
CA PRO C 383 16.98 -54.47 -21.75
C PRO C 383 16.35 -54.42 -23.14
N ARG C 384 15.19 -53.79 -23.21
CA ARG C 384 14.43 -53.69 -24.46
C ARG C 384 13.86 -52.29 -24.59
N LYS C 385 14.15 -51.64 -25.70
CA LYS C 385 13.59 -50.32 -25.97
C LYS C 385 12.10 -50.44 -26.25
N ILE C 386 11.33 -49.46 -25.76
CA ILE C 386 9.88 -49.48 -25.89
C ILE C 386 9.37 -48.15 -26.43
N GLY C 387 10.27 -47.36 -27.00
CA GLY C 387 9.89 -46.09 -27.58
C GLY C 387 11.01 -45.09 -27.44
N TYR C 388 10.69 -43.84 -27.77
CA TYR C 388 11.65 -42.75 -27.71
C TYR C 388 10.94 -41.49 -27.28
N TRP C 389 11.70 -40.41 -27.17
CA TRP C 389 11.18 -39.11 -26.76
C TRP C 389 11.91 -38.02 -27.53
N SER C 390 11.33 -36.83 -27.54
CA SER C 390 11.91 -35.70 -28.24
C SER C 390 11.30 -34.42 -27.69
N GLU C 391 11.75 -33.29 -28.21
CA GLU C 391 11.24 -31.99 -27.80
C GLU C 391 10.00 -31.58 -28.57
N VAL C 392 9.92 -31.95 -29.85
CA VAL C 392 8.75 -31.60 -30.65
C VAL C 392 7.58 -32.54 -30.34
N ASP C 393 7.88 -33.79 -29.99
CA ASP C 393 6.87 -34.79 -29.69
C ASP C 393 6.90 -35.14 -28.21
N LYS C 394 5.87 -35.86 -27.79
CA LYS C 394 5.82 -36.44 -26.45
C LYS C 394 6.37 -37.86 -26.53
N MET C 395 6.20 -38.63 -25.44
CA MET C 395 6.66 -40.01 -25.45
C MET C 395 5.95 -40.81 -26.54
N VAL C 396 6.68 -41.76 -27.11
CA VAL C 396 6.18 -42.62 -28.16
C VAL C 396 6.35 -44.06 -27.73
N VAL C 397 5.50 -44.93 -28.27
CA VAL C 397 5.54 -46.36 -27.99
C VAL C 397 5.75 -47.11 -29.30
N THR C 398 6.88 -47.81 -29.41
CA THR C 398 7.22 -48.57 -30.60
C THR C 398 7.09 -50.06 -30.40
N LEU C 399 7.60 -50.59 -29.29
CA LEU C 399 7.51 -52.02 -29.00
C LEU C 399 6.05 -52.41 -28.80
N THR C 400 5.50 -53.14 -29.76
CA THR C 400 4.10 -53.57 -29.69
C THR C 400 3.85 -54.41 -28.44
N ASN D 25 50.85 -1.89 17.30
CA ASN D 25 51.18 -2.09 15.90
C ASN D 25 49.94 -1.98 15.03
N SER D 26 50.09 -2.30 13.74
CA SER D 26 48.99 -2.23 12.79
C SER D 26 48.78 -3.58 12.14
N ILE D 27 47.59 -3.76 11.58
CA ILE D 27 47.21 -5.01 10.92
C ILE D 27 46.36 -4.67 9.71
N GLN D 28 46.55 -5.41 8.62
CA GLN D 28 45.84 -5.21 7.38
C GLN D 28 44.90 -6.38 7.11
N ILE D 29 43.68 -6.07 6.68
CA ILE D 29 42.69 -7.09 6.36
C ILE D 29 42.02 -6.71 5.04
N GLY D 30 41.02 -7.51 4.64
CA GLY D 30 40.31 -7.27 3.40
C GLY D 30 38.82 -7.12 3.66
N GLY D 31 38.13 -6.63 2.63
CA GLY D 31 36.70 -6.42 2.71
C GLY D 31 36.01 -6.57 1.37
N LEU D 32 34.99 -7.42 1.31
CA LEU D 32 34.24 -7.68 0.09
C LEU D 32 32.77 -7.36 0.37
N PHE D 33 32.29 -6.26 -0.18
CA PHE D 33 30.93 -5.81 0.05
C PHE D 33 30.19 -5.66 -1.27
N PRO D 34 28.95 -6.14 -1.38
CA PRO D 34 28.22 -6.01 -2.64
C PRO D 34 27.88 -4.57 -2.98
N ARG D 35 27.21 -4.38 -4.12
CA ARG D 35 26.76 -3.05 -4.56
C ARG D 35 25.41 -2.78 -3.92
N GLY D 36 25.44 -2.14 -2.76
CA GLY D 36 24.21 -1.81 -2.04
C GLY D 36 24.27 -2.15 -0.57
N ALA D 37 25.45 -2.52 -0.07
CA ALA D 37 25.63 -2.85 1.33
C ALA D 37 26.05 -1.63 2.13
N ASP D 38 25.29 -0.54 1.98
CA ASP D 38 25.63 0.70 2.67
C ASP D 38 25.52 0.55 4.18
N GLN D 39 24.39 -0.02 4.64
CA GLN D 39 24.21 -0.21 6.08
C GLN D 39 25.29 -1.12 6.65
N GLU D 40 25.66 -2.17 5.91
CA GLU D 40 26.67 -3.09 6.41
C GLU D 40 28.04 -2.43 6.48
N TYR D 41 28.41 -1.66 5.47
CA TYR D 41 29.68 -0.94 5.52
C TYR D 41 29.68 0.08 6.65
N SER D 42 28.55 0.74 6.87
CA SER D 42 28.46 1.69 7.97
C SER D 42 28.67 1.00 9.30
N ALA D 43 28.02 -0.15 9.50
CA ALA D 43 28.21 -0.91 10.73
C ALA D 43 29.65 -1.37 10.87
N PHE D 44 30.28 -1.75 9.76
CA PHE D 44 31.68 -2.15 9.80
C PHE D 44 32.55 -1.01 10.29
N ARG D 45 32.34 0.19 9.75
CA ARG D 45 33.12 1.35 10.19
C ARG D 45 32.85 1.67 11.64
N VAL D 46 31.58 1.58 12.07
CA VAL D 46 31.23 1.85 13.46
C VAL D 46 31.99 0.90 14.38
N GLY D 47 31.98 -0.39 14.05
CA GLY D 47 32.70 -1.35 14.87
C GLY D 47 34.20 -1.10 14.86
N MET D 48 34.74 -0.74 13.70
CA MET D 48 36.17 -0.46 13.60
C MET D 48 36.55 0.70 14.52
N VAL D 49 35.73 1.75 14.56
CA VAL D 49 36.07 2.90 15.39
C VAL D 49 35.76 2.62 16.85
N GLN D 50 34.81 1.74 17.15
CA GLN D 50 34.44 1.46 18.53
C GLN D 50 35.44 0.53 19.21
N PHE D 51 35.63 -0.65 18.64
CA PHE D 51 36.50 -1.65 19.26
C PHE D 51 37.97 -1.35 19.09
N SER D 52 38.33 -0.29 18.38
CA SER D 52 39.73 0.04 18.20
C SER D 52 40.39 0.33 19.54
N THR D 53 41.72 0.40 19.52
CA THR D 53 42.51 0.67 20.72
C THR D 53 43.95 0.86 20.31
N SER D 54 44.72 1.48 21.21
CA SER D 54 46.14 1.69 20.94
C SER D 54 46.91 0.38 20.84
N GLU D 55 46.34 -0.72 21.33
CA GLU D 55 47.01 -2.01 21.24
C GLU D 55 47.36 -2.34 19.78
N PHE D 56 46.35 -2.41 18.93
CA PHE D 56 46.56 -2.64 17.50
C PHE D 56 45.57 -1.79 16.71
N ARG D 57 45.97 -1.46 15.49
CA ARG D 57 45.17 -0.63 14.59
C ARG D 57 44.95 -1.38 13.29
N LEU D 58 43.71 -1.76 13.02
CA LEU D 58 43.39 -2.47 11.79
C LEU D 58 43.58 -1.55 10.59
N THR D 59 43.86 -2.17 9.44
CA THR D 59 44.10 -1.43 8.19
C THR D 59 43.34 -2.12 7.07
N PRO D 60 42.01 -1.96 7.03
CA PRO D 60 41.22 -2.63 6.01
C PRO D 60 41.60 -2.19 4.60
N HIS D 61 41.15 -2.98 3.63
CA HIS D 61 41.33 -2.69 2.20
C HIS D 61 40.04 -3.13 1.51
N ILE D 62 39.11 -2.19 1.36
CA ILE D 62 37.78 -2.51 0.86
C ILE D 62 37.83 -2.71 -0.65
N ASP D 63 36.90 -3.54 -1.15
CA ASP D 63 36.78 -3.78 -2.58
C ASP D 63 35.34 -4.20 -2.86
N ASN D 64 34.54 -3.27 -3.37
CA ASN D 64 33.17 -3.58 -3.75
C ASN D 64 33.14 -4.25 -5.11
N LEU D 65 32.13 -5.08 -5.33
CA LEU D 65 32.01 -5.84 -6.56
C LEU D 65 30.68 -6.59 -6.55
N GLU D 66 30.32 -7.10 -7.73
CA GLU D 66 29.16 -7.98 -7.86
C GLU D 66 29.51 -9.32 -7.23
N VAL D 67 29.04 -9.55 -6.01
CA VAL D 67 29.43 -10.73 -5.26
C VAL D 67 29.06 -12.02 -5.96
N ALA D 68 28.10 -11.97 -6.88
CA ALA D 68 27.68 -13.16 -7.62
C ALA D 68 28.51 -13.38 -8.89
N ASN D 69 29.66 -12.71 -9.00
CA ASN D 69 30.56 -12.86 -10.13
C ASN D 69 31.84 -13.51 -9.61
N SER D 70 32.01 -14.80 -9.91
CA SER D 70 33.16 -15.53 -9.41
C SER D 70 34.47 -14.95 -9.92
N PHE D 71 34.48 -14.40 -11.13
CA PHE D 71 35.70 -13.82 -11.67
C PHE D 71 36.11 -12.59 -10.85
N ALA D 72 35.17 -11.68 -10.62
CA ALA D 72 35.48 -10.50 -9.81
C ALA D 72 35.86 -10.91 -8.39
N VAL D 73 35.21 -11.94 -7.87
CA VAL D 73 35.54 -12.40 -6.52
C VAL D 73 36.97 -12.91 -6.46
N THR D 74 37.38 -13.69 -7.46
CA THR D 74 38.75 -14.17 -7.51
C THR D 74 39.73 -13.02 -7.64
N ASN D 75 39.39 -12.03 -8.48
CA ASN D 75 40.26 -10.88 -8.63
C ASN D 75 40.45 -10.15 -7.31
N ALA D 76 39.36 -9.91 -6.59
CA ALA D 76 39.45 -9.22 -5.31
C ALA D 76 40.24 -10.05 -4.30
N PHE D 77 39.99 -11.36 -4.27
CA PHE D 77 40.71 -12.22 -3.34
C PHE D 77 42.20 -12.18 -3.60
N CYS D 78 42.60 -12.26 -4.87
CA CYS D 78 44.02 -12.24 -5.18
C CYS D 78 44.64 -10.89 -4.90
N SER D 79 43.91 -9.81 -5.17
CA SER D 79 44.41 -8.48 -4.85
C SER D 79 44.67 -8.35 -3.36
N GLN D 80 43.68 -8.71 -2.54
CA GLN D 80 43.82 -8.58 -1.10
C GLN D 80 44.78 -9.60 -0.51
N PHE D 81 45.08 -10.68 -1.24
CA PHE D 81 46.09 -11.62 -0.77
C PHE D 81 47.49 -11.12 -1.08
N SER D 82 47.69 -10.56 -2.27
CA SER D 82 48.97 -9.94 -2.60
C SER D 82 49.24 -8.74 -1.70
N ARG D 83 48.18 -8.01 -1.31
CA ARG D 83 48.35 -6.90 -0.39
C ARG D 83 48.96 -7.35 0.94
N GLY D 84 48.95 -8.65 1.23
CA GLY D 84 49.56 -9.16 2.44
C GLY D 84 48.64 -9.09 3.65
N VAL D 85 47.39 -9.46 3.45
CA VAL D 85 46.42 -9.43 4.54
C VAL D 85 46.55 -10.69 5.39
N TYR D 86 46.08 -10.59 6.63
CA TYR D 86 46.10 -11.70 7.57
C TYR D 86 44.74 -12.36 7.73
N ALA D 87 43.69 -11.78 7.15
CA ALA D 87 42.34 -12.32 7.23
C ALA D 87 41.50 -11.56 6.21
N ILE D 88 40.23 -11.96 6.10
CA ILE D 88 39.32 -11.33 5.15
C ILE D 88 37.92 -11.37 5.73
N PHE D 89 37.16 -10.31 5.46
CA PHE D 89 35.74 -10.24 5.75
C PHE D 89 35.00 -9.97 4.46
N GLY D 90 33.81 -10.54 4.32
CA GLY D 90 33.03 -10.31 3.13
C GLY D 90 31.88 -11.27 3.03
N PHE D 91 31.03 -11.02 2.05
CA PHE D 91 29.84 -11.82 1.80
C PHE D 91 30.12 -12.79 0.65
N TYR D 92 29.13 -13.62 0.36
CA TYR D 92 29.18 -14.49 -0.82
C TYR D 92 27.76 -14.88 -1.18
N ASP D 93 27.64 -15.73 -2.19
CA ASP D 93 26.35 -16.14 -2.71
C ASP D 93 26.44 -17.58 -3.19
N LYS D 94 25.31 -18.09 -3.71
CA LYS D 94 25.27 -19.46 -4.20
C LYS D 94 26.21 -19.67 -5.38
N LYS D 95 26.66 -18.60 -6.03
CA LYS D 95 27.52 -18.70 -7.19
C LYS D 95 28.98 -18.35 -6.89
N SER D 96 29.31 -18.09 -5.62
CA SER D 96 30.69 -17.79 -5.24
C SER D 96 31.14 -18.52 -3.98
N VAL D 97 30.24 -19.17 -3.26
CA VAL D 97 30.60 -19.81 -2.00
C VAL D 97 31.68 -20.87 -2.23
N ASN D 98 31.54 -21.66 -3.29
CA ASN D 98 32.51 -22.71 -3.55
C ASN D 98 33.87 -22.14 -3.88
N THR D 99 33.89 -21.10 -4.73
CA THR D 99 35.15 -20.41 -5.04
C THR D 99 35.83 -19.93 -3.76
N ILE D 100 35.08 -19.22 -2.92
CA ILE D 100 35.66 -18.67 -1.70
C ILE D 100 36.19 -19.77 -0.80
N THR D 101 35.39 -20.82 -0.60
CA THR D 101 35.79 -21.89 0.29
C THR D 101 37.04 -22.58 -0.22
N SER D 102 37.09 -22.88 -1.52
CA SER D 102 38.27 -23.55 -2.07
C SER D 102 39.50 -22.68 -1.91
N PHE D 103 39.42 -21.41 -2.33
CA PHE D 103 40.57 -20.52 -2.23
C PHE D 103 41.06 -20.42 -0.79
N CYS D 104 40.13 -20.25 0.16
CA CYS D 104 40.52 -20.11 1.56
C CYS D 104 41.17 -21.38 2.08
N GLY D 105 40.46 -22.51 1.97
CA GLY D 105 41.00 -23.77 2.45
C GLY D 105 42.31 -24.16 1.81
N THR D 106 42.59 -23.63 0.61
CA THR D 106 43.86 -23.94 -0.04
C THR D 106 44.97 -23.02 0.45
N LEU D 107 44.72 -21.72 0.45
CA LEU D 107 45.71 -20.75 0.89
C LEU D 107 45.79 -20.61 2.40
N HIS D 108 44.94 -21.30 3.15
CA HIS D 108 44.92 -21.22 4.61
C HIS D 108 44.68 -19.79 5.06
N VAL D 109 43.74 -19.12 4.41
CA VAL D 109 43.39 -17.73 4.72
C VAL D 109 41.95 -17.73 5.24
N SER D 110 41.76 -17.28 6.46
CA SER D 110 40.44 -17.26 7.06
C SER D 110 39.53 -16.30 6.30
N PHE D 111 38.23 -16.46 6.52
CA PHE D 111 37.24 -15.65 5.81
C PHE D 111 35.97 -15.61 6.67
N ILE D 112 35.67 -14.45 7.23
CA ILE D 112 34.47 -14.25 8.02
C ILE D 112 33.36 -13.77 7.11
N THR D 113 32.12 -14.14 7.45
CA THR D 113 31.00 -13.82 6.58
C THR D 113 29.67 -14.03 7.28
N PRO D 114 28.73 -13.08 7.20
CA PRO D 114 27.38 -13.33 7.71
C PRO D 114 26.48 -14.07 6.74
N SER D 115 26.91 -14.29 5.50
CA SER D 115 26.08 -14.93 4.51
C SER D 115 25.68 -16.33 4.98
N PHE D 116 24.76 -16.93 4.24
CA PHE D 116 24.23 -18.22 4.61
C PHE D 116 25.38 -19.21 4.85
N PRO D 117 25.33 -20.00 5.91
CA PRO D 117 26.42 -20.95 6.16
C PRO D 117 26.46 -22.05 5.13
N THR D 118 27.64 -22.65 5.01
CA THR D 118 27.86 -23.69 4.01
C THR D 118 27.24 -25.00 4.45
N ASP D 119 27.03 -25.88 3.47
CA ASP D 119 26.45 -27.20 3.73
C ASP D 119 27.57 -28.24 3.89
N GLY D 120 28.45 -27.98 4.86
CA GLY D 120 29.54 -28.88 5.13
C GLY D 120 30.54 -28.25 6.07
N THR D 121 31.65 -28.97 6.26
CA THR D 121 32.73 -28.51 7.12
C THR D 121 33.85 -27.96 6.24
N HIS D 122 33.70 -26.70 5.87
CA HIS D 122 34.70 -26.02 5.06
C HIS D 122 35.67 -25.27 5.97
N PRO D 123 36.94 -25.64 6.02
CA PRO D 123 37.86 -24.97 6.95
C PRO D 123 38.21 -23.57 6.51
N PHE D 124 38.75 -22.81 7.45
CA PHE D 124 39.18 -21.43 7.21
C PHE D 124 38.01 -20.54 6.75
N VAL D 125 36.81 -20.84 7.26
CA VAL D 125 35.64 -20.02 6.98
C VAL D 125 34.84 -19.91 8.27
N ILE D 126 34.66 -18.69 8.76
CA ILE D 126 33.93 -18.42 9.99
C ILE D 126 32.52 -18.00 9.62
N GLN D 127 31.55 -18.86 9.91
CA GLN D 127 30.16 -18.56 9.64
C GLN D 127 29.55 -17.83 10.83
N MET D 128 28.92 -16.69 10.55
CA MET D 128 28.28 -15.89 11.59
C MET D 128 26.77 -16.05 11.64
N ARG D 129 26.15 -16.38 10.51
CA ARG D 129 24.71 -16.57 10.47
C ARG D 129 24.39 -17.98 10.99
N PRO D 130 23.80 -18.10 12.18
CA PRO D 130 23.53 -19.43 12.72
C PRO D 130 22.48 -20.17 11.91
N ASP D 131 22.41 -21.47 12.15
CA ASP D 131 21.46 -22.31 11.43
C ASP D 131 20.03 -21.90 11.74
N LEU D 132 19.11 -22.36 10.90
CA LEU D 132 17.70 -22.05 11.02
C LEU D 132 16.78 -23.25 10.91
N LYS D 133 17.23 -24.35 10.30
CA LYS D 133 16.35 -25.49 10.09
C LYS D 133 15.82 -26.03 11.41
N GLY D 134 16.67 -26.11 12.43
CA GLY D 134 16.22 -26.65 13.70
C GLY D 134 15.09 -25.85 14.30
N ALA D 135 15.30 -24.55 14.46
CA ALA D 135 14.25 -23.70 15.03
C ALA D 135 13.00 -23.70 14.18
N LEU D 136 13.18 -23.71 12.86
CA LEU D 136 12.02 -23.70 11.97
C LEU D 136 11.18 -24.95 12.15
N LEU D 137 11.82 -26.12 12.19
CA LEU D 137 11.09 -27.36 12.35
C LEU D 137 10.46 -27.45 13.74
N SER D 138 11.16 -26.95 14.76
CA SER D 138 10.59 -26.94 16.11
C SER D 138 9.33 -26.09 16.14
N LEU D 139 9.39 -24.90 15.54
CA LEU D 139 8.20 -24.04 15.48
C LEU D 139 7.08 -24.72 14.71
N ILE D 140 7.41 -25.39 13.60
CA ILE D 140 6.39 -26.04 12.80
C ILE D 140 5.66 -27.11 13.62
N GLU D 141 6.43 -27.99 14.26
CA GLU D 141 5.81 -29.02 15.09
C GLU D 141 5.12 -28.43 16.31
N TYR D 142 5.52 -27.22 16.73
CA TYR D 142 4.83 -26.55 17.83
C TYR D 142 3.44 -26.10 17.40
N TYR D 143 3.34 -25.48 16.22
CA TYR D 143 2.03 -25.12 15.69
C TYR D 143 1.26 -26.32 15.16
N GLN D 144 1.87 -27.51 15.14
CA GLN D 144 1.19 -28.74 14.75
C GLN D 144 0.62 -28.62 13.34
N TRP D 145 1.52 -28.47 12.38
CA TRP D 145 1.16 -28.39 10.97
C TRP D 145 1.31 -29.77 10.32
N ASP D 146 0.45 -30.05 9.36
CA ASP D 146 0.50 -31.30 8.61
C ASP D 146 0.33 -31.12 7.11
N LYS D 147 -0.13 -29.97 6.63
CA LYS D 147 -0.31 -29.74 5.21
C LYS D 147 -0.19 -28.24 4.98
N PHE D 148 0.92 -27.82 4.38
CA PHE D 148 1.20 -26.40 4.21
C PHE D 148 2.00 -26.21 2.92
N ALA D 149 2.55 -25.01 2.75
CA ALA D 149 3.32 -24.65 1.58
C ALA D 149 4.66 -24.09 2.00
N TYR D 150 5.58 -24.01 1.03
CA TYR D 150 6.93 -23.53 1.30
C TYR D 150 7.41 -22.80 0.05
N LEU D 151 7.58 -21.49 0.15
CA LEU D 151 8.07 -20.66 -0.94
C LEU D 151 9.55 -20.39 -0.71
N TYR D 152 10.38 -20.83 -1.64
CA TYR D 152 11.83 -20.70 -1.53
C TYR D 152 12.35 -19.84 -2.68
N ASP D 153 13.63 -19.50 -2.58
CA ASP D 153 14.28 -18.67 -3.58
C ASP D 153 15.73 -19.13 -3.72
N SER D 154 16.18 -19.24 -4.97
CA SER D 154 17.56 -19.64 -5.27
C SER D 154 18.49 -18.47 -5.01
N ASP D 155 18.61 -18.13 -3.73
CA ASP D 155 19.45 -17.02 -3.28
C ASP D 155 20.43 -17.44 -2.21
N ARG D 156 20.03 -18.35 -1.31
CA ARG D 156 20.91 -18.83 -0.25
C ARG D 156 21.03 -20.35 -0.25
N GLY D 157 20.58 -21.01 -1.31
CA GLY D 157 20.59 -22.45 -1.37
C GLY D 157 19.23 -23.03 -1.03
N LEU D 158 19.18 -24.37 -1.03
CA LEU D 158 17.95 -25.09 -0.73
C LEU D 158 18.17 -26.08 0.41
N SER D 159 19.11 -25.78 1.30
CA SER D 159 19.33 -26.64 2.45
C SER D 159 18.09 -26.69 3.33
N THR D 160 17.45 -25.55 3.55
CA THR D 160 16.24 -25.52 4.37
C THR D 160 15.14 -26.36 3.74
N LEU D 161 14.98 -26.25 2.42
CA LEU D 161 13.96 -27.04 1.74
C LEU D 161 14.25 -28.53 1.85
N GLN D 162 15.50 -28.91 1.60
CA GLN D 162 15.87 -30.32 1.68
C GLN D 162 15.63 -30.87 3.07
N ALA D 163 15.97 -30.09 4.10
CA ALA D 163 15.73 -30.54 5.47
C ALA D 163 14.25 -30.64 5.76
N VAL D 164 13.47 -29.65 5.32
CA VAL D 164 12.03 -29.69 5.52
C VAL D 164 11.45 -30.96 4.92
N LEU D 165 11.91 -31.33 3.72
CA LEU D 165 11.36 -32.49 3.05
C LEU D 165 11.79 -33.79 3.72
N ASP D 166 13.09 -33.91 4.03
CA ASP D 166 13.57 -35.14 4.64
C ASP D 166 13.06 -35.30 6.07
N SER D 167 12.55 -34.24 6.68
CA SER D 167 11.89 -34.35 7.98
C SER D 167 10.39 -34.57 7.83
N ALA D 168 9.78 -34.06 6.76
CA ALA D 168 8.39 -34.37 6.49
C ALA D 168 8.20 -35.84 6.19
N ALA D 169 9.19 -36.46 5.53
CA ALA D 169 9.13 -37.88 5.28
C ALA D 169 8.89 -38.67 6.57
N GLU D 170 9.41 -38.18 7.69
CA GLU D 170 9.26 -38.84 8.98
C GLU D 170 8.19 -38.23 9.87
N LYS D 171 7.71 -37.03 9.54
CA LYS D 171 6.71 -36.34 10.33
C LYS D 171 5.31 -36.44 9.73
N LYS D 172 5.17 -37.08 8.57
CA LYS D 172 3.87 -37.26 7.93
C LYS D 172 3.22 -35.91 7.62
N TRP D 173 3.90 -35.15 6.76
CA TRP D 173 3.43 -33.85 6.32
C TRP D 173 3.09 -33.89 4.83
N GLN D 174 2.46 -32.81 4.37
CA GLN D 174 2.09 -32.65 2.97
C GLN D 174 2.53 -31.24 2.54
N VAL D 175 3.72 -31.15 2.00
CA VAL D 175 4.32 -29.88 1.63
C VAL D 175 4.00 -29.57 0.18
N THR D 176 3.98 -28.27 -0.13
CA THR D 176 3.74 -27.76 -1.49
C THR D 176 4.80 -26.72 -1.77
N ALA D 177 5.94 -27.15 -2.32
CA ALA D 177 7.06 -26.27 -2.53
C ALA D 177 6.89 -25.47 -3.82
N ILE D 178 7.32 -24.21 -3.78
CA ILE D 178 7.21 -23.30 -4.92
C ILE D 178 8.43 -22.39 -4.92
N ASN D 179 8.91 -22.05 -6.10
CA ASN D 179 10.05 -21.15 -6.26
C ASN D 179 9.57 -19.82 -6.81
N VAL D 180 10.23 -18.76 -6.36
CA VAL D 180 9.86 -17.40 -6.75
C VAL D 180 11.11 -16.64 -7.18
N GLY D 181 12.21 -17.36 -7.40
CA GLY D 181 13.46 -16.70 -7.75
C GLY D 181 13.57 -16.36 -9.22
N ASN D 182 12.97 -17.17 -10.09
CA ASN D 182 13.03 -16.96 -11.53
C ASN D 182 11.92 -16.05 -12.04
N ILE D 183 11.36 -15.22 -11.17
CA ILE D 183 10.28 -14.31 -11.53
C ILE D 183 10.86 -12.94 -11.83
N ASN D 184 10.46 -12.37 -12.96
CA ASN D 184 10.93 -11.04 -13.33
C ASN D 184 10.09 -9.97 -12.65
N ASN D 185 10.58 -8.74 -12.71
CA ASN D 185 9.90 -7.63 -12.04
C ASN D 185 8.68 -7.15 -12.81
N ASP D 186 8.69 -7.30 -14.14
CA ASP D 186 7.55 -6.82 -14.92
C ASP D 186 6.33 -7.72 -14.74
N LYS D 187 6.55 -9.02 -14.57
CA LYS D 187 5.47 -9.98 -14.40
C LYS D 187 5.30 -10.46 -12.95
N LYS D 188 6.01 -9.84 -12.00
CA LYS D 188 5.93 -10.29 -10.62
C LYS D 188 4.49 -10.21 -10.11
N ASP D 189 3.77 -9.15 -10.47
CA ASP D 189 2.41 -8.96 -9.97
C ASP D 189 1.51 -10.11 -10.40
N GLU D 190 1.32 -10.27 -11.71
CA GLU D 190 0.44 -11.32 -12.21
C GLU D 190 0.88 -12.72 -11.78
N THR D 191 2.19 -12.92 -11.57
CA THR D 191 2.67 -14.23 -11.17
C THR D 191 2.33 -14.53 -9.72
N TYR D 192 2.67 -13.60 -8.81
CA TYR D 192 2.37 -13.81 -7.41
C TYR D 192 0.87 -14.03 -7.19
N ARG D 193 0.03 -13.25 -7.87
CA ARG D 193 -1.41 -13.41 -7.70
C ARG D 193 -1.89 -14.75 -8.22
N SER D 194 -1.18 -15.33 -9.19
CA SER D 194 -1.56 -16.64 -9.70
C SER D 194 -1.23 -17.74 -8.70
N LEU D 195 -0.11 -17.60 -7.99
CA LEU D 195 0.28 -18.60 -7.01
C LEU D 195 -0.81 -18.80 -5.97
N PHE D 196 -1.13 -17.75 -5.22
CA PHE D 196 -2.12 -17.87 -4.16
C PHE D 196 -3.49 -18.21 -4.72
N GLN D 197 -3.76 -17.81 -5.97
CA GLN D 197 -5.01 -18.21 -6.60
C GLN D 197 -5.07 -19.71 -6.80
N ASP D 198 -3.95 -20.33 -7.19
CA ASP D 198 -3.91 -21.78 -7.31
C ASP D 198 -3.92 -22.45 -5.94
N LEU D 199 -3.33 -21.81 -4.94
CA LEU D 199 -3.29 -22.42 -3.61
C LEU D 199 -4.67 -22.53 -3.00
N GLU D 200 -5.61 -21.69 -3.41
CA GLU D 200 -6.98 -21.80 -2.92
C GLU D 200 -7.57 -23.15 -3.28
N LEU D 201 -7.20 -23.70 -4.44
CA LEU D 201 -7.71 -25.01 -4.85
C LEU D 201 -7.34 -26.07 -3.83
N LYS D 202 -6.09 -26.07 -3.36
CA LYS D 202 -5.63 -27.02 -2.37
C LYS D 202 -6.03 -26.63 -0.95
N LYS D 203 -6.73 -25.52 -0.78
CA LYS D 203 -7.14 -25.05 0.55
C LYS D 203 -5.92 -24.77 1.42
N GLU D 204 -4.90 -24.16 0.81
CA GLU D 204 -3.65 -23.86 1.51
C GLU D 204 -3.80 -22.55 2.26
N ARG D 205 -3.94 -22.63 3.58
CA ARG D 205 -4.04 -21.46 4.43
C ARG D 205 -2.78 -21.19 5.25
N ARG D 206 -1.86 -22.14 5.32
CA ARG D 206 -0.62 -22.00 6.07
C ARG D 206 0.55 -21.98 5.10
N VAL D 207 1.50 -21.07 5.35
CA VAL D 207 2.55 -20.76 4.39
C VAL D 207 3.85 -20.45 5.12
N ILE D 208 4.95 -20.67 4.41
CA ILE D 208 6.29 -20.35 4.89
C ILE D 208 7.03 -19.61 3.78
N LEU D 209 7.77 -18.57 4.16
CA LEU D 209 8.49 -17.73 3.21
C LEU D 209 9.98 -17.78 3.54
N ASP D 210 10.73 -18.56 2.77
CA ASP D 210 12.19 -18.61 2.89
C ASP D 210 12.78 -17.73 1.80
N CYS D 211 12.72 -16.42 2.04
CA CYS D 211 13.14 -15.44 1.06
C CYS D 211 13.81 -14.27 1.77
N GLU D 212 14.39 -13.37 0.97
CA GLU D 212 15.06 -12.20 1.50
C GLU D 212 14.04 -11.12 1.85
N ARG D 213 14.53 -9.99 2.36
CA ARG D 213 13.66 -8.95 2.86
C ARG D 213 12.82 -8.34 1.74
N ASP D 214 13.47 -7.97 0.63
CA ASP D 214 12.73 -7.36 -0.47
C ASP D 214 11.72 -8.33 -1.06
N LYS D 215 12.11 -9.60 -1.21
CA LYS D 215 11.20 -10.58 -1.77
C LYS D 215 9.99 -10.79 -0.87
N VAL D 216 10.21 -10.90 0.44
CA VAL D 216 9.09 -11.09 1.35
C VAL D 216 8.22 -9.84 1.39
N ASN D 217 8.82 -8.66 1.24
CA ASN D 217 8.02 -7.43 1.22
C ASN D 217 7.12 -7.40 0.00
N ASP D 218 7.65 -7.79 -1.17
CA ASP D 218 6.82 -7.85 -2.36
C ASP D 218 5.72 -8.89 -2.21
N ILE D 219 6.06 -10.05 -1.65
CA ILE D 219 5.07 -11.09 -1.41
C ILE D 219 3.95 -10.55 -0.53
N VAL D 220 4.31 -9.84 0.53
CA VAL D 220 3.30 -9.32 1.46
C VAL D 220 2.45 -8.26 0.79
N ASP D 221 3.07 -7.42 -0.04
CA ASP D 221 2.29 -6.43 -0.79
C ASP D 221 1.24 -7.10 -1.64
N GLN D 222 1.64 -8.13 -2.40
CA GLN D 222 0.68 -8.84 -3.24
C GLN D 222 -0.38 -9.53 -2.39
N VAL D 223 0.03 -10.06 -1.23
CA VAL D 223 -0.92 -10.76 -0.36
C VAL D 223 -2.00 -9.80 0.12
N ILE D 224 -1.60 -8.62 0.60
CA ILE D 224 -2.60 -7.67 1.08
C ILE D 224 -3.41 -7.14 -0.09
N THR D 225 -2.82 -7.05 -1.28
CA THR D 225 -3.58 -6.63 -2.44
C THR D 225 -4.66 -7.64 -2.78
N ILE D 226 -4.38 -8.93 -2.59
CA ILE D 226 -5.35 -9.96 -2.92
C ILE D 226 -6.35 -10.19 -1.80
N GLY D 227 -6.00 -9.87 -0.56
CA GLY D 227 -6.91 -10.04 0.56
C GLY D 227 -6.73 -11.37 1.26
N LYS D 228 -5.48 -11.69 1.61
CA LYS D 228 -5.17 -12.93 2.31
C LYS D 228 -4.44 -12.71 3.63
N HIS D 229 -4.22 -11.45 4.01
CA HIS D 229 -3.70 -11.12 5.33
C HIS D 229 -4.78 -11.12 6.39
N VAL D 230 -5.98 -11.59 6.06
CA VAL D 230 -7.10 -11.65 7.00
C VAL D 230 -7.01 -12.94 7.80
N LYS D 231 -7.78 -13.02 8.88
CA LYS D 231 -7.77 -14.20 9.75
C LYS D 231 -8.04 -15.46 8.93
N GLY D 232 -7.71 -16.61 9.51
CA GLY D 232 -7.77 -17.87 8.79
C GLY D 232 -6.49 -18.24 8.06
N TYR D 233 -5.51 -17.34 8.03
CA TYR D 233 -4.24 -17.57 7.36
C TYR D 233 -3.11 -17.48 8.37
N HIS D 234 -2.03 -18.18 8.08
CA HIS D 234 -0.83 -18.16 8.90
C HIS D 234 0.38 -17.98 7.99
N TYR D 235 1.36 -17.22 8.45
CA TYR D 235 2.57 -16.97 7.70
C TYR D 235 3.77 -17.09 8.62
N ILE D 236 4.91 -17.46 8.04
CA ILE D 236 6.15 -17.63 8.79
C ILE D 236 7.29 -17.08 7.94
N ILE D 237 8.00 -16.09 8.47
CA ILE D 237 9.13 -15.48 7.78
C ILE D 237 10.36 -16.28 8.16
N ALA D 238 10.79 -17.16 7.27
CA ALA D 238 11.93 -18.05 7.53
C ALA D 238 13.23 -17.26 7.34
N ASN D 239 13.47 -16.36 8.29
CA ASN D 239 14.70 -15.58 8.31
C ASN D 239 14.82 -14.92 9.68
N LEU D 240 15.99 -14.36 9.93
CA LEU D 240 16.27 -13.68 11.19
C LEU D 240 15.87 -12.21 11.17
N GLY D 241 15.56 -11.66 10.00
CA GLY D 241 15.14 -10.28 9.91
C GLY D 241 13.63 -10.11 9.96
N PHE D 242 13.02 -10.47 11.09
CA PHE D 242 11.58 -10.35 11.22
C PHE D 242 11.15 -8.89 11.17
N THR D 243 11.66 -8.09 12.11
CA THR D 243 11.34 -6.66 12.12
C THR D 243 12.02 -5.91 10.99
N ASP D 244 13.06 -6.48 10.37
CA ASP D 244 13.74 -5.80 9.28
C ASP D 244 12.78 -5.41 8.17
N GLY D 245 11.67 -6.13 8.04
CA GLY D 245 10.68 -5.81 7.03
C GLY D 245 9.60 -4.89 7.57
N ASP D 246 8.77 -4.42 6.65
CA ASP D 246 7.65 -3.54 7.00
C ASP D 246 6.44 -4.40 7.32
N LEU D 247 6.07 -4.47 8.59
CA LEU D 247 4.95 -5.27 9.05
C LEU D 247 3.71 -4.44 9.37
N LEU D 248 3.86 -3.12 9.49
CA LEU D 248 2.71 -2.27 9.81
C LEU D 248 1.58 -2.42 8.81
N LYS D 249 1.90 -2.84 7.58
CA LYS D 249 0.87 -3.01 6.55
C LYS D 249 0.16 -4.35 6.65
N ILE D 250 0.59 -5.22 7.56
CA ILE D 250 -0.03 -6.54 7.71
C ILE D 250 -0.33 -6.81 9.17
N GLN D 251 -0.09 -5.82 10.03
CA GLN D 251 -0.27 -6.02 11.47
C GLN D 251 -1.74 -6.07 11.86
N PHE D 252 -2.59 -5.31 11.17
CA PHE D 252 -4.00 -5.17 11.54
C PHE D 252 -4.92 -5.92 10.60
N GLY D 253 -4.42 -6.97 9.96
CA GLY D 253 -5.24 -7.77 9.07
C GLY D 253 -5.99 -8.87 9.80
N GLY D 254 -5.45 -9.32 10.92
CA GLY D 254 -6.04 -10.38 11.69
C GLY D 254 -5.50 -11.76 11.39
N ALA D 255 -4.40 -11.86 10.68
CA ALA D 255 -3.82 -13.14 10.28
C ALA D 255 -2.63 -13.49 11.15
N ASN D 256 -2.50 -14.78 11.46
CA ASN D 256 -1.34 -15.24 12.20
C ASN D 256 -0.06 -14.94 11.45
N VAL D 257 0.95 -14.50 12.18
CA VAL D 257 2.28 -14.26 11.60
C VAL D 257 3.31 -14.65 12.64
N SER D 258 4.45 -15.14 12.18
CA SER D 258 5.52 -15.58 13.06
C SER D 258 6.84 -15.40 12.34
N GLY D 259 7.92 -15.48 13.11
CA GLY D 259 9.24 -15.28 12.55
C GLY D 259 10.30 -15.47 13.61
N PHE D 260 11.51 -15.04 13.27
CA PHE D 260 12.66 -15.17 14.15
C PHE D 260 13.44 -13.87 14.17
N GLN D 261 14.09 -13.61 15.30
CA GLN D 261 14.90 -12.42 15.49
C GLN D 261 16.10 -12.79 16.33
N ILE D 262 17.30 -12.66 15.74
CA ILE D 262 18.51 -13.04 16.45
C ILE D 262 18.98 -11.94 17.39
N VAL D 263 18.59 -10.69 17.16
CA VAL D 263 18.94 -9.57 18.03
C VAL D 263 17.71 -9.19 18.85
N ASP D 264 17.88 -9.16 20.16
CA ASP D 264 16.80 -8.79 21.09
C ASP D 264 16.99 -7.32 21.43
N TYR D 265 16.18 -6.46 20.82
CA TYR D 265 16.32 -5.02 20.99
C TYR D 265 16.12 -4.58 22.44
N ASP D 266 15.69 -5.47 23.33
CA ASP D 266 15.40 -5.12 24.72
C ASP D 266 16.54 -5.51 25.66
N ASP D 267 17.78 -5.38 25.22
CA ASP D 267 18.93 -5.70 26.05
C ASP D 267 19.82 -4.48 26.22
N SER D 268 20.72 -4.56 27.21
CA SER D 268 21.49 -3.40 27.62
C SER D 268 22.41 -2.91 26.51
N LEU D 269 23.35 -3.77 26.08
CA LEU D 269 24.37 -3.31 25.14
C LEU D 269 23.77 -3.04 23.77
N VAL D 270 22.78 -3.83 23.36
CA VAL D 270 22.11 -3.56 22.08
C VAL D 270 21.39 -2.24 22.13
N SER D 271 20.76 -1.92 23.26
CA SER D 271 20.09 -0.62 23.40
C SER D 271 21.09 0.53 23.37
N LYS D 272 22.22 0.36 24.04
CA LYS D 272 23.26 1.39 23.99
C LYS D 272 23.77 1.59 22.57
N PHE D 273 23.98 0.49 21.85
CA PHE D 273 24.40 0.60 20.46
C PHE D 273 23.34 1.29 19.61
N ILE D 274 22.07 1.00 19.86
CA ILE D 274 21.01 1.66 19.11
C ILE D 274 20.99 3.15 19.41
N GLU D 275 21.26 3.52 20.66
CA GLU D 275 21.35 4.92 21.01
C GLU D 275 22.48 5.60 20.24
N ARG D 276 23.66 4.98 20.23
CA ARG D 276 24.78 5.54 19.47
C ARG D 276 24.55 5.47 17.97
N TRP D 277 23.60 4.65 17.51
CA TRP D 277 23.39 4.39 16.09
C TRP D 277 22.38 5.35 15.48
N SER D 278 21.17 5.39 16.04
CA SER D 278 20.13 6.26 15.49
C SER D 278 20.55 7.72 15.53
N THR D 279 21.34 8.12 16.53
CA THR D 279 21.77 9.51 16.62
C THR D 279 22.68 9.89 15.46
N LEU D 280 23.37 8.92 14.88
CA LEU D 280 24.32 9.21 13.82
C LEU D 280 23.61 9.78 12.59
N GLU D 281 24.41 10.24 11.64
CA GLU D 281 23.92 10.93 10.46
C GLU D 281 23.91 10.02 9.25
N GLU D 282 22.92 10.23 8.39
CA GLU D 282 22.78 9.48 7.14
C GLU D 282 23.74 9.94 6.07
N LYS D 283 24.66 10.87 6.38
CA LYS D 283 25.62 11.36 5.41
C LYS D 283 26.93 10.57 5.47
N GLU D 284 27.57 10.54 6.64
CA GLU D 284 28.80 9.78 6.79
C GLU D 284 28.54 8.30 7.02
N TYR D 285 27.41 7.96 7.62
CA TYR D 285 27.04 6.57 7.91
C TYR D 285 25.63 6.34 7.37
N PRO D 286 25.49 6.06 6.08
CA PRO D 286 24.15 5.83 5.52
C PRO D 286 23.43 4.68 6.21
N GLY D 287 22.11 4.70 6.09
CA GLY D 287 21.28 3.69 6.72
C GLY D 287 21.60 3.50 8.19
N ALA D 288 21.71 4.62 8.92
CA ALA D 288 22.09 4.57 10.33
C ALA D 288 21.20 5.40 11.24
N HIS D 289 20.47 6.39 10.72
CA HIS D 289 19.62 7.23 11.56
C HIS D 289 18.26 6.59 11.79
N THR D 290 18.28 5.35 12.27
CA THR D 290 17.06 4.61 12.56
C THR D 290 17.28 3.78 13.81
N ALA D 291 16.17 3.27 14.36
CA ALA D 291 16.23 2.43 15.54
C ALA D 291 16.36 0.95 15.21
N THR D 292 15.93 0.54 14.02
CA THR D 292 16.07 -0.84 13.59
C THR D 292 17.40 -1.04 12.87
N ILE D 293 17.86 -2.29 12.87
CA ILE D 293 19.12 -2.64 12.22
C ILE D 293 18.98 -4.05 11.65
N LYS D 294 19.63 -4.28 10.51
CA LYS D 294 19.57 -5.57 9.86
C LYS D 294 20.55 -6.53 10.51
N TYR D 295 20.15 -7.80 10.60
CA TYR D 295 21.00 -8.79 11.23
C TYR D 295 22.31 -8.94 10.50
N THR D 296 22.35 -8.62 9.20
CA THR D 296 23.62 -8.62 8.48
C THR D 296 24.57 -7.60 9.09
N SER D 297 24.09 -6.38 9.34
CA SER D 297 24.93 -5.36 9.95
C SER D 297 25.29 -5.73 11.37
N ALA D 298 24.35 -6.30 12.12
CA ALA D 298 24.65 -6.75 13.47
C ALA D 298 25.79 -7.77 13.47
N LEU D 299 25.73 -8.72 12.53
CA LEU D 299 26.77 -9.72 12.45
C LEU D 299 28.08 -9.14 11.96
N THR D 300 28.03 -8.11 11.13
CA THR D 300 29.25 -7.40 10.76
C THR D 300 29.91 -6.77 11.98
N TYR D 301 29.10 -6.11 12.81
CA TYR D 301 29.60 -5.55 14.06
C TYR D 301 30.24 -6.63 14.93
N ASP D 302 29.51 -7.72 15.15
CA ASP D 302 30.05 -8.82 15.96
C ASP D 302 31.31 -9.40 15.33
N ALA D 303 31.40 -9.39 14.01
CA ALA D 303 32.58 -9.92 13.33
C ALA D 303 33.79 -9.05 13.61
N VAL D 304 33.63 -7.74 13.50
CA VAL D 304 34.72 -6.84 13.88
C VAL D 304 35.12 -7.09 15.31
N GLN D 305 34.14 -7.25 16.20
CA GLN D 305 34.43 -7.50 17.61
C GLN D 305 35.30 -8.74 17.76
N VAL D 306 34.88 -9.86 17.17
CA VAL D 306 35.59 -11.11 17.36
C VAL D 306 36.97 -11.07 16.72
N MET D 307 37.12 -10.39 15.58
CA MET D 307 38.42 -10.28 14.96
C MET D 307 39.38 -9.50 15.84
N THR D 308 38.93 -8.36 16.36
CA THR D 308 39.75 -7.59 17.29
C THR D 308 40.13 -8.44 18.49
N GLU D 309 39.16 -9.18 19.06
CA GLU D 309 39.46 -10.00 20.23
C GLU D 309 40.48 -11.08 19.91
N ALA D 310 40.37 -11.68 18.72
CA ALA D 310 41.30 -12.75 18.37
C ALA D 310 42.71 -12.21 18.18
N PHE D 311 42.84 -11.08 17.49
CA PHE D 311 44.17 -10.51 17.30
C PHE D 311 44.77 -10.04 18.62
N ARG D 312 43.94 -9.51 19.51
CA ARG D 312 44.44 -9.12 20.82
C ARG D 312 44.90 -10.33 21.62
N ASN D 313 44.10 -11.41 21.60
CA ASN D 313 44.50 -12.63 22.29
C ASN D 313 45.79 -13.18 21.73
N LEU D 314 45.97 -13.11 20.42
CA LEU D 314 47.21 -13.59 19.81
C LEU D 314 48.40 -12.75 20.27
N ARG D 315 48.30 -11.43 20.13
CA ARG D 315 49.39 -10.57 20.58
C ARG D 315 49.65 -10.74 22.07
N LYS D 316 48.64 -11.17 22.83
CA LYS D 316 48.80 -11.36 24.26
C LYS D 316 49.39 -12.73 24.61
N GLN D 317 49.30 -13.70 23.71
CA GLN D 317 49.82 -15.05 23.94
C GLN D 317 51.30 -15.17 23.58
N ARG D 318 52.01 -14.05 23.47
CA ARG D 318 53.43 -14.06 23.12
C ARG D 318 53.66 -14.85 21.83
N ILE D 319 53.06 -14.35 20.75
CA ILE D 319 53.08 -15.02 19.46
C ILE D 319 53.55 -14.03 18.40
N GLU D 320 53.85 -14.56 17.21
CA GLU D 320 54.27 -13.76 16.07
C GLU D 320 53.65 -14.35 14.81
N ILE D 321 53.04 -13.50 14.00
CA ILE D 321 52.31 -13.93 12.82
C ILE D 321 52.74 -13.13 11.60
N SER D 322 53.44 -12.02 11.81
CA SER D 322 53.81 -11.15 10.71
C SER D 322 54.54 -11.91 9.61
N ARG D 323 54.02 -11.81 8.40
CA ARG D 323 54.60 -12.53 7.27
C ARG D 323 56.01 -12.03 7.01
N ARG D 324 56.97 -12.97 7.00
CA ARG D 324 58.35 -12.61 6.74
C ARG D 324 58.51 -11.99 5.36
N GLY D 325 57.88 -12.59 4.35
CA GLY D 325 57.92 -12.08 3.00
C GLY D 325 56.55 -11.71 2.47
N ASN D 326 56.46 -11.52 1.16
CA ASN D 326 55.18 -11.16 0.53
C ASN D 326 54.31 -12.41 0.42
N ALA D 327 53.16 -12.26 -0.24
CA ALA D 327 52.25 -13.38 -0.45
C ALA D 327 52.38 -14.02 -1.83
N GLY D 328 52.92 -13.29 -2.81
CA GLY D 328 53.07 -13.81 -4.14
C GLY D 328 51.83 -13.62 -4.99
N ASP D 329 51.05 -14.69 -5.15
CA ASP D 329 49.82 -14.62 -5.92
C ASP D 329 49.05 -15.92 -5.70
N CYS D 330 47.77 -15.88 -6.07
CA CYS D 330 46.93 -17.07 -5.93
C CYS D 330 47.49 -18.24 -6.73
N LEU D 331 47.84 -17.98 -7.99
CA LEU D 331 48.15 -19.03 -8.94
C LEU D 331 49.58 -19.53 -8.84
N ALA D 332 50.27 -19.27 -7.73
CA ALA D 332 51.60 -19.81 -7.53
C ALA D 332 51.56 -21.33 -7.48
N ASN D 333 52.13 -21.99 -8.49
CA ASN D 333 52.12 -23.44 -8.56
C ASN D 333 53.48 -23.98 -8.14
N PRO D 334 53.57 -24.85 -7.13
CA PRO D 334 52.47 -25.37 -6.31
C PRO D 334 51.97 -24.35 -5.29
N ALA D 335 50.80 -24.62 -4.71
CA ALA D 335 50.27 -23.73 -3.68
C ALA D 335 51.20 -23.70 -2.48
N VAL D 336 51.36 -22.52 -1.90
CA VAL D 336 52.27 -22.31 -0.79
C VAL D 336 51.56 -21.56 0.33
N PRO D 337 50.89 -22.25 1.25
CA PRO D 337 50.28 -21.56 2.39
C PRO D 337 51.34 -21.03 3.34
N TRP D 338 50.91 -20.37 4.42
CA TRP D 338 51.82 -19.91 5.46
C TRP D 338 51.36 -20.46 6.80
N GLY D 339 52.33 -20.69 7.69
CA GLY D 339 52.07 -21.48 8.88
C GLY D 339 51.03 -20.86 9.80
N GLN D 340 51.15 -19.55 10.05
CA GLN D 340 50.32 -18.92 11.07
C GLN D 340 48.84 -18.90 10.69
N GLY D 341 48.47 -19.36 9.50
CA GLY D 341 47.06 -19.43 9.15
C GLY D 341 46.29 -20.36 10.07
N VAL D 342 46.88 -21.51 10.40
CA VAL D 342 46.21 -22.45 11.29
C VAL D 342 46.05 -21.84 12.67
N GLU D 343 47.06 -21.09 13.13
CA GLU D 343 46.96 -20.44 14.44
C GLU D 343 45.86 -19.39 14.43
N ILE D 344 45.77 -18.61 13.35
CA ILE D 344 44.73 -17.60 13.26
C ILE D 344 43.35 -18.24 13.26
N GLU D 345 43.22 -19.35 12.53
CA GLU D 345 41.94 -20.06 12.52
C GLU D 345 41.59 -20.59 13.91
N ARG D 346 42.57 -21.20 14.59
CA ARG D 346 42.33 -21.68 15.94
C ARG D 346 41.89 -20.54 16.86
N ALA D 347 42.50 -19.37 16.70
CA ALA D 347 42.11 -18.22 17.51
C ALA D 347 40.69 -17.80 17.23
N LEU D 348 40.38 -17.52 15.95
CA LEU D 348 39.04 -17.08 15.60
C LEU D 348 37.99 -18.10 16.02
N LYS D 349 38.35 -19.38 16.05
CA LYS D 349 37.43 -20.42 16.49
C LYS D 349 37.51 -20.70 17.98
N GLN D 350 38.46 -20.09 18.69
CA GLN D 350 38.59 -20.24 20.13
C GLN D 350 38.10 -19.00 20.87
N VAL D 351 37.04 -18.38 20.37
CA VAL D 351 36.51 -17.15 20.93
C VAL D 351 35.16 -17.44 21.58
N GLN D 352 34.89 -16.75 22.69
CA GLN D 352 33.62 -16.86 23.37
C GLN D 352 33.31 -15.49 24.00
N VAL D 353 32.54 -14.69 23.29
CA VAL D 353 32.14 -13.36 23.74
C VAL D 353 30.64 -13.20 23.48
N GLU D 354 30.14 -12.01 23.79
CA GLU D 354 28.72 -11.70 23.65
C GLU D 354 28.57 -10.42 22.84
N GLY D 355 27.50 -10.37 22.05
CA GLY D 355 27.23 -9.22 21.21
C GLY D 355 25.77 -9.07 20.88
N LEU D 356 25.47 -8.37 19.78
CA LEU D 356 24.09 -8.16 19.38
C LEU D 356 23.35 -9.48 19.20
N SER D 357 23.92 -10.39 18.40
CA SER D 357 23.27 -11.67 18.17
C SER D 357 23.20 -12.52 19.43
N GLY D 358 24.03 -12.21 20.44
CA GLY D 358 24.06 -12.96 21.67
C GLY D 358 25.44 -13.54 21.92
N ASN D 359 25.47 -14.73 22.51
CA ASN D 359 26.74 -15.40 22.73
C ASN D 359 27.33 -15.83 21.39
N ILE D 360 28.66 -15.79 21.31
CA ILE D 360 29.36 -16.09 20.06
C ILE D 360 30.44 -17.12 20.33
N LYS D 361 30.13 -18.39 20.07
CA LYS D 361 31.07 -19.48 20.21
C LYS D 361 31.02 -20.35 18.96
N PHE D 362 32.18 -20.79 18.50
CA PHE D 362 32.30 -21.55 17.28
C PHE D 362 32.79 -22.97 17.59
N ASP D 363 32.63 -23.84 16.60
CA ASP D 363 33.09 -25.22 16.68
C ASP D 363 34.32 -25.41 15.78
N GLN D 364 34.82 -26.64 15.74
CA GLN D 364 35.99 -26.93 14.92
C GLN D 364 35.75 -26.57 13.46
N ASN D 365 34.54 -26.82 12.96
CA ASN D 365 34.24 -26.51 11.57
C ASN D 365 34.17 -25.02 11.33
N GLY D 366 33.82 -24.24 12.36
CA GLY D 366 33.69 -22.81 12.26
C GLY D 366 32.28 -22.28 12.42
N LYS D 367 31.28 -23.16 12.47
CA LYS D 367 29.90 -22.73 12.62
C LYS D 367 29.62 -22.38 14.09
N ARG D 368 28.52 -21.66 14.29
CA ARG D 368 28.19 -21.15 15.62
C ARG D 368 27.44 -22.20 16.43
N ILE D 369 27.54 -22.07 17.75
CA ILE D 369 26.90 -22.99 18.68
C ILE D 369 26.57 -22.23 19.96
N ASN D 370 25.79 -22.88 20.83
CA ASN D 370 25.31 -22.27 22.07
C ASN D 370 24.77 -20.88 21.81
N TYR D 371 23.90 -20.77 20.81
CA TYR D 371 23.26 -19.53 20.45
C TYR D 371 21.77 -19.61 20.72
N THR D 372 21.08 -18.49 20.54
CA THR D 372 19.67 -18.38 20.80
C THR D 372 18.98 -17.65 19.66
N ILE D 373 17.74 -18.06 19.39
CA ILE D 373 16.94 -17.45 18.33
C ILE D 373 15.56 -17.14 18.90
N ASN D 374 15.29 -15.86 19.15
CA ASN D 374 14.03 -15.45 19.74
C ASN D 374 12.90 -15.55 18.72
N ILE D 375 11.93 -16.39 19.03
CA ILE D 375 10.73 -16.52 18.20
C ILE D 375 9.82 -15.34 18.49
N MET D 376 9.08 -14.91 17.47
CA MET D 376 8.24 -13.73 17.59
C MET D 376 6.92 -13.94 16.85
N GLU D 377 5.95 -13.10 17.18
CA GLU D 377 4.65 -13.09 16.54
C GLU D 377 4.21 -11.65 16.36
N LEU D 378 3.26 -11.43 15.46
CA LEU D 378 2.81 -10.09 15.12
C LEU D 378 1.46 -9.84 15.78
N LYS D 379 1.48 -9.11 16.89
CA LYS D 379 0.26 -8.71 17.56
C LYS D 379 -0.20 -7.34 17.07
N THR D 380 -1.47 -7.03 17.33
CA THR D 380 -2.01 -5.75 16.89
C THR D 380 -1.24 -4.58 17.49
N ASN D 381 -0.73 -4.72 18.71
CA ASN D 381 0.05 -3.66 19.34
C ASN D 381 1.48 -3.63 18.84
N GLY D 382 2.10 -4.80 18.71
CA GLY D 382 3.47 -4.87 18.24
C GLY D 382 4.01 -6.29 18.32
N PRO D 383 5.14 -6.53 17.67
CA PRO D 383 5.73 -7.88 17.68
C PRO D 383 6.38 -8.21 19.01
N ARG D 384 5.89 -9.26 19.66
CA ARG D 384 6.38 -9.68 20.96
C ARG D 384 7.07 -11.04 20.85
N LYS D 385 7.99 -11.29 21.77
CA LYS D 385 8.74 -12.54 21.79
C LYS D 385 7.96 -13.58 22.58
N ILE D 386 7.42 -14.57 21.89
CA ILE D 386 6.65 -15.62 22.55
C ILE D 386 7.56 -16.70 23.13
N GLY D 387 8.77 -16.84 22.61
CA GLY D 387 9.67 -17.87 23.09
C GLY D 387 11.01 -17.76 22.40
N TYR D 388 11.87 -18.74 22.69
CA TYR D 388 13.20 -18.77 22.11
C TYR D 388 13.61 -20.22 21.86
N TRP D 389 14.49 -20.39 20.88
CA TRP D 389 14.99 -21.69 20.49
C TRP D 389 16.50 -21.75 20.73
N SER D 390 17.00 -22.96 21.00
CA SER D 390 18.40 -23.19 21.28
C SER D 390 18.84 -24.48 20.59
N GLU D 391 20.13 -24.79 20.73
CA GLU D 391 20.68 -26.02 20.18
C GLU D 391 20.62 -27.17 21.18
N VAL D 392 21.07 -26.94 22.41
CA VAL D 392 21.00 -27.96 23.44
C VAL D 392 19.59 -28.10 24.01
N ASP D 393 18.74 -27.08 23.87
CA ASP D 393 17.37 -27.13 24.32
C ASP D 393 16.43 -26.96 23.14
N LYS D 394 15.17 -27.28 23.36
CA LYS D 394 14.14 -27.17 22.34
C LYS D 394 13.53 -25.77 22.37
N MET D 395 12.37 -25.63 21.72
CA MET D 395 11.68 -24.36 21.67
C MET D 395 11.03 -24.05 23.02
N VAL D 396 11.72 -23.29 23.85
CA VAL D 396 11.19 -22.91 25.17
C VAL D 396 10.17 -21.79 25.00
N VAL D 397 8.91 -22.10 25.28
CA VAL D 397 7.86 -21.09 25.19
C VAL D 397 7.87 -20.23 26.45
N THR D 398 7.38 -19.00 26.31
CA THR D 398 7.27 -18.05 27.43
C THR D 398 5.81 -17.64 27.55
N LEU D 399 5.11 -18.23 28.51
CA LEU D 399 3.68 -17.94 28.68
C LEU D 399 3.45 -16.60 29.35
N THR D 400 4.36 -16.17 30.23
CA THR D 400 4.22 -14.89 30.91
C THR D 400 2.95 -14.86 31.74
C1 NAG E . -20.96 27.54 38.26
C2 NAG E . -19.83 28.08 39.15
C3 NAG E . -20.28 28.13 40.60
C4 NAG E . -21.58 28.91 40.73
C5 NAG E . -22.63 28.34 39.79
C6 NAG E . -23.91 29.14 39.77
C7 NAG E . -18.53 25.93 39.01
C8 NAG E . -17.16 25.37 38.84
N2 NAG E . -18.63 27.27 39.01
O3 NAG E . -19.27 28.73 41.40
O4 NAG E . -22.06 28.87 42.07
O5 NAG E . -22.13 28.34 38.44
O6 NAG E . -24.66 28.95 40.97
O7 NAG E . -19.52 25.20 39.14
H2 NAG E . -19.63 28.99 38.87
H3 NAG E . -20.44 27.21 40.92
H4 NAG E . -21.40 29.84 40.48
H5 NAG E . -22.84 27.43 40.05
H61 NAG E . -24.45 28.87 39.01
H62 NAG E . -23.70 30.10 39.69
H81 NAG E . -16.61 25.63 39.61
H82 NAG E . -16.77 25.73 38.02
H83 NAG E . -17.20 24.40 38.78
HN2 NAG E . -17.85 27.72 38.91
HO3 NAG E . -18.77 29.25 40.87
HO6 NAG E . -24.28 28.31 41.44
C1 NAG E . -22.70 29.59 43.06
C2 NAG E . -22.60 29.89 44.54
C3 NAG E . -23.64 30.94 44.94
C4 NAG E . -23.52 32.17 44.04
C5 NAG E . -23.56 31.77 42.57
C6 NAG E . -23.31 32.93 41.63
C7 NAG E . -23.90 27.97 45.35
C8 NAG E . -23.90 26.76 46.22
N2 NAG E . -22.77 28.69 45.34
O3 NAG E . -23.47 31.31 46.30
O4 NAG E . -24.57 33.08 44.31
O5 NAG E . -22.55 30.79 42.31
O6 NAG E . -23.39 32.52 40.28
O7 NAG E . -24.88 28.30 44.68
C1 NAG F . -45.75 8.65 29.19
C2 NAG F . -45.13 7.31 28.80
C3 NAG F . -45.36 6.27 29.88
C4 NAG F . -44.87 6.80 31.23
C5 NAG F . -45.51 8.15 31.53
C6 NAG F . -44.98 8.78 32.79
C7 NAG F . -45.02 7.06 26.36
C8 NAG F . -45.71 6.50 25.14
N2 NAG F . -45.66 6.86 27.52
O3 NAG F . -44.68 5.07 29.54
O4 NAG F . -45.19 5.87 32.26
O5 NAG F . -45.23 9.07 30.46
O6 NAG F . -45.80 9.87 33.21
O7 NAG F . -43.96 7.65 26.29
C1 NAG F . -44.40 4.76 32.40
C2 NAG F . -44.82 3.43 33.03
C3 NAG F . -43.60 2.60 33.39
C4 NAG F . -42.70 2.44 32.17
C5 NAG F . -42.37 3.80 31.56
C6 NAG F . -41.58 3.70 30.27
C7 NAG F . -46.78 4.37 34.19
C8 NAG F . -47.49 4.50 35.51
N2 NAG F . -45.64 3.66 34.21
O3 NAG F . -44.01 1.33 33.86
O4 NAG F . -41.48 1.79 32.55
O5 NAG F . -43.59 4.50 31.26
O6 NAG F . -42.06 2.65 29.46
O7 NAG F . -47.19 4.89 33.17
C1 BMA F . -41.51 0.52 32.03
C2 BMA F . -40.01 0.17 32.06
C3 BMA F . -39.69 -0.82 30.94
C4 BMA F . -40.68 -1.99 30.92
C5 BMA F . -42.13 -1.46 30.86
C6 BMA F . -43.16 -2.57 30.88
O2 BMA F . -39.68 -0.46 33.28
O3 BMA F . -38.36 -1.31 31.05
O4 BMA F . -40.43 -2.82 29.79
O5 BMA F . -42.34 -0.62 32.00
O6 BMA F . -42.74 -3.59 30.00
C1 NAG G . -31.53 15.01 -24.52
C2 NAG G . -32.32 15.49 -25.76
C3 NAG G . -31.38 15.98 -26.86
C4 NAG G . -30.35 14.92 -27.25
C5 NAG G . -30.02 14.04 -26.05
C6 NAG G . -28.61 13.53 -26.07
C7 NAG G . -34.34 14.09 -25.67
C8 NAG G . -35.11 12.98 -26.32
N2 NAG G . -33.19 14.44 -26.26
O3 NAG G . -30.70 17.16 -26.42
O4 NAG G . -30.86 14.11 -28.30
O5 NAG G . -30.18 14.81 -24.86
O6 NAG G . -28.39 12.55 -25.05
O7 NAG G . -34.74 14.66 -24.65
H2 NAG G . -32.88 16.24 -25.48
H3 NAG G . -31.90 16.20 -27.65
H4 NAG G . -29.54 15.36 -27.55
H5 NAG G . -30.64 13.28 -26.03
H61 NAG G . -28.00 14.28 -25.91
H62 NAG G . -28.42 13.14 -26.93
H81 NAG G . -34.55 12.19 -26.38
H82 NAG G . -35.38 13.27 -27.22
H83 NAG G . -35.90 12.79 -25.80
HN2 NAG G . -32.94 14.00 -27.02
HO3 NAG G . -30.51 17.66 -27.13
HO6 NAG G . -27.58 12.20 -25.14
C1 NAG G . -29.91 13.78 -29.24
C2 NAG G . -31.00 12.94 -29.92
C3 NAG G . -30.73 12.84 -31.42
C4 NAG G . -30.53 14.22 -32.02
C5 NAG G . -29.45 14.98 -31.26
C6 NAG G . -29.28 16.40 -31.74
C7 NAG G . -32.04 10.74 -29.64
C8 NAG G . -31.98 9.43 -28.91
N2 NAG G . -31.09 11.63 -29.32
O3 NAG G . -31.82 12.18 -32.06
O4 NAG G . -30.14 14.11 -33.39
O5 NAG G . -29.82 15.06 -29.87
O6 NAG G . -28.16 17.02 -31.12
O7 NAG G . -32.91 10.99 -30.46
C1 NAG H . -21.91 -8.76 -4.67
C2 NAG H . -22.88 -9.10 -3.55
C3 NAG H . -23.49 -10.48 -3.79
C4 NAG H . -24.12 -10.55 -5.16
C5 NAG H . -23.12 -10.12 -6.23
C6 NAG H . -23.72 -10.03 -7.61
C7 NAG H . -22.39 -8.05 -1.38
C8 NAG H . -21.62 -8.16 -0.10
N2 NAG H . -22.20 -9.05 -2.25
O3 NAG H . -24.47 -10.73 -2.79
O4 NAG H . -24.55 -11.87 -5.44
O5 NAG H . -22.59 -8.82 -5.93
O6 NAG H . -23.80 -8.68 -8.05
O7 NAG H . -23.14 -7.11 -1.61
C1 NAG H . -25.88 -11.62 -5.19
C2 NAG H . -26.62 -12.48 -6.20
C3 NAG H . -28.12 -12.34 -6.02
C4 NAG H . -28.51 -12.64 -4.58
C5 NAG H . -27.69 -11.79 -3.62
C6 NAG H . -27.92 -12.13 -2.17
C7 NAG H . -25.77 -13.01 -8.45
C8 NAG H . -25.42 -12.46 -9.80
N2 NAG H . -26.24 -12.12 -7.56
O3 NAG H . -28.80 -13.24 -6.90
O4 NAG H . -29.90 -12.37 -4.38
O5 NAG H . -26.29 -11.99 -3.87
O6 NAG H . -27.02 -13.12 -1.71
O7 NAG H . -25.64 -14.19 -8.17
C1 BMA H . -30.66 -13.47 -4.08
C2 BMA H . -32.08 -13.01 -3.72
C3 BMA H . -32.95 -14.23 -3.40
C4 BMA H . -32.81 -15.32 -4.48
C5 BMA H . -31.33 -15.68 -4.67
C6 BMA H . -31.12 -16.72 -5.74
O2 BMA H . -32.69 -12.35 -4.81
O3 BMA H . -34.32 -13.87 -3.26
O4 BMA H . -33.54 -16.48 -4.11
O5 BMA H . -30.65 -14.48 -5.06
O6 BMA H . -29.78 -17.20 -5.64
C1 NAG I . 15.86 -33.12 -36.41
C2 NAG I . 15.92 -32.39 -37.75
C3 NAG I . 15.54 -33.32 -38.89
C4 NAG I . 16.42 -34.58 -38.85
C5 NAG I . 16.33 -35.22 -37.47
C6 NAG I . 17.26 -36.41 -37.32
C7 NAG I . 13.78 -31.14 -37.30
C8 NAG I . 13.14 -29.79 -37.42
N2 NAG I . 15.05 -31.22 -37.74
O3 NAG I . 15.72 -32.66 -40.13
O4 NAG I . 16.00 -35.51 -39.83
O5 NAG I . 16.71 -34.27 -36.46
O6 NAG I . 16.78 -37.54 -38.03
O7 NAG I . 13.19 -32.10 -36.83
H2 NAG I . 16.84 -32.08 -37.89
H3 NAG I . 14.61 -33.59 -38.79
H4 NAG I . 17.34 -34.32 -39.02
H5 NAG I . 15.41 -35.52 -37.30
H61 NAG I . 17.32 -36.64 -36.37
H62 NAG I . 18.14 -36.17 -37.65
H81 NAG I . 13.76 -29.11 -37.11
H82 NAG I . 12.34 -29.77 -36.86
H83 NAG I . 12.89 -29.63 -38.35
HN2 NAG I . 14.69 -32.00 -37.41
HO3 NAG I . 16.31 -31.99 -40.03
HO6 NAG I . 17.33 -37.71 -38.70
C1 NAG I . 16.43 -36.45 -40.74
C2 NAG I . 16.22 -36.90 -42.18
C3 NAG I . 17.22 -38.00 -42.54
C4 NAG I . 18.64 -37.55 -42.24
C5 NAG I . 18.75 -37.08 -40.80
C6 NAG I . 20.11 -36.49 -40.48
C7 NAG I . 14.33 -38.42 -41.77
C8 NAG I . 12.90 -38.73 -42.11
N2 NAG I . 14.86 -37.35 -42.38
O3 NAG I . 17.08 -38.33 -43.91
O4 NAG I . 19.54 -38.63 -42.45
O5 NAG I . 17.78 -36.04 -40.56
O6 NAG I . 20.18 -36.07 -39.12
O7 NAG I . 14.98 -39.08 -40.97
C1 NAG J . 4.47 -53.12 -13.51
C2 NAG J . 3.26 -52.40 -12.90
C3 NAG J . 1.97 -53.01 -13.40
C4 NAG J . 1.95 -53.04 -14.92
C5 NAG J . 3.21 -53.73 -15.46
C6 NAG J . 3.31 -53.70 -16.96
C7 NAG J . 3.81 -51.43 -10.71
C8 NAG J . 3.79 -51.64 -9.22
N2 NAG J . 3.32 -52.44 -11.44
O3 NAG J . 0.87 -52.26 -12.91
O4 NAG J . 0.79 -53.72 -15.39
O5 NAG J . 4.38 -53.08 -14.93
O6 NAG J . 4.31 -54.59 -17.44
O7 NAG J . 4.25 -50.40 -11.23
C1 NAG J . -0.40 -53.03 -15.39
C2 NAG J . -1.79 -53.67 -15.33
C3 NAG J . -2.85 -52.65 -15.75
C4 NAG J . -2.72 -51.38 -14.94
C5 NAG J . -1.29 -50.84 -15.00
C6 NAG J . -1.06 -49.65 -14.10
C7 NAG J . -1.03 -55.90 -16.03
C8 NAG J . -1.25 -57.04 -16.97
N2 NAG J . -1.85 -54.85 -16.17
O3 NAG J . -4.14 -53.22 -15.59
O4 NAG J . -3.61 -50.39 -15.44
O5 NAG J . -0.38 -51.87 -14.57
O6 NAG J . -1.72 -49.81 -12.85
O7 NAG J . -0.15 -55.92 -15.16
C1 BMA J . -4.63 -50.23 -14.52
C2 BMA J . -5.16 -48.85 -14.92
C3 BMA J . -5.77 -48.15 -13.70
C4 BMA J . -6.73 -49.08 -12.95
C5 BMA J . -6.02 -50.39 -12.60
C6 BMA J . -6.92 -51.38 -11.88
O2 BMA J . -6.20 -48.97 -15.89
O3 BMA J . -6.44 -46.96 -14.08
O4 BMA J . -7.16 -48.45 -11.75
O5 BMA J . -5.57 -51.00 -13.82
O6 BMA J . -7.64 -50.68 -10.88
C1 NAG K . 26.32 -20.72 26.57
C2 NAG K . 27.27 -21.01 27.74
C3 NAG K . 27.98 -19.73 28.21
C4 NAG K . 26.97 -18.65 28.59
C5 NAG K . 25.72 -18.77 27.76
C6 NAG K . 25.06 -17.44 27.48
C7 NAG K . 26.21 -22.94 28.82
C8 NAG K . 25.50 -23.43 30.04
N2 NAG K . 26.57 -21.65 28.83
O3 NAG K . 28.83 -19.26 27.18
O4 NAG K . 26.64 -18.76 29.97
O5 NAG K . 26.06 -19.34 26.49
O6 NAG K . 23.78 -17.60 26.88
O7 NAG K . 26.45 -23.67 27.87
H2 NAG K . 27.96 -21.62 27.41
H3 NAG K . 28.52 -19.95 29.00
H4 NAG K . 27.38 -17.77 28.44
H5 NAG K . 25.08 -19.36 28.21
H61 NAG K . 25.63 -16.92 26.88
H62 NAG K . 24.95 -16.96 28.32
H81 NAG K . 25.27 -24.37 29.93
H82 NAG K . 24.68 -22.91 30.17
H83 NAG K . 26.08 -23.32 30.82
HN2 NAG K . 26.37 -21.15 29.57
HO3 NAG K . 29.42 -18.68 27.54
HO6 NAG K . 23.86 -17.55 26.00
C1 NAG K . 26.52 -17.53 30.60
C2 NAG K . 26.10 -18.32 31.85
C3 NAG K . 26.47 -17.53 33.11
C4 NAG K . 27.93 -17.13 33.08
C5 NAG K . 28.25 -16.39 31.79
C6 NAG K . 29.71 -16.03 31.64
C7 NAG K . 24.09 -19.40 32.73
C8 NAG K . 22.61 -19.60 32.54
N2 NAG K . 24.68 -18.61 31.82
O3 NAG K . 26.21 -18.33 34.26
O4 NAG K . 28.23 -16.28 34.19
O5 NAG K . 27.91 -17.21 30.67
O6 NAG K . 29.94 -15.21 30.51
O7 NAG K . 24.71 -19.92 33.64
C1 NAG L . -3.74 -18.88 14.53
C2 NAG L . -4.31 -20.18 13.99
C3 NAG L . -5.43 -20.69 14.89
C4 NAG L . -4.96 -20.79 16.33
C5 NAG L . -4.34 -19.47 16.78
C6 NAG L . -3.72 -19.55 18.15
C7 NAG L . -4.11 -20.49 11.56
C8 NAG L . -4.74 -20.23 10.22
N2 NAG L . -4.77 -20.01 12.62
O3 NAG L . -5.88 -21.96 14.43
O4 NAG L . -6.06 -21.10 17.18
O5 NAG L . -3.30 -19.08 15.88
O6 NAG L . -2.30 -19.45 18.08
O7 NAG L . -3.06 -21.11 11.67
C1 NAG L . -5.73 -22.43 17.31
C2 NAG L . -6.09 -22.77 18.75
C3 NAG L . -5.83 -24.25 19.03
C4 NAG L . -6.53 -25.12 18.01
C5 NAG L . -6.17 -24.68 16.59
C6 NAG L . -6.93 -25.42 15.52
C7 NAG L . -5.96 -21.18 20.62
C8 NAG L . -5.04 -20.38 21.49
N2 NAG L . -5.35 -21.93 19.68
O3 NAG L . -6.28 -24.57 20.33
O4 NAG L . -6.16 -26.48 18.18
O5 NAG L . -6.46 -23.29 16.42
O6 NAG L . -8.13 -24.74 15.17
O7 NAG L . -7.17 -21.17 20.76
C1 BMA L . -7.19 -27.30 18.57
C2 BMA L . -6.70 -28.76 18.56
C3 BMA L . -7.82 -29.69 19.01
C4 BMA L . -8.50 -29.19 20.29
C5 BMA L . -8.96 -27.74 20.10
C6 BMA L . -9.62 -27.16 21.33
O2 BMA L . -5.64 -28.93 19.48
O3 BMA L . -7.35 -31.02 19.20
O4 BMA L . -9.61 -30.01 20.61
O5 BMA L . -7.81 -26.94 19.78
O6 BMA L . -10.27 -25.95 20.97
#